data_5VQM
#
_entry.id   5VQM
#
_cell.length_a   96.130
_cell.length_b   251.740
_cell.length_c   224.450
_cell.angle_alpha   90.00
_cell.angle_beta   90.00
_cell.angle_gamma   90.00
#
_symmetry.space_group_name_H-M   'C 2 2 21'
#
loop_
_entity.id
_entity.type
_entity.pdbx_description
1 polymer 'Toxin B'
2 polymer 'PA41 FAB LIGHT CHAIN'
3 polymer 'PA41 FAB HEAVY CHAIN'
4 water water
#
loop_
_entity_poly.entity_id
_entity_poly.type
_entity_poly.pdbx_seq_one_letter_code
_entity_poly.pdbx_strand_id
1 'polypeptide(L)'
;MSLVNRKQLEKMANVRFRVQEDEYVAILDALEEYHNMSENTVVEKYLKLKDINSLTDIYIDTYKKSGRNKALKKFKEYLV
TEVLELKNNNLTPVEKNLHFVWIGGQINDTAINYINQWKDVNSDYNVNVFYDSNAFLINTLKKTIVESATNDTLESFREN
LNDPRFDYNKFYRKRMEIIYDKQKNFINYYKTQREENPDLIIDDIVKIYLSNEYSKDIDELNSYIEESLNKVTENSGNDV
RNFEEFKGGESFKLYEQELVERWNLAAASDILRISALKEVGGVYLDVDMLPGIQPDLFESIEKPSSVTVDFWEMVKLEAI
MKYKEYIPGYTSEHFDMLDEEVQSSFESVLASKSDKSEIFSSLGDMEASPLEVKIAFNSKGIINQGLISVKDSYCSNLIV
KQIENRYKILNNSLNPAISEDNDFNTTTNAFIDSIMAEANADNGRFMMELGKYLRVGFFPDVKTTINLSGPEAYAAAYQD
LLMFKEGSMNIHLIEADLRNFEISKTNISQSTEQEMASLWSFDDARAKAQFEEYKKNYFEGSLGHAGLRGSHHHHHH
;
A,B
2 'polypeptide(L)'
;EIVLTQSPATLSLSPGERATLSCRASQSVGTSIHWYQQKPGQAPRLLIKFASESISGIPARFSGSGSGTDFTLTISSLEP
EDFAVYYCQQSNKWPFTFGQGTKLEIKRTVAAPSVFIFPPSDEQLKSGTASVVCLLNNFYPREAKVQWKVDNALQSGNSQ
ESVTEQDSKDSTYSLSSTLTLSKADYEKHKVYACEVTHQGLSSPVTKSFNRGEC
;
L,C
3 'polypeptide(L)'
;QVQLVQSGAEVKKPGASVKVSCKASGYPFTNYFMHWVRQAPGQRLEWIGRINPYNGATSYSLNFRDKATITLDKSASTAY
MELSSLRSEDTAVYYCARSTITSPLLDFWGQGTLVTVSSASTKGPSVFPLAPSSKSTSGGTAALGCLVKDYFPEPVTVSW
NSGALTSGVHTFPAVLQSSGLYSLSSVVTVPSSSLGTQTYICNVNHKPSNTKVDKRVEPKSC
;
H,D
#
# COMPACT_ATOMS: atom_id res chain seq x y z
N SER A 2 -35.57 24.50 25.97
CA SER A 2 -35.16 25.88 26.21
C SER A 2 -34.44 25.99 27.55
N LEU A 3 -33.80 27.14 27.78
CA LEU A 3 -33.06 27.34 29.01
C LEU A 3 -34.00 27.53 30.20
N VAL A 4 -33.51 27.19 31.38
CA VAL A 4 -34.29 27.36 32.60
C VAL A 4 -34.57 28.83 32.83
N ASN A 5 -35.76 29.13 33.36
CA ASN A 5 -36.18 30.53 33.52
C ASN A 5 -35.72 31.06 34.88
N ARG A 6 -35.97 32.36 35.10
CA ARG A 6 -35.51 33.01 36.33
C ARG A 6 -36.13 32.35 37.56
N LYS A 7 -37.45 32.20 37.57
CA LYS A 7 -38.11 31.63 38.74
C LYS A 7 -37.62 30.22 39.02
N GLN A 8 -37.36 29.44 37.97
CA GLN A 8 -36.84 28.08 38.18
C GLN A 8 -35.44 28.11 38.78
N LEU A 9 -34.57 28.98 38.28
CA LEU A 9 -33.23 29.10 38.87
C LEU A 9 -33.29 29.63 40.30
N GLU A 10 -34.26 30.50 40.60
CA GLU A 10 -34.45 30.94 41.98
C GLU A 10 -34.80 29.76 42.88
N LYS A 11 -35.70 28.90 42.43
CA LYS A 11 -36.02 27.69 43.18
C LYS A 11 -34.86 26.71 43.18
N MET A 12 -34.04 26.74 42.13
CA MET A 12 -32.93 25.80 42.02
C MET A 12 -31.85 26.10 43.05
N ALA A 13 -31.51 27.37 43.24
CA ALA A 13 -30.45 27.76 44.16
C ALA A 13 -31.00 28.39 45.43
N ASN A 14 -32.26 28.13 45.76
CA ASN A 14 -32.86 28.70 46.96
C ASN A 14 -32.17 28.13 48.20
N VAL A 15 -31.60 29.02 49.01
CA VAL A 15 -30.94 28.65 50.26
C VAL A 15 -31.55 29.51 51.35
N ARG A 16 -32.29 28.89 52.26
CA ARG A 16 -32.92 29.63 53.35
C ARG A 16 -31.86 30.26 54.26
N PHE A 17 -32.25 31.34 54.92
CA PHE A 17 -31.40 32.00 55.91
C PHE A 17 -30.06 32.42 55.31
N ARG A 18 -30.10 32.90 54.06
CA ARG A 18 -28.94 33.45 53.39
C ARG A 18 -29.36 34.73 52.68
N VAL A 19 -28.45 35.71 52.68
CA VAL A 19 -28.77 37.02 52.11
C VAL A 19 -28.72 36.93 50.59
N GLN A 20 -29.56 37.73 49.93
CA GLN A 20 -29.55 37.84 48.48
C GLN A 20 -28.34 38.67 48.08
N GLU A 21 -27.29 38.01 47.60
CA GLU A 21 -26.06 38.69 47.25
C GLU A 21 -26.22 39.49 45.96
N ASP A 22 -25.46 40.58 45.86
CA ASP A 22 -25.44 41.35 44.62
C ASP A 22 -25.03 40.47 43.45
N GLU A 23 -24.00 39.65 43.63
CA GLU A 23 -23.56 38.77 42.55
C GLU A 23 -24.64 37.77 42.17
N TYR A 24 -25.50 37.41 43.13
CA TYR A 24 -26.57 36.46 42.83
C TYR A 24 -27.68 37.12 42.02
N VAL A 25 -28.19 38.27 42.50
CA VAL A 25 -29.22 38.98 41.77
C VAL A 25 -28.74 39.33 40.37
N ALA A 26 -27.43 39.59 40.22
CA ALA A 26 -26.88 39.85 38.90
C ALA A 26 -27.12 38.68 37.95
N ILE A 27 -26.99 37.46 38.46
CA ILE A 27 -27.27 36.29 37.63
C ILE A 27 -28.74 36.25 37.25
N LEU A 28 -29.63 36.49 38.21
CA LEU A 28 -31.06 36.42 37.94
C LEU A 28 -31.49 37.54 37.00
N ASP A 29 -30.93 38.74 37.16
CA ASP A 29 -31.24 39.84 36.25
C ASP A 29 -30.83 39.50 34.83
N ALA A 30 -29.65 38.90 34.65
CA ALA A 30 -29.17 38.58 33.31
C ALA A 30 -29.99 37.48 32.67
N LEU A 31 -30.42 36.48 33.45
CA LEU A 31 -31.21 35.40 32.89
C LEU A 31 -32.62 35.86 32.54
N GLU A 32 -33.23 36.67 33.39
CA GLU A 32 -34.57 37.16 33.11
C GLU A 32 -34.60 37.97 31.83
N GLU A 33 -33.63 38.87 31.66
CA GLU A 33 -33.58 39.69 30.45
C GLU A 33 -33.09 38.89 29.25
N TYR A 34 -32.47 37.73 29.47
CA TYR A 34 -32.14 36.85 28.35
C TYR A 34 -33.40 36.28 27.71
N HIS A 35 -34.39 35.90 28.52
CA HIS A 35 -35.62 35.32 28.01
C HIS A 35 -36.56 36.36 27.40
N ASN A 36 -36.14 37.62 27.34
CA ASN A 36 -36.86 38.65 26.60
C ASN A 36 -36.20 38.99 25.28
N MET A 37 -35.06 38.37 24.96
CA MET A 37 -34.35 38.60 23.71
C MET A 37 -34.85 37.69 22.59
N SER A 38 -36.13 37.33 22.58
CA SER A 38 -36.65 36.43 21.57
C SER A 38 -36.48 36.97 20.16
N GLU A 39 -36.23 38.28 20.02
CA GLU A 39 -36.12 38.90 18.71
C GLU A 39 -34.69 39.25 18.31
N ASN A 40 -33.73 39.12 19.23
CA ASN A 40 -32.35 39.47 18.93
C ASN A 40 -31.72 38.41 18.04
N THR A 41 -30.50 38.69 17.58
CA THR A 41 -29.78 37.77 16.72
C THR A 41 -29.18 36.63 17.54
N VAL A 42 -28.67 35.61 16.83
CA VAL A 42 -28.08 34.47 17.50
C VAL A 42 -26.86 34.91 18.29
N VAL A 43 -26.02 35.76 17.71
CA VAL A 43 -24.80 36.21 18.38
C VAL A 43 -25.15 36.95 19.66
N GLU A 44 -26.07 37.90 19.57
CA GLU A 44 -26.48 38.65 20.75
C GLU A 44 -26.99 37.73 21.85
N LYS A 45 -27.71 36.67 21.47
CA LYS A 45 -28.17 35.70 22.46
C LYS A 45 -27.00 34.99 23.13
N TYR A 46 -25.95 34.68 22.36
CA TYR A 46 -24.78 34.03 22.96
C TYR A 46 -24.00 34.99 23.84
N LEU A 47 -23.81 36.23 23.38
CA LEU A 47 -23.10 37.22 24.18
C LEU A 47 -23.78 37.43 25.53
N LYS A 48 -25.09 37.18 25.60
CA LYS A 48 -25.81 37.26 26.88
C LYS A 48 -25.50 36.05 27.74
N LEU A 49 -25.62 34.84 27.19
CA LEU A 49 -25.27 33.64 27.93
C LEU A 49 -23.82 33.69 28.39
N LYS A 50 -22.95 34.37 27.63
CA LYS A 50 -21.57 34.56 28.07
C LYS A 50 -21.52 35.36 29.37
N ASP A 51 -22.25 36.48 29.41
CA ASP A 51 -22.27 37.29 30.63
C ASP A 51 -22.86 36.51 31.80
N ILE A 52 -23.97 35.80 31.56
CA ILE A 52 -24.57 35.00 32.63
C ILE A 52 -23.53 34.06 33.22
N ASN A 53 -22.78 33.37 32.37
CA ASN A 53 -21.74 32.48 32.85
C ASN A 53 -20.64 33.26 33.57
N SER A 54 -20.26 34.41 33.03
CA SER A 54 -19.26 35.25 33.69
C SER A 54 -19.71 35.59 35.10
N LEU A 55 -20.97 36.04 35.26
CA LEU A 55 -21.46 36.40 36.58
C LEU A 55 -21.52 35.19 37.50
N THR A 56 -21.92 34.03 36.96
CA THR A 56 -21.98 32.82 37.77
C THR A 56 -20.59 32.42 38.24
N ASP A 57 -19.59 32.47 37.36
CA ASP A 57 -18.22 32.21 37.77
C ASP A 57 -17.79 33.19 38.84
N ILE A 58 -18.21 34.45 38.75
CA ILE A 58 -17.87 35.44 39.75
C ILE A 58 -18.46 35.03 41.10
N TYR A 59 -19.76 34.74 41.14
CA TYR A 59 -20.40 34.37 42.40
C TYR A 59 -19.68 33.19 43.05
N ILE A 60 -19.44 32.12 42.28
CA ILE A 60 -18.83 30.92 42.84
C ILE A 60 -17.44 31.24 43.39
N ASP A 61 -16.69 32.11 42.70
CA ASP A 61 -15.36 32.46 43.18
C ASP A 61 -15.43 33.39 44.39
N THR A 62 -16.51 34.15 44.53
CA THR A 62 -16.63 35.07 45.66
C THR A 62 -17.10 34.34 46.92
N TYR A 63 -18.09 33.45 46.78
CA TYR A 63 -18.66 32.71 47.90
C TYR A 63 -18.34 31.23 47.69
N LYS A 64 -17.13 30.82 48.09
CA LYS A 64 -16.66 29.49 47.77
C LYS A 64 -17.41 28.41 48.55
N LYS A 65 -17.83 28.69 49.77
CA LYS A 65 -18.56 27.74 50.60
C LYS A 65 -20.07 27.92 50.50
N SER A 66 -20.56 28.67 49.53
CA SER A 66 -21.98 28.96 49.45
C SER A 66 -22.78 27.70 49.12
N GLY A 67 -23.97 27.61 49.70
CA GLY A 67 -24.88 26.52 49.40
C GLY A 67 -25.56 26.62 48.05
N ARG A 68 -25.37 27.74 47.34
CA ARG A 68 -25.90 27.90 45.99
C ARG A 68 -24.97 27.31 44.92
N ASN A 69 -23.76 26.92 45.28
CA ASN A 69 -22.76 26.56 44.29
C ASN A 69 -23.19 25.33 43.48
N LYS A 70 -23.64 24.28 44.17
CA LYS A 70 -24.06 23.07 43.46
C LYS A 70 -25.11 23.41 42.40
N ALA A 71 -26.13 24.19 42.78
CA ALA A 71 -27.17 24.55 41.82
C ALA A 71 -26.60 25.40 40.70
N LEU A 72 -25.65 26.29 41.01
CA LEU A 72 -25.08 27.16 39.98
C LEU A 72 -24.07 26.42 39.11
N LYS A 73 -23.37 25.43 39.66
CA LYS A 73 -22.51 24.61 38.83
C LYS A 73 -23.34 23.76 37.87
N LYS A 74 -24.50 23.29 38.33
CA LYS A 74 -25.43 22.60 37.44
C LYS A 74 -26.04 23.58 36.44
N PHE A 75 -26.33 24.81 36.90
CA PHE A 75 -26.85 25.83 36.00
C PHE A 75 -25.85 26.16 34.89
N LYS A 76 -24.55 26.10 35.18
CA LYS A 76 -23.54 26.30 34.16
C LYS A 76 -23.71 25.30 33.03
N GLU A 77 -23.90 24.03 33.37
CA GLU A 77 -24.11 23.00 32.35
C GLU A 77 -25.32 23.33 31.49
N TYR A 78 -26.39 23.84 32.10
CA TYR A 78 -27.56 24.24 31.33
C TYR A 78 -27.20 25.30 30.29
N LEU A 79 -26.28 26.21 30.64
CA LEU A 79 -25.88 27.25 29.69
C LEU A 79 -25.16 26.65 28.49
N VAL A 80 -24.27 25.69 28.71
CA VAL A 80 -23.60 25.03 27.60
C VAL A 80 -24.62 24.30 26.73
N THR A 81 -25.58 23.63 27.37
CA THR A 81 -26.65 22.97 26.61
C THR A 81 -27.41 23.98 25.76
N GLU A 82 -27.66 25.17 26.31
CA GLU A 82 -28.43 26.18 25.59
C GLU A 82 -27.66 26.68 24.37
N VAL A 83 -26.35 26.88 24.50
CA VAL A 83 -25.55 27.30 23.36
C VAL A 83 -25.68 26.29 22.21
N LEU A 84 -25.55 25.00 22.53
CA LEU A 84 -25.62 23.98 21.49
C LEU A 84 -27.02 23.93 20.87
N GLU A 85 -28.07 24.07 21.68
CA GLU A 85 -29.41 24.15 21.13
C GLU A 85 -29.59 25.42 20.29
N LEU A 86 -29.08 26.54 20.79
CA LEU A 86 -29.09 27.77 20.00
C LEU A 86 -28.31 27.59 18.70
N LYS A 87 -27.34 26.67 18.69
CA LYS A 87 -26.57 26.40 17.48
C LYS A 87 -27.35 25.50 16.52
N ASN A 88 -27.91 24.41 17.03
CA ASN A 88 -28.55 23.40 16.19
C ASN A 88 -30.02 23.73 15.88
N ASN A 89 -30.50 24.91 16.25
CA ASN A 89 -31.88 25.29 16.01
C ASN A 89 -32.04 26.59 15.23
N ASN A 90 -31.02 27.44 15.18
CA ASN A 90 -31.07 28.70 14.44
C ASN A 90 -30.01 28.63 13.35
N LEU A 91 -30.43 28.25 12.15
CA LEU A 91 -29.52 28.00 11.04
C LEU A 91 -29.82 28.95 9.90
N THR A 92 -28.76 29.47 9.27
CA THR A 92 -28.85 30.35 8.13
C THR A 92 -28.18 29.71 6.93
N PRO A 93 -28.56 30.07 5.71
CA PRO A 93 -27.95 29.45 4.53
C PRO A 93 -26.47 29.76 4.44
N VAL A 94 -25.70 28.78 3.97
CA VAL A 94 -24.26 28.92 3.82
C VAL A 94 -23.97 29.55 2.46
N GLU A 95 -23.04 30.51 2.44
CA GLU A 95 -22.65 31.16 1.19
C GLU A 95 -22.05 30.14 0.23
N LYS A 96 -22.74 29.86 -0.87
CA LYS A 96 -22.33 28.80 -1.80
C LYS A 96 -21.03 29.19 -2.49
N ASN A 97 -19.92 28.92 -1.81
CA ASN A 97 -18.58 29.21 -2.32
C ASN A 97 -17.64 28.10 -1.90
N LEU A 98 -16.94 27.51 -2.87
CA LEU A 98 -15.88 26.56 -2.62
C LEU A 98 -14.54 27.28 -2.70
N HIS A 99 -13.80 27.28 -1.60
CA HIS A 99 -12.52 27.99 -1.50
C HIS A 99 -11.38 26.98 -1.54
N PHE A 100 -10.53 27.10 -2.55
CA PHE A 100 -9.28 26.35 -2.63
C PHE A 100 -8.11 27.33 -2.54
N VAL A 101 -6.93 26.80 -2.23
CA VAL A 101 -5.74 27.63 -2.05
C VAL A 101 -4.56 26.95 -2.72
N TRP A 102 -3.85 27.70 -3.57
CA TRP A 102 -2.56 27.27 -4.09
C TRP A 102 -1.73 28.53 -4.28
N ILE A 103 -0.77 28.75 -3.37
CA ILE A 103 0.02 29.97 -3.33
C ILE A 103 1.49 29.62 -3.32
N GLY A 104 2.30 30.50 -3.89
CA GLY A 104 3.73 30.35 -3.89
C GLY A 104 4.31 29.51 -5.01
N GLY A 105 3.49 29.12 -5.99
CA GLY A 105 4.00 28.33 -7.09
C GLY A 105 2.89 28.01 -8.07
N GLN A 106 3.29 27.32 -9.15
CA GLN A 106 2.33 26.95 -10.18
C GLN A 106 1.38 25.88 -9.66
N ILE A 107 0.10 26.03 -9.99
CA ILE A 107 -0.90 25.04 -9.61
C ILE A 107 -0.63 23.73 -10.33
N ASN A 108 -0.76 22.63 -9.61
CA ASN A 108 -0.47 21.32 -10.15
C ASN A 108 -1.66 20.78 -10.95
N ASP A 109 -1.37 19.93 -11.94
CA ASP A 109 -2.43 19.30 -12.71
C ASP A 109 -3.30 18.44 -11.81
N THR A 110 -2.71 17.79 -10.81
CA THR A 110 -3.48 16.96 -9.89
C THR A 110 -4.52 17.79 -9.16
N ALA A 111 -4.13 18.96 -8.65
CA ALA A 111 -5.07 19.81 -7.93
C ALA A 111 -6.23 20.24 -8.83
N ILE A 112 -5.93 20.60 -10.07
CA ILE A 112 -6.98 21.04 -11.00
C ILE A 112 -7.97 19.91 -11.24
N ASN A 113 -7.46 18.69 -11.37
CA ASN A 113 -8.35 17.55 -11.61
C ASN A 113 -9.32 17.36 -10.45
N TYR A 114 -8.79 17.34 -9.23
CA TYR A 114 -9.65 17.22 -8.05
C TYR A 114 -10.68 18.34 -8.01
N ILE A 115 -10.25 19.58 -8.26
CA ILE A 115 -11.16 20.72 -8.20
C ILE A 115 -12.31 20.54 -9.19
N ASN A 116 -11.99 20.13 -10.42
CA ASN A 116 -13.03 19.96 -11.43
C ASN A 116 -14.08 18.95 -10.98
N GLN A 117 -13.69 17.97 -10.17
CA GLN A 117 -14.66 17.00 -9.66
C GLN A 117 -15.71 17.69 -8.80
N TRP A 118 -15.31 18.71 -8.04
CA TRP A 118 -16.27 19.49 -7.27
C TRP A 118 -17.14 20.35 -8.17
N LYS A 119 -16.55 20.93 -9.21
CA LYS A 119 -17.32 21.76 -10.14
C LYS A 119 -18.39 20.94 -10.84
N ASP A 120 -18.05 19.72 -11.26
CA ASP A 120 -18.98 18.93 -12.06
C ASP A 120 -20.26 18.61 -11.28
N VAL A 121 -20.19 18.53 -9.96
CA VAL A 121 -21.33 18.17 -9.14
C VAL A 121 -21.82 19.34 -8.28
N ASN A 122 -21.30 20.53 -8.50
CA ASN A 122 -21.75 21.73 -7.79
C ASN A 122 -21.70 22.93 -8.73
N SER A 123 -22.49 22.85 -9.82
CA SER A 123 -22.54 23.94 -10.77
C SER A 123 -23.13 25.21 -10.18
N ASP A 124 -23.85 25.11 -9.06
CA ASP A 124 -24.41 26.27 -8.39
C ASP A 124 -23.43 26.94 -7.43
N TYR A 125 -22.26 26.35 -7.22
CA TYR A 125 -21.25 26.91 -6.33
C TYR A 125 -20.20 27.66 -7.13
N ASN A 126 -19.82 28.83 -6.63
CA ASN A 126 -18.73 29.60 -7.22
C ASN A 126 -17.41 29.16 -6.61
N VAL A 127 -16.46 28.82 -7.46
CA VAL A 127 -15.16 28.34 -7.01
C VAL A 127 -14.19 29.50 -6.95
N ASN A 128 -13.30 29.45 -5.96
CA ASN A 128 -12.24 30.44 -5.81
C ASN A 128 -10.94 29.71 -5.49
N VAL A 129 -10.01 29.70 -6.42
CA VAL A 129 -8.68 29.14 -6.21
C VAL A 129 -7.77 30.31 -5.87
N PHE A 130 -7.49 30.48 -4.57
CA PHE A 130 -6.74 31.65 -4.12
C PHE A 130 -5.27 31.50 -4.47
N TYR A 131 -4.73 32.48 -5.19
CA TYR A 131 -3.32 32.54 -5.52
C TYR A 131 -2.80 33.93 -5.18
N ASP A 132 -1.47 34.06 -5.14
CA ASP A 132 -0.81 35.32 -4.87
C ASP A 132 -0.07 35.75 -6.14
N SER A 133 -0.56 36.82 -6.77
CA SER A 133 0.05 37.29 -8.01
C SER A 133 1.44 37.87 -7.79
N ASN A 134 1.79 38.18 -6.54
CA ASN A 134 3.09 38.77 -6.24
C ASN A 134 4.13 37.74 -5.82
N ALA A 135 3.75 36.47 -5.61
CA ALA A 135 4.67 35.46 -5.06
C ALA A 135 4.38 34.11 -5.72
N PHE A 136 4.95 33.92 -6.92
CA PHE A 136 4.94 32.62 -7.59
C PHE A 136 6.26 31.88 -7.47
N LEU A 137 7.30 32.53 -6.93
CA LEU A 137 8.65 31.98 -6.91
C LEU A 137 9.07 31.49 -5.53
N ILE A 138 8.21 31.60 -4.52
CA ILE A 138 8.59 31.17 -3.17
C ILE A 138 8.98 29.69 -3.17
N ASN A 139 8.26 28.87 -3.93
CA ASN A 139 8.57 27.45 -3.97
C ASN A 139 9.95 27.19 -4.56
N THR A 140 10.22 27.75 -5.74
CA THR A 140 11.53 27.57 -6.36
C THR A 140 12.63 28.16 -5.47
N LEU A 141 12.35 29.28 -4.80
CA LEU A 141 13.32 29.85 -3.88
C LEU A 141 13.63 28.87 -2.75
N LYS A 142 12.58 28.38 -2.08
CA LYS A 142 12.78 27.40 -1.01
C LYS A 142 13.51 26.16 -1.52
N LYS A 143 13.21 25.74 -2.75
CA LYS A 143 13.89 24.58 -3.31
C LYS A 143 15.33 24.92 -3.70
N THR A 144 15.56 26.14 -4.19
CA THR A 144 16.90 26.53 -4.60
C THR A 144 17.86 26.58 -3.42
N ILE A 145 17.37 27.07 -2.27
CA ILE A 145 18.26 27.23 -1.11
C ILE A 145 18.47 25.90 -0.40
N VAL A 146 17.41 25.10 -0.24
CA VAL A 146 17.55 23.81 0.42
C VAL A 146 18.44 22.88 -0.42
N GLU A 147 18.33 22.97 -1.75
CA GLU A 147 19.17 22.14 -2.60
C GLU A 147 20.63 22.60 -2.53
N SER A 148 20.87 23.91 -2.59
CA SER A 148 22.23 24.41 -2.44
C SER A 148 22.76 24.14 -1.03
N ALA A 149 21.88 24.22 -0.03
CA ALA A 149 22.28 23.90 1.34
C ALA A 149 22.60 22.42 1.49
N THR A 150 21.98 21.57 0.68
CA THR A 150 22.30 20.14 0.72
C THR A 150 23.70 19.88 0.17
N ASN A 151 24.01 20.45 -1.00
CA ASN A 151 25.33 20.24 -1.59
C ASN A 151 26.43 20.78 -0.70
N ASP A 152 26.20 21.91 -0.04
CA ASP A 152 27.20 22.46 0.86
C ASP A 152 27.42 21.54 2.05
N THR A 153 26.36 20.90 2.54
CA THR A 153 26.51 19.94 3.63
C THR A 153 27.20 18.67 3.16
N LEU A 154 27.02 18.30 1.89
CA LEU A 154 27.69 17.12 1.34
C LEU A 154 29.16 17.39 1.03
N GLU A 155 29.50 18.63 0.65
CA GLU A 155 30.90 18.98 0.48
C GLU A 155 31.67 18.71 1.77
N SER A 156 31.17 19.22 2.89
CA SER A 156 31.64 18.75 4.18
C SER A 156 31.14 17.31 4.40
N PHE A 157 31.85 16.58 5.24
CA PHE A 157 31.55 15.18 5.50
C PHE A 157 31.65 14.33 4.23
N ARG A 158 32.30 14.87 3.19
CA ARG A 158 32.45 14.14 1.93
C ARG A 158 33.28 12.89 2.09
N GLU A 159 34.12 12.81 3.11
CA GLU A 159 34.98 11.66 3.32
C GLU A 159 34.27 10.53 4.05
N ASN A 160 33.22 10.83 4.82
CA ASN A 160 32.54 9.82 5.63
C ASN A 160 31.08 9.64 5.25
N LEU A 161 30.63 10.20 4.13
CA LEU A 161 29.24 10.00 3.71
C LEU A 161 29.00 8.62 3.11
N ASN A 162 30.04 7.96 2.62
CA ASN A 162 29.90 6.64 2.01
C ASN A 162 29.95 5.52 3.04
N ASP A 163 30.07 5.84 4.32
CA ASP A 163 30.13 4.87 5.40
C ASP A 163 29.30 5.39 6.55
N PRO A 164 28.92 4.52 7.50
CA PRO A 164 28.13 4.99 8.66
C PRO A 164 28.89 6.06 9.44
N ARG A 165 28.31 6.50 10.56
CA ARG A 165 28.81 7.59 11.40
C ARG A 165 28.36 8.95 10.86
N PHE A 166 27.44 8.98 9.89
CA PHE A 166 26.89 10.21 9.36
C PHE A 166 25.40 9.98 9.06
N ASP A 167 24.66 9.56 10.09
CA ASP A 167 23.27 9.19 9.90
C ASP A 167 22.44 10.40 9.45
N TYR A 168 21.18 10.12 9.10
CA TYR A 168 20.28 11.17 8.65
C TYR A 168 20.00 12.20 9.73
N ASN A 169 20.22 11.85 11.00
CA ASN A 169 19.99 12.82 12.08
C ASN A 169 21.05 13.91 12.08
N LYS A 170 22.32 13.53 11.95
CA LYS A 170 23.40 14.51 11.93
C LYS A 170 23.46 15.27 10.62
N PHE A 171 22.91 14.71 9.54
CA PHE A 171 22.93 15.40 8.25
C PHE A 171 21.94 16.57 8.24
N TYR A 172 20.70 16.33 8.65
CA TYR A 172 19.70 17.39 8.65
C TYR A 172 20.07 18.51 9.62
N ARG A 173 20.75 18.18 10.72
CA ARG A 173 21.17 19.21 11.66
C ARG A 173 22.20 20.13 11.02
N LYS A 174 23.27 19.56 10.46
CA LYS A 174 24.31 20.37 9.86
C LYS A 174 23.79 21.13 8.64
N ARG A 175 22.78 20.61 7.97
CA ARG A 175 22.22 21.30 6.82
C ARG A 175 21.33 22.48 7.23
N MET A 176 20.65 22.37 8.37
CA MET A 176 19.74 23.43 8.77
C MET A 176 20.47 24.72 9.12
N GLU A 177 21.60 24.59 9.83
CA GLU A 177 22.37 25.78 10.17
C GLU A 177 22.83 26.53 8.93
N ILE A 178 23.00 25.82 7.82
CA ILE A 178 23.31 26.47 6.55
C ILE A 178 22.06 27.11 5.96
N ILE A 179 20.94 26.39 5.98
CA ILE A 179 19.68 26.95 5.49
C ILE A 179 19.32 28.22 6.25
N TYR A 180 19.57 28.23 7.56
CA TYR A 180 19.23 29.39 8.36
C TYR A 180 20.04 30.61 7.93
N ASP A 181 21.31 30.42 7.60
CA ASP A 181 22.14 31.54 7.14
C ASP A 181 21.67 32.02 5.77
N LYS A 182 21.41 31.09 4.84
CA LYS A 182 20.90 31.47 3.53
C LYS A 182 19.49 32.04 3.64
N GLN A 183 18.69 31.52 4.57
CA GLN A 183 17.35 32.05 4.78
C GLN A 183 17.42 33.42 5.46
N LYS A 184 18.27 33.55 6.47
CA LYS A 184 18.46 34.85 7.12
C LYS A 184 18.99 35.89 6.15
N ASN A 185 19.77 35.47 5.15
CA ASN A 185 20.34 36.43 4.21
C ASN A 185 19.27 36.97 3.26
N PHE A 186 18.36 36.11 2.79
CA PHE A 186 17.30 36.57 1.89
C PHE A 186 16.38 37.56 2.58
N ILE A 187 16.02 37.29 3.84
CA ILE A 187 15.11 38.16 4.56
C ILE A 187 15.70 39.55 4.71
N ASN A 188 17.02 39.63 4.96
CA ASN A 188 17.67 40.93 5.04
C ASN A 188 17.60 41.67 3.71
N TYR A 189 17.94 40.97 2.61
CA TYR A 189 17.83 41.58 1.29
C TYR A 189 16.39 41.98 1.00
N TYR A 190 15.43 41.13 1.36
CA TYR A 190 14.02 41.46 1.15
C TYR A 190 13.63 42.70 1.95
N LYS A 191 13.96 42.73 3.23
CA LYS A 191 13.59 43.86 4.08
C LYS A 191 14.25 45.14 3.60
N THR A 192 15.50 45.06 3.14
CA THR A 192 16.20 46.25 2.67
C THR A 192 15.65 46.72 1.33
N GLN A 193 15.18 45.80 0.49
CA GLN A 193 14.65 46.20 -0.81
C GLN A 193 13.28 46.86 -0.68
N ARG A 194 12.52 46.53 0.37
CA ARG A 194 11.20 47.12 0.53
C ARG A 194 11.27 48.57 1.00
N GLU A 195 12.20 48.89 1.91
CA GLU A 195 12.33 50.26 2.38
C GLU A 195 13.00 51.14 1.33
N GLU A 196 13.80 50.55 0.45
CA GLU A 196 14.47 51.33 -0.60
C GLU A 196 13.54 51.55 -1.80
N ASN A 197 12.76 50.53 -2.16
CA ASN A 197 11.82 50.62 -3.28
C ASN A 197 10.54 49.91 -2.88
N PRO A 198 9.58 50.64 -2.28
CA PRO A 198 8.34 49.99 -1.83
C PRO A 198 7.43 49.54 -2.97
N ASP A 199 7.72 49.92 -4.21
CA ASP A 199 6.88 49.53 -5.33
C ASP A 199 7.18 48.14 -5.85
N LEU A 200 8.20 47.47 -5.33
CA LEU A 200 8.54 46.13 -5.79
C LEU A 200 7.64 45.10 -5.12
N ILE A 201 7.36 44.03 -5.86
CA ILE A 201 6.61 42.91 -5.34
C ILE A 201 7.59 41.80 -4.97
N ILE A 202 7.07 40.74 -4.35
CA ILE A 202 7.94 39.65 -3.90
C ILE A 202 8.64 39.01 -5.09
N ASP A 203 7.89 38.70 -6.14
CA ASP A 203 8.48 38.05 -7.31
C ASP A 203 9.62 38.87 -7.90
N ASP A 204 9.55 40.19 -7.80
CA ASP A 204 10.63 41.03 -8.31
C ASP A 204 11.89 40.88 -7.46
N ILE A 205 11.72 40.75 -6.14
CA ILE A 205 12.87 40.58 -5.26
C ILE A 205 13.44 39.18 -5.40
N VAL A 206 12.58 38.17 -5.58
CA VAL A 206 13.04 36.79 -5.62
C VAL A 206 13.79 36.52 -6.91
N LYS A 207 13.23 36.94 -8.06
CA LYS A 207 13.84 36.59 -9.34
C LYS A 207 15.18 37.30 -9.54
N ILE A 208 15.38 38.46 -8.90
CA ILE A 208 16.68 39.11 -8.95
C ILE A 208 17.61 38.51 -7.90
N TYR A 209 17.07 38.05 -6.77
CA TYR A 209 17.90 37.38 -5.77
C TYR A 209 18.42 36.04 -6.28
N LEU A 210 17.63 35.33 -7.10
CA LEU A 210 18.08 34.05 -7.64
C LEU A 210 19.04 34.23 -8.80
N SER A 211 18.96 35.36 -9.51
CA SER A 211 19.83 35.60 -10.65
C SER A 211 21.25 35.97 -10.24
N ASN A 212 21.48 36.32 -8.98
CA ASN A 212 22.79 36.73 -8.50
C ASN A 212 23.46 35.71 -7.60
N GLU A 213 22.73 35.11 -6.66
CA GLU A 213 23.31 34.20 -5.69
C GLU A 213 23.32 32.75 -6.15
N TYR A 214 22.52 32.40 -7.17
CA TYR A 214 22.45 31.01 -7.61
C TYR A 214 22.44 30.88 -9.13
N SER A 215 22.64 31.97 -9.87
CA SER A 215 22.82 31.92 -11.33
C SER A 215 21.60 31.36 -12.03
N LYS A 216 20.43 31.88 -11.66
CA LYS A 216 19.18 31.53 -12.33
C LYS A 216 18.90 32.50 -13.47
N ASP A 217 18.29 31.98 -14.53
CA ASP A 217 17.97 32.78 -15.71
C ASP A 217 16.63 33.47 -15.49
N ILE A 218 16.63 34.80 -15.53
CA ILE A 218 15.41 35.55 -15.29
C ILE A 218 14.41 35.33 -16.41
N ASP A 219 14.88 35.29 -17.66
CA ASP A 219 13.98 35.01 -18.78
C ASP A 219 13.23 33.70 -18.56
N GLU A 220 13.86 32.73 -17.90
CA GLU A 220 13.18 31.49 -17.55
C GLU A 220 12.25 31.68 -16.36
N LEU A 221 12.56 32.61 -15.46
CA LEU A 221 11.70 32.87 -14.31
C LEU A 221 10.48 33.70 -14.70
N ASN A 222 10.67 34.70 -15.57
CA ASN A 222 9.53 35.47 -16.05
C ASN A 222 8.54 34.57 -16.80
N SER A 223 9.05 33.68 -17.64
CA SER A 223 8.18 32.75 -18.35
C SER A 223 7.49 31.78 -17.38
N TYR A 224 8.11 31.51 -16.24
CA TYR A 224 7.47 30.66 -15.24
C TYR A 224 6.35 31.39 -14.52
N ILE A 225 6.50 32.70 -14.32
CA ILE A 225 5.43 33.49 -13.71
C ILE A 225 4.27 33.64 -14.69
N GLU A 226 4.58 34.02 -15.93
CA GLU A 226 3.53 34.14 -16.95
C GLU A 226 2.78 32.82 -17.11
N GLU A 227 3.48 31.70 -16.98
CA GLU A 227 2.84 30.39 -17.11
C GLU A 227 2.01 30.06 -15.88
N SER A 228 2.50 30.41 -14.69
CA SER A 228 1.76 30.11 -13.47
C SER A 228 0.53 31.00 -13.33
N LEU A 229 0.63 32.26 -13.74
CA LEU A 229 -0.51 33.16 -13.67
C LEU A 229 -1.60 32.73 -14.65
N ASN A 230 -1.22 32.44 -15.90
CA ASN A 230 -2.21 32.03 -16.90
C ASN A 230 -2.92 30.75 -16.48
N LYS A 231 -2.18 29.80 -15.90
CA LYS A 231 -2.77 28.49 -15.63
C LYS A 231 -3.81 28.57 -14.52
N VAL A 232 -3.58 29.40 -13.51
CA VAL A 232 -4.52 29.48 -12.39
C VAL A 232 -5.67 30.41 -12.70
N THR A 233 -5.47 31.42 -13.55
CA THR A 233 -6.57 32.32 -13.90
C THR A 233 -7.62 31.60 -14.74
N GLU A 234 -7.23 30.56 -15.47
CA GLU A 234 -8.19 29.76 -16.22
C GLU A 234 -9.01 28.84 -15.33
N ASN A 235 -8.63 28.69 -14.06
CA ASN A 235 -9.32 27.77 -13.16
C ASN A 235 -9.85 28.50 -11.93
N SER A 236 -10.72 29.49 -12.15
CA SER A 236 -11.40 30.19 -11.07
C SER A 236 -10.40 30.82 -10.10
N GLY A 237 -9.33 31.38 -10.65
CA GLY A 237 -8.30 31.99 -9.81
C GLY A 237 -8.81 33.27 -9.16
N ASN A 238 -8.42 33.45 -7.90
CA ASN A 238 -8.79 34.64 -7.13
C ASN A 238 -7.54 35.17 -6.45
N ASP A 239 -7.13 36.38 -6.83
CA ASP A 239 -5.87 36.94 -6.36
C ASP A 239 -6.02 37.47 -4.93
N VAL A 240 -5.11 37.05 -4.05
CA VAL A 240 -5.12 37.52 -2.67
C VAL A 240 -4.86 39.02 -2.62
N ARG A 241 -4.04 39.54 -3.53
CA ARG A 241 -3.76 40.97 -3.55
C ARG A 241 -5.00 41.80 -3.85
N ASN A 242 -6.07 41.18 -4.35
CA ASN A 242 -7.35 41.84 -4.51
C ASN A 242 -8.30 41.57 -3.36
N PHE A 243 -7.87 40.81 -2.36
CA PHE A 243 -8.66 40.55 -1.15
C PHE A 243 -8.39 41.70 -0.19
N GLU A 244 -9.16 42.77 -0.32
CA GLU A 244 -8.88 43.99 0.42
C GLU A 244 -9.09 43.80 1.92
N GLU A 245 -10.19 43.15 2.30
CA GLU A 245 -10.46 42.95 3.74
C GLU A 245 -9.32 42.19 4.41
N PHE A 246 -8.81 41.14 3.76
CA PHE A 246 -7.73 40.36 4.35
C PHE A 246 -6.42 41.15 4.33
N LYS A 247 -6.18 41.92 3.25
CA LYS A 247 -4.92 42.62 3.09
C LYS A 247 -4.79 43.81 4.04
N GLY A 248 -5.89 44.30 4.61
CA GLY A 248 -5.86 45.43 5.51
C GLY A 248 -5.91 45.05 6.97
N GLY A 249 -6.37 43.83 7.26
CA GLY A 249 -6.46 43.38 8.63
C GLY A 249 -5.10 43.09 9.23
N GLU A 250 -5.11 42.91 10.55
CA GLU A 250 -3.88 42.66 11.31
C GLU A 250 -3.43 41.20 11.23
N SER A 251 -3.96 40.42 10.28
CA SER A 251 -3.54 39.05 10.06
C SER A 251 -2.77 38.88 8.76
N PHE A 252 -2.54 39.96 8.01
CA PHE A 252 -1.84 39.87 6.74
C PHE A 252 -0.33 39.76 6.95
N LYS A 253 0.21 40.41 7.97
CA LYS A 253 1.63 40.28 8.27
C LYS A 253 1.98 38.85 8.65
N LEU A 254 1.05 38.14 9.29
CA LEU A 254 1.26 36.73 9.61
C LEU A 254 1.28 35.88 8.35
N TYR A 255 0.44 36.24 7.37
CA TYR A 255 0.45 35.55 6.08
C TYR A 255 1.78 35.77 5.37
N GLU A 256 2.22 37.02 5.28
CA GLU A 256 3.48 37.31 4.62
C GLU A 256 4.69 36.84 5.45
N GLN A 257 4.52 36.68 6.76
CA GLN A 257 5.62 36.14 7.57
C GLN A 257 5.94 34.71 7.15
N GLU A 258 4.91 33.87 7.00
CA GLU A 258 5.13 32.49 6.60
C GLU A 258 5.45 32.37 5.12
N LEU A 259 4.89 33.24 4.28
CA LEU A 259 5.12 33.15 2.84
C LEU A 259 6.54 33.57 2.48
N VAL A 260 6.96 34.75 2.93
CA VAL A 260 8.22 35.33 2.50
C VAL A 260 9.38 34.86 3.37
N GLU A 261 9.24 34.96 4.69
CA GLU A 261 10.37 34.68 5.58
C GLU A 261 10.55 33.19 5.82
N ARG A 262 9.46 32.47 6.10
CA ARG A 262 9.55 31.06 6.46
C ARG A 262 9.35 30.12 5.28
N TRP A 263 8.82 30.61 4.16
CA TRP A 263 8.55 29.77 2.99
C TRP A 263 7.59 28.64 3.30
N ASN A 264 6.80 28.76 4.35
CA ASN A 264 5.83 27.75 4.75
C ASN A 264 4.51 28.07 4.07
N LEU A 265 4.36 27.60 2.83
CA LEU A 265 3.12 27.85 2.10
C LEU A 265 1.92 27.23 2.80
N ALA A 266 2.12 26.12 3.50
CA ALA A 266 1.02 25.50 4.23
C ALA A 266 0.50 26.42 5.31
N ALA A 267 1.40 27.00 6.11
CA ALA A 267 0.99 27.89 7.18
C ALA A 267 0.31 29.14 6.63
N ALA A 268 0.82 29.68 5.53
CA ALA A 268 0.18 30.84 4.91
C ALA A 268 -1.23 30.50 4.43
N SER A 269 -1.48 29.24 4.11
CA SER A 269 -2.81 28.81 3.69
C SER A 269 -3.75 28.71 4.88
N ASP A 270 -3.25 28.22 6.02
CA ASP A 270 -4.08 28.16 7.22
C ASP A 270 -4.56 29.55 7.62
N ILE A 271 -3.72 30.56 7.46
CA ILE A 271 -4.10 31.93 7.80
C ILE A 271 -5.09 32.47 6.77
N LEU A 272 -4.86 32.17 5.49
CA LEU A 272 -5.70 32.72 4.44
C LEU A 272 -7.09 32.10 4.46
N ARG A 273 -7.17 30.77 4.60
CA ARG A 273 -8.45 30.09 4.43
C ARG A 273 -9.49 30.60 5.41
N ILE A 274 -9.12 30.82 6.68
CA ILE A 274 -10.11 31.19 7.68
C ILE A 274 -10.54 32.63 7.51
N SER A 275 -9.64 33.51 7.10
CA SER A 275 -10.01 34.90 6.85
C SER A 275 -10.96 35.01 5.66
N ALA A 276 -10.72 34.20 4.62
CA ALA A 276 -11.64 34.17 3.49
C ALA A 276 -13.00 33.66 3.91
N LEU A 277 -13.03 32.56 4.66
CA LEU A 277 -14.30 32.02 5.14
C LEU A 277 -15.02 33.02 6.05
N LYS A 278 -14.26 33.84 6.78
CA LYS A 278 -14.89 34.83 7.65
C LYS A 278 -15.48 35.97 6.83
N GLU A 279 -14.73 36.46 5.84
CA GLU A 279 -15.17 37.64 5.09
C GLU A 279 -16.28 37.30 4.09
N VAL A 280 -16.20 36.14 3.45
CA VAL A 280 -17.13 35.76 2.40
C VAL A 280 -18.06 34.65 2.85
N GLY A 281 -17.56 33.69 3.61
CA GLY A 281 -18.34 32.54 4.01
C GLY A 281 -18.43 31.49 2.90
N GLY A 282 -18.67 30.26 3.32
CA GLY A 282 -18.80 29.16 2.39
C GLY A 282 -18.11 27.88 2.83
N VAL A 283 -17.31 27.30 1.95
CA VAL A 283 -16.67 26.02 2.20
C VAL A 283 -15.22 26.10 1.74
N TYR A 284 -14.29 25.83 2.65
CA TYR A 284 -12.89 25.64 2.27
C TYR A 284 -12.59 24.16 2.13
N LEU A 285 -11.71 23.84 1.20
CA LEU A 285 -11.34 22.46 0.94
C LEU A 285 -9.90 22.42 0.45
N ASP A 286 -9.11 21.51 1.01
CA ASP A 286 -7.80 21.22 0.44
C ASP A 286 -7.96 20.66 -0.96
N VAL A 287 -6.95 20.90 -1.80
CA VAL A 287 -7.03 20.48 -3.20
C VAL A 287 -7.01 18.97 -3.36
N ASP A 288 -6.70 18.22 -2.31
CA ASP A 288 -6.70 16.76 -2.35
C ASP A 288 -7.97 16.16 -1.76
N MET A 289 -9.03 16.94 -1.63
CA MET A 289 -10.32 16.46 -1.15
C MET A 289 -11.25 16.28 -2.35
N LEU A 290 -12.06 15.24 -2.28
CA LEU A 290 -13.02 14.93 -3.34
C LEU A 290 -14.44 14.94 -2.79
N PRO A 291 -15.44 15.13 -3.65
CA PRO A 291 -16.83 15.18 -3.17
C PRO A 291 -17.20 13.90 -2.43
N GLY A 292 -18.24 14.03 -1.60
CA GLY A 292 -18.74 12.88 -0.88
C GLY A 292 -19.35 11.86 -1.83
N ILE A 293 -19.26 10.60 -1.44
CA ILE A 293 -19.83 9.50 -2.21
C ILE A 293 -21.28 9.35 -1.85
N GLN A 294 -22.11 9.01 -2.83
CA GLN A 294 -23.52 8.76 -2.57
C GLN A 294 -23.65 7.72 -1.46
N PRO A 295 -24.36 8.01 -0.37
CA PRO A 295 -24.43 7.03 0.74
C PRO A 295 -24.97 5.68 0.30
N ASP A 296 -25.99 5.66 -0.54
CA ASP A 296 -26.63 4.43 -0.97
C ASP A 296 -25.95 3.78 -2.17
N LEU A 297 -24.68 4.12 -2.42
CA LEU A 297 -23.95 3.54 -3.54
C LEU A 297 -23.47 2.13 -3.19
N PHE A 298 -22.56 2.01 -2.24
CA PHE A 298 -22.04 0.72 -1.79
C PHE A 298 -22.74 0.22 -0.53
N GLU A 299 -24.02 0.53 -0.39
CA GLU A 299 -24.78 0.13 0.79
C GLU A 299 -24.82 -1.39 0.94
N SER A 300 -24.75 -2.12 -0.16
CA SER A 300 -24.94 -3.57 -0.15
C SER A 300 -23.67 -4.36 0.08
N ILE A 301 -22.51 -3.72 0.09
CA ILE A 301 -21.23 -4.39 0.31
C ILE A 301 -20.82 -4.11 1.74
N GLU A 302 -21.02 -5.09 2.62
CA GLU A 302 -20.72 -4.90 4.03
C GLU A 302 -19.22 -4.70 4.24
N LYS A 303 -18.87 -3.79 5.15
CA LYS A 303 -17.48 -3.51 5.43
C LYS A 303 -16.88 -4.61 6.31
N PRO A 304 -15.62 -5.01 6.07
CA PRO A 304 -15.00 -6.02 6.94
C PRO A 304 -14.97 -5.55 8.39
N SER A 305 -14.72 -6.52 9.28
CA SER A 305 -14.80 -6.25 10.71
C SER A 305 -13.55 -5.54 11.23
N SER A 306 -12.38 -6.01 10.83
CA SER A 306 -11.12 -5.58 11.43
C SER A 306 -10.44 -4.43 10.71
N VAL A 307 -10.96 -3.99 9.56
CA VAL A 307 -10.32 -2.92 8.82
C VAL A 307 -10.74 -1.56 9.40
N THR A 308 -9.94 -0.55 9.10
CA THR A 308 -10.22 0.80 9.57
C THR A 308 -11.17 1.52 8.61
N VAL A 309 -11.70 2.65 9.06
CA VAL A 309 -12.61 3.43 8.22
C VAL A 309 -11.84 4.00 7.02
N ASP A 310 -10.60 4.43 7.24
CA ASP A 310 -9.80 4.95 6.13
C ASP A 310 -9.59 3.90 5.06
N PHE A 311 -9.33 2.66 5.47
CA PHE A 311 -9.24 1.57 4.49
C PHE A 311 -10.46 1.51 3.61
N TRP A 312 -11.64 1.43 4.22
CA TRP A 312 -12.86 1.26 3.45
C TRP A 312 -13.13 2.47 2.56
N GLU A 313 -12.93 3.68 3.08
CA GLU A 313 -13.11 4.88 2.27
C GLU A 313 -12.14 4.88 1.08
N MET A 314 -10.89 4.47 1.31
CA MET A 314 -9.95 4.37 0.19
C MET A 314 -10.40 3.31 -0.81
N VAL A 315 -10.92 2.18 -0.31
CA VAL A 315 -11.42 1.14 -1.20
C VAL A 315 -12.53 1.70 -2.08
N LYS A 316 -13.48 2.41 -1.47
CA LYS A 316 -14.60 2.96 -2.24
C LYS A 316 -14.09 3.89 -3.34
N LEU A 317 -13.16 4.79 -3.01
CA LEU A 317 -12.64 5.70 -4.02
C LEU A 317 -11.81 4.96 -5.06
N GLU A 318 -10.96 4.02 -4.61
CA GLU A 318 -10.15 3.27 -5.55
C GLU A 318 -11.02 2.47 -6.53
N ALA A 319 -12.15 1.94 -6.04
CA ALA A 319 -13.07 1.24 -6.94
C ALA A 319 -13.72 2.21 -7.91
N ILE A 320 -14.15 3.38 -7.43
CA ILE A 320 -14.79 4.35 -8.30
C ILE A 320 -13.83 4.79 -9.41
N MET A 321 -12.56 5.00 -9.07
CA MET A 321 -11.61 5.49 -10.05
C MET A 321 -11.13 4.39 -10.98
N LYS A 322 -11.07 3.14 -10.49
CA LYS A 322 -10.65 2.05 -11.37
C LYS A 322 -11.64 1.84 -12.50
N TYR A 323 -12.94 1.96 -12.21
CA TYR A 323 -13.98 1.60 -13.17
C TYR A 323 -14.63 2.80 -13.85
N LYS A 324 -14.54 3.99 -13.27
CA LYS A 324 -15.04 5.20 -13.92
C LYS A 324 -13.93 6.13 -14.39
N GLU A 325 -12.74 6.04 -13.81
CA GLU A 325 -11.56 6.75 -14.30
C GLU A 325 -11.78 8.26 -14.35
N TYR A 326 -12.56 8.79 -13.41
CA TYR A 326 -12.65 10.25 -13.29
C TYR A 326 -11.29 10.87 -13.06
N ILE A 327 -10.41 10.15 -12.36
CA ILE A 327 -9.03 10.58 -12.16
C ILE A 327 -8.12 9.45 -12.65
N PRO A 328 -7.58 9.53 -13.87
CA PRO A 328 -6.78 8.41 -14.38
C PRO A 328 -5.51 8.21 -13.58
N GLY A 329 -4.98 6.99 -13.67
CA GLY A 329 -3.79 6.61 -12.94
C GLY A 329 -3.99 6.42 -11.46
N TYR A 330 -5.22 6.43 -10.99
CA TYR A 330 -5.49 6.31 -9.57
C TYR A 330 -4.99 4.96 -9.05
N THR A 331 -4.66 4.91 -7.76
CA THR A 331 -4.10 3.72 -7.17
C THR A 331 -5.19 2.67 -6.93
N SER A 332 -4.74 1.44 -6.66
CA SER A 332 -5.63 0.37 -6.25
C SER A 332 -5.01 -0.48 -5.14
N GLU A 333 -4.04 0.07 -4.41
CA GLU A 333 -3.36 -0.68 -3.36
C GLU A 333 -4.33 -1.40 -2.46
N HIS A 334 -5.47 -0.77 -2.16
CA HIS A 334 -6.43 -1.27 -1.19
C HIS A 334 -7.54 -2.08 -1.84
N PHE A 335 -8.02 -1.67 -3.00
CA PHE A 335 -9.00 -2.48 -3.71
C PHE A 335 -8.42 -3.85 -4.06
N ASP A 336 -7.13 -3.91 -4.37
CA ASP A 336 -6.47 -5.18 -4.68
C ASP A 336 -6.32 -6.09 -3.47
N MET A 337 -6.64 -5.60 -2.26
CA MET A 337 -6.57 -6.43 -1.07
C MET A 337 -7.86 -7.18 -0.79
N LEU A 338 -8.88 -7.01 -1.62
CA LEU A 338 -10.18 -7.61 -1.39
C LEU A 338 -10.34 -8.89 -2.19
N ASP A 339 -11.11 -9.82 -1.63
CA ASP A 339 -11.48 -11.04 -2.32
C ASP A 339 -11.93 -10.74 -3.74
N GLU A 340 -11.73 -11.72 -4.64
CA GLU A 340 -12.15 -11.54 -6.02
C GLU A 340 -13.65 -11.35 -6.13
N GLU A 341 -14.41 -11.97 -5.22
CA GLU A 341 -15.87 -11.84 -5.27
C GLU A 341 -16.33 -10.48 -4.79
N VAL A 342 -15.66 -9.93 -3.77
CA VAL A 342 -16.03 -8.61 -3.28
C VAL A 342 -15.65 -7.53 -4.30
N GLN A 343 -14.53 -7.73 -4.99
CA GLN A 343 -14.19 -6.82 -6.09
C GLN A 343 -15.30 -6.80 -7.14
N SER A 344 -15.86 -7.97 -7.44
CA SER A 344 -16.92 -8.03 -8.45
C SER A 344 -18.16 -7.26 -7.99
N SER A 345 -18.41 -7.21 -6.69
CA SER A 345 -19.55 -6.45 -6.19
C SER A 345 -19.39 -4.96 -6.52
N PHE A 346 -18.23 -4.40 -6.20
CA PHE A 346 -17.96 -3.00 -6.55
C PHE A 346 -18.08 -2.79 -8.04
N GLU A 347 -17.43 -3.65 -8.83
CA GLU A 347 -17.50 -3.55 -10.28
C GLU A 347 -18.96 -3.58 -10.76
N SER A 348 -19.76 -4.49 -10.20
CA SER A 348 -21.14 -4.63 -10.64
C SER A 348 -21.94 -3.35 -10.38
N VAL A 349 -21.90 -2.84 -9.16
CA VAL A 349 -22.71 -1.67 -8.82
C VAL A 349 -22.32 -0.49 -9.69
N LEU A 350 -21.02 -0.29 -9.91
CA LEU A 350 -20.57 0.80 -10.77
C LEU A 350 -20.97 0.57 -12.23
N ALA A 351 -21.18 -0.69 -12.63
CA ALA A 351 -21.65 -0.95 -13.99
C ALA A 351 -23.11 -0.55 -14.16
N SER A 352 -23.89 -0.55 -13.08
CA SER A 352 -25.28 -0.12 -13.14
C SER A 352 -25.42 1.40 -13.09
N LYS A 353 -24.34 2.12 -12.79
CA LYS A 353 -24.34 3.57 -12.81
C LYS A 353 -23.76 4.07 -14.12
N SER A 354 -24.39 5.08 -14.70
CA SER A 354 -23.94 5.68 -15.95
C SER A 354 -23.57 7.15 -15.84
N ASP A 355 -23.99 7.83 -14.77
CA ASP A 355 -23.72 9.24 -14.59
C ASP A 355 -22.98 9.46 -13.27
N LYS A 356 -22.26 10.59 -13.20
CA LYS A 356 -21.47 10.90 -12.01
C LYS A 356 -22.37 11.30 -10.84
N SER A 357 -23.53 11.89 -11.13
CA SER A 357 -24.45 12.28 -10.06
C SER A 357 -24.91 11.07 -9.25
N GLU A 358 -24.78 9.86 -9.79
CA GLU A 358 -25.11 8.64 -9.07
C GLU A 358 -23.95 8.13 -8.24
N ILE A 359 -22.76 8.71 -8.40
CA ILE A 359 -21.57 8.29 -7.67
C ILE A 359 -21.28 9.31 -6.58
N PHE A 360 -21.05 10.55 -6.97
CA PHE A 360 -20.75 11.64 -6.05
C PHE A 360 -21.99 12.46 -5.76
N SER A 361 -22.17 12.81 -4.49
CA SER A 361 -23.29 13.65 -4.10
C SER A 361 -22.93 15.13 -4.29
N SER A 362 -23.95 15.98 -4.24
CA SER A 362 -23.80 17.41 -4.38
C SER A 362 -24.05 18.09 -3.04
N LEU A 363 -23.30 19.16 -2.77
CA LEU A 363 -23.47 19.87 -1.51
C LEU A 363 -24.87 20.48 -1.39
N GLY A 364 -25.36 21.08 -2.47
CA GLY A 364 -26.71 21.58 -2.48
C GLY A 364 -26.94 22.66 -1.45
N ASP A 365 -28.18 22.74 -0.97
CA ASP A 365 -28.59 23.74 0.01
C ASP A 365 -28.16 23.31 1.40
N MET A 366 -27.07 23.92 1.89
CA MET A 366 -26.60 23.68 3.24
C MET A 366 -26.96 24.88 4.13
N GLU A 367 -26.92 24.64 5.44
CA GLU A 367 -27.24 25.67 6.40
C GLU A 367 -26.44 25.40 7.67
N ALA A 368 -26.00 26.47 8.32
CA ALA A 368 -25.20 26.36 9.54
C ALA A 368 -25.60 27.47 10.50
N SER A 369 -25.09 27.39 11.72
CA SER A 369 -25.37 28.39 12.73
C SER A 369 -24.49 29.63 12.51
N PRO A 370 -25.00 30.82 12.84
CA PRO A 370 -24.13 32.01 12.79
C PRO A 370 -22.99 31.97 13.81
N LEU A 371 -22.98 30.99 14.72
CA LEU A 371 -21.95 30.88 15.73
C LEU A 371 -20.84 29.90 15.37
N GLU A 372 -21.13 28.89 14.54
CA GLU A 372 -20.27 27.73 14.41
C GLU A 372 -19.38 27.80 13.17
N VAL A 373 -18.31 27.01 13.21
CA VAL A 373 -17.49 26.68 12.05
C VAL A 373 -17.31 25.18 12.07
N LYS A 374 -17.88 24.50 11.09
CA LYS A 374 -17.77 23.04 11.03
C LYS A 374 -16.42 22.65 10.43
N ILE A 375 -15.82 21.60 10.99
CA ILE A 375 -14.48 21.18 10.62
C ILE A 375 -14.51 19.67 10.33
N ALA A 376 -13.53 19.23 9.54
CA ALA A 376 -13.44 17.82 9.17
C ALA A 376 -12.86 17.00 10.32
N PHE A 377 -13.10 15.69 10.26
CA PHE A 377 -12.65 14.75 11.26
C PHE A 377 -11.89 13.61 10.60
N ASN A 378 -10.97 13.02 11.35
CA ASN A 378 -10.29 11.78 10.94
C ASN A 378 -9.99 10.98 12.20
N SER A 379 -9.24 9.89 12.02
CA SER A 379 -8.91 9.02 13.15
C SER A 379 -8.03 9.70 14.19
N LYS A 380 -7.45 10.84 13.86
CA LYS A 380 -6.61 11.58 14.80
C LYS A 380 -7.32 12.76 15.45
N GLY A 381 -8.54 13.08 15.02
CA GLY A 381 -9.27 14.20 15.57
C GLY A 381 -9.72 15.18 14.49
N ILE A 382 -9.86 16.46 14.85
CA ILE A 382 -10.27 17.45 13.85
C ILE A 382 -9.09 17.77 12.94
N ILE A 383 -9.41 18.27 11.75
CA ILE A 383 -8.40 18.66 10.77
C ILE A 383 -9.01 19.69 9.83
N ASN A 384 -8.30 20.80 9.61
CA ASN A 384 -8.87 21.92 8.89
C ASN A 384 -8.72 21.78 7.38
N GLN A 385 -8.73 20.54 6.88
CA GLN A 385 -8.75 20.34 5.44
C GLN A 385 -10.12 20.58 4.84
N GLY A 386 -11.16 20.62 5.67
CA GLY A 386 -12.51 20.96 5.23
C GLY A 386 -13.20 21.82 6.25
N LEU A 387 -13.79 22.94 5.79
CA LEU A 387 -14.43 23.89 6.68
C LEU A 387 -15.72 24.38 6.05
N ILE A 388 -16.75 24.57 6.87
CA ILE A 388 -18.02 25.14 6.43
C ILE A 388 -18.41 26.21 7.44
N SER A 389 -18.66 27.43 6.95
CA SER A 389 -19.04 28.52 7.82
C SER A 389 -19.79 29.57 7.02
N VAL A 390 -20.78 30.20 7.66
CA VAL A 390 -21.49 31.32 7.05
C VAL A 390 -20.58 32.54 7.13
N LYS A 391 -21.00 33.63 6.49
CA LYS A 391 -20.20 34.85 6.49
C LYS A 391 -20.14 35.44 7.89
N ASP A 392 -18.93 35.74 8.34
CA ASP A 392 -18.73 36.48 9.59
C ASP A 392 -19.28 35.72 10.79
N SER A 393 -19.06 34.41 10.81
CA SER A 393 -19.51 33.60 11.94
C SER A 393 -18.68 33.92 13.18
N TYR A 394 -19.26 33.65 14.35
CA TYR A 394 -18.58 33.98 15.59
C TYR A 394 -17.32 33.15 15.77
N CYS A 395 -17.39 31.84 15.50
CA CYS A 395 -16.22 30.98 15.66
C CYS A 395 -15.10 31.38 14.72
N SER A 396 -15.44 31.74 13.47
CA SER A 396 -14.42 32.20 12.54
C SER A 396 -13.64 33.38 13.11
N ASN A 397 -14.34 34.29 13.80
CA ASN A 397 -13.66 35.39 14.46
C ASN A 397 -12.81 34.90 15.62
N LEU A 398 -13.33 33.98 16.42
CA LEU A 398 -12.53 33.40 17.50
C LEU A 398 -11.31 32.68 16.96
N ILE A 399 -11.47 31.97 15.84
CA ILE A 399 -10.34 31.24 15.25
C ILE A 399 -9.28 32.23 14.77
N VAL A 400 -9.70 33.31 14.10
CA VAL A 400 -8.76 34.33 13.69
C VAL A 400 -8.07 34.94 14.91
N LYS A 401 -8.83 35.24 15.97
CA LYS A 401 -8.23 35.80 17.18
C LYS A 401 -7.28 34.81 17.81
N GLN A 402 -7.60 33.52 17.76
CA GLN A 402 -6.70 32.50 18.30
C GLN A 402 -5.36 32.54 17.59
N ILE A 403 -5.38 32.58 16.26
CA ILE A 403 -4.15 32.60 15.49
C ILE A 403 -3.38 33.88 15.74
N GLU A 404 -4.06 35.03 15.65
CA GLU A 404 -3.40 36.30 15.89
C GLU A 404 -2.76 36.34 17.27
N ASN A 405 -3.45 35.81 18.28
CA ASN A 405 -2.91 35.79 19.63
C ASN A 405 -1.74 34.81 19.76
N ARG A 406 -1.79 33.71 19.02
CA ARG A 406 -0.76 32.69 19.13
C ARG A 406 0.53 33.12 18.45
N TYR A 407 0.44 33.91 17.38
CA TYR A 407 1.64 34.44 16.73
C TYR A 407 2.30 35.54 17.56
N LYS A 408 1.53 36.26 18.38
CA LYS A 408 2.14 37.25 19.26
C LYS A 408 3.08 36.59 20.27
N ILE A 409 2.64 35.49 20.87
CA ILE A 409 3.48 34.79 21.84
C ILE A 409 4.73 34.26 21.15
N LEU A 410 4.58 33.74 19.93
CA LEU A 410 5.73 33.27 19.18
C LEU A 410 6.68 34.42 18.87
N ASN A 411 6.20 35.43 18.13
CA ASN A 411 7.05 36.54 17.73
C ASN A 411 7.53 37.36 18.92
N ASN A 412 6.86 37.29 20.06
CA ASN A 412 7.34 38.01 21.24
C ASN A 412 8.65 37.44 21.75
N SER A 413 8.88 36.14 21.54
CA SER A 413 10.11 35.49 21.94
C SER A 413 11.05 35.22 20.77
N LEU A 414 10.56 35.32 19.54
CA LEU A 414 11.38 35.04 18.36
C LEU A 414 12.09 36.29 17.84
N ASN A 415 11.41 37.42 17.81
CA ASN A 415 12.03 38.64 17.30
C ASN A 415 13.27 39.03 18.08
N PRO A 416 13.26 39.08 19.42
CA PRO A 416 14.49 39.44 20.14
C PRO A 416 15.64 38.47 19.93
N ALA A 417 15.38 37.30 19.37
CA ALA A 417 16.44 36.32 19.12
C ALA A 417 17.02 36.43 17.72
N ILE A 418 16.20 36.79 16.74
CA ILE A 418 16.70 36.91 15.36
C ILE A 418 17.34 38.28 15.14
N SER A 419 16.92 39.30 15.88
CA SER A 419 17.49 40.63 15.70
C SER A 419 19.00 40.62 15.89
N GLU A 420 19.51 39.66 16.66
CA GLU A 420 20.95 39.51 16.85
C GLU A 420 21.51 38.60 15.76
N ASP A 421 22.56 39.08 15.09
CA ASP A 421 23.16 38.36 13.97
C ASP A 421 23.99 37.17 14.46
N ASN A 422 23.28 36.21 15.06
CA ASN A 422 23.90 35.00 15.58
C ASN A 422 23.52 33.81 14.70
N ASP A 423 24.27 32.72 14.87
CA ASP A 423 24.07 31.54 14.04
C ASP A 423 22.80 30.81 14.45
N PHE A 424 22.57 29.67 13.81
CA PHE A 424 21.34 28.90 14.05
C PHE A 424 21.30 28.37 15.48
N ASN A 425 22.41 27.80 15.95
CA ASN A 425 22.41 27.19 17.27
C ASN A 425 22.19 28.22 18.37
N THR A 426 22.87 29.37 18.29
CA THR A 426 22.69 30.40 19.30
C THR A 426 21.28 30.97 19.28
N THR A 427 20.70 31.14 18.09
CA THR A 427 19.35 31.66 17.98
C THR A 427 18.34 30.66 18.58
N THR A 428 18.48 29.38 18.24
CA THR A 428 17.58 28.37 18.77
C THR A 428 17.64 28.34 20.30
N ASN A 429 18.86 28.30 20.85
CA ASN A 429 19.00 28.27 22.30
C ASN A 429 18.47 29.55 22.93
N ALA A 430 18.70 30.70 22.30
CA ALA A 430 18.16 31.94 22.83
C ALA A 430 16.65 32.00 22.65
N PHE A 431 16.12 31.32 21.64
CA PHE A 431 14.68 31.28 21.44
C PHE A 431 13.99 30.33 22.39
N ILE A 432 14.64 29.22 22.75
CA ILE A 432 14.04 28.28 23.69
C ILE A 432 14.13 28.80 25.11
N ASP A 433 15.21 29.50 25.45
CA ASP A 433 15.32 30.11 26.78
C ASP A 433 14.26 31.19 26.98
N SER A 434 13.76 31.78 25.90
CA SER A 434 12.77 32.85 26.02
C SER A 434 11.36 32.30 26.20
N ILE A 435 11.06 31.15 25.61
CA ILE A 435 9.71 30.60 25.72
C ILE A 435 9.48 30.01 27.11
N MET A 436 10.49 29.34 27.66
CA MET A 436 10.35 28.73 28.98
C MET A 436 10.25 29.78 30.09
N ALA A 437 10.78 30.98 29.86
CA ALA A 437 10.63 32.06 30.83
C ALA A 437 9.19 32.57 30.84
N GLU A 438 8.66 32.89 29.66
CA GLU A 438 7.27 33.34 29.52
C GLU A 438 6.27 32.21 29.69
N ALA A 439 6.72 30.96 29.82
CA ALA A 439 5.84 29.81 29.91
C ALA A 439 5.22 29.77 31.31
N ASN A 440 3.91 30.00 31.38
CA ASN A 440 3.16 29.90 32.62
C ASN A 440 2.37 28.60 32.64
N ALA A 441 2.18 28.05 33.84
CA ALA A 441 1.54 26.75 34.00
C ALA A 441 0.11 26.75 33.49
N ASP A 442 -0.07 26.92 32.18
CA ASP A 442 -1.39 26.84 31.56
C ASP A 442 -1.28 26.80 30.04
N ASN A 443 -0.16 27.29 29.49
CA ASN A 443 0.12 27.21 28.06
C ASN A 443 1.37 26.37 27.79
N GLY A 444 1.69 25.45 28.71
CA GLY A 444 2.92 24.69 28.57
C GLY A 444 2.99 23.92 27.26
N ARG A 445 1.95 23.15 26.96
CA ARG A 445 1.95 22.35 25.73
C ARG A 445 2.15 23.21 24.50
N PHE A 446 1.54 24.41 24.49
CA PHE A 446 1.68 25.29 23.33
C PHE A 446 3.12 25.78 23.20
N MET A 447 3.76 26.14 24.30
CA MET A 447 5.14 26.60 24.25
C MET A 447 6.10 25.45 23.95
N MET A 448 5.77 24.23 24.37
CA MET A 448 6.60 23.06 24.11
C MET A 448 6.66 22.72 22.62
N GLU A 449 5.77 23.28 21.81
CA GLU A 449 5.73 22.99 20.37
C GLU A 449 6.34 24.09 19.52
N LEU A 450 6.73 25.22 20.12
CA LEU A 450 7.29 26.33 19.36
C LEU A 450 8.80 26.23 19.21
N GLY A 451 9.49 25.52 20.09
CA GLY A 451 10.93 25.40 20.01
C GLY A 451 11.44 24.88 18.67
N LYS A 452 10.57 24.31 17.85
CA LYS A 452 10.93 23.79 16.54
C LYS A 452 10.51 24.70 15.41
N TYR A 453 10.06 25.93 15.72
CA TYR A 453 9.43 26.78 14.72
C TYR A 453 10.38 27.06 13.55
N LEU A 454 11.66 27.31 13.85
CA LEU A 454 12.60 27.65 12.78
C LEU A 454 12.90 26.47 11.88
N ARG A 455 12.60 25.24 12.29
CA ARG A 455 12.97 24.05 11.53
C ARG A 455 11.82 23.49 10.72
N VAL A 456 10.67 24.18 10.68
CA VAL A 456 9.54 23.69 9.91
C VAL A 456 9.86 23.72 8.43
N GLY A 457 9.42 22.69 7.71
CA GLY A 457 9.65 22.58 6.29
C GLY A 457 10.99 22.00 5.89
N PHE A 458 11.95 21.94 6.81
CA PHE A 458 13.29 21.43 6.51
C PHE A 458 13.66 20.23 7.38
N PHE A 459 12.73 19.70 8.16
CA PHE A 459 13.00 18.58 9.04
C PHE A 459 11.85 17.59 9.01
N PRO A 460 12.11 16.32 9.29
CA PRO A 460 11.02 15.34 9.35
C PRO A 460 10.31 15.35 10.70
N ASP A 461 8.99 15.24 10.65
CA ASP A 461 8.16 15.10 11.85
C ASP A 461 8.24 16.34 12.74
N VAL A 462 7.97 17.49 12.13
CA VAL A 462 7.88 18.77 12.85
C VAL A 462 6.46 19.28 12.68
N LYS A 463 5.72 19.36 13.79
CA LYS A 463 4.31 19.73 13.74
C LYS A 463 4.04 20.96 14.59
N THR A 464 4.70 22.08 14.27
CA THR A 464 4.43 23.35 14.92
C THR A 464 3.29 24.11 14.27
N THR A 465 3.10 23.96 12.96
CA THR A 465 1.97 24.60 12.29
C THR A 465 0.66 24.19 12.91
N ILE A 466 0.55 22.93 13.36
CA ILE A 466 -0.69 22.46 13.97
C ILE A 466 -1.08 23.31 15.16
N ASN A 467 -0.09 23.84 15.90
CA ASN A 467 -0.36 24.60 17.10
C ASN A 467 -0.57 26.09 16.83
N LEU A 468 0.04 26.63 15.79
CA LEU A 468 -0.08 28.06 15.50
C LEU A 468 -1.39 28.36 14.77
N SER A 469 -1.49 27.91 13.51
CA SER A 469 -2.65 28.17 12.68
C SER A 469 -3.42 26.91 12.30
N GLY A 470 -3.04 25.75 12.83
CA GLY A 470 -3.66 24.51 12.46
C GLY A 470 -4.86 24.17 13.32
N PRO A 471 -5.28 22.91 13.27
CA PRO A 471 -6.48 22.49 14.03
C PRO A 471 -6.42 22.84 15.51
N GLU A 472 -5.23 22.83 16.12
CA GLU A 472 -5.13 23.16 17.53
C GLU A 472 -5.75 24.51 17.86
N ALA A 473 -5.67 25.46 16.92
CA ALA A 473 -6.28 26.77 17.14
C ALA A 473 -7.79 26.72 16.96
N TYR A 474 -8.29 25.75 16.17
CA TYR A 474 -9.73 25.57 16.05
C TYR A 474 -10.30 24.94 17.32
N ALA A 475 -9.60 23.95 17.88
CA ALA A 475 -10.03 23.35 19.13
C ALA A 475 -10.11 24.38 20.24
N ALA A 476 -9.12 25.28 20.29
CA ALA A 476 -9.15 26.32 21.32
C ALA A 476 -10.32 27.28 21.09
N ALA A 477 -10.60 27.62 19.84
CA ALA A 477 -11.75 28.47 19.55
C ALA A 477 -13.05 27.82 20.01
N TYR A 478 -13.23 26.53 19.69
CA TYR A 478 -14.40 25.82 20.15
C TYR A 478 -14.49 25.86 21.68
N GLN A 479 -13.37 25.70 22.36
CA GLN A 479 -13.37 25.77 23.81
C GLN A 479 -13.73 27.17 24.29
N ASP A 480 -13.22 28.20 23.60
CA ASP A 480 -13.61 29.57 23.92
C ASP A 480 -15.13 29.72 23.85
N LEU A 481 -15.76 29.11 22.86
CA LEU A 481 -17.22 29.23 22.72
C LEU A 481 -17.93 28.51 23.86
N LEU A 482 -17.62 27.22 24.06
CA LEU A 482 -18.31 26.42 25.07
C LEU A 482 -17.98 26.84 26.49
N MET A 483 -16.85 27.54 26.70
CA MET A 483 -16.46 28.01 28.02
C MET A 483 -16.77 29.48 28.24
N PHE A 484 -17.35 30.16 27.26
CA PHE A 484 -17.73 31.56 27.39
C PHE A 484 -16.53 32.43 27.75
N LYS A 485 -15.44 32.26 27.00
CA LYS A 485 -14.22 33.00 27.25
C LYS A 485 -13.50 33.23 25.93
N GLU A 486 -12.31 33.78 26.00
CA GLU A 486 -11.45 33.97 24.83
C GLU A 486 -10.00 33.80 25.26
N GLY A 487 -9.18 33.30 24.35
CA GLY A 487 -7.78 33.08 24.66
C GLY A 487 -7.49 31.76 25.34
N SER A 488 -8.15 30.69 24.95
CA SER A 488 -7.86 29.38 25.51
C SER A 488 -6.53 28.86 24.96
N MET A 489 -5.76 28.21 25.84
CA MET A 489 -4.45 27.69 25.46
C MET A 489 -4.32 26.22 25.84
N ASN A 490 -4.95 25.83 26.95
CA ASN A 490 -4.93 24.45 27.42
C ASN A 490 -6.25 23.80 27.03
N ILE A 491 -6.19 22.84 26.11
CA ILE A 491 -7.40 22.17 25.62
C ILE A 491 -7.83 21.11 26.62
N HIS A 492 -9.08 21.18 27.05
CA HIS A 492 -9.68 20.17 27.90
C HIS A 492 -10.94 19.57 27.28
N LEU A 493 -11.22 19.89 26.02
CA LEU A 493 -12.37 19.33 25.34
C LEU A 493 -12.11 17.88 24.96
N ILE A 494 -13.13 17.04 25.12
CA ILE A 494 -13.07 15.66 24.71
C ILE A 494 -13.68 15.53 23.32
N GLU A 495 -13.54 14.35 22.72
CA GLU A 495 -14.07 14.14 21.37
C GLU A 495 -15.55 14.45 21.30
N ALA A 496 -16.31 14.04 22.31
CA ALA A 496 -17.75 14.29 22.30
C ALA A 496 -18.06 15.77 22.19
N ASP A 497 -17.25 16.61 22.83
CA ASP A 497 -17.48 18.05 22.77
C ASP A 497 -17.26 18.59 21.36
N LEU A 498 -16.17 18.17 20.71
CA LEU A 498 -15.83 18.69 19.39
C LEU A 498 -16.71 18.15 18.28
N ARG A 499 -17.44 17.05 18.53
CA ARG A 499 -18.30 16.50 17.49
C ARG A 499 -19.48 17.40 17.17
N ASN A 500 -19.78 18.37 18.02
CA ASN A 500 -20.84 19.34 17.71
C ASN A 500 -20.49 20.22 16.53
N PHE A 501 -19.26 20.20 16.05
CA PHE A 501 -18.82 21.00 14.92
C PHE A 501 -18.28 20.14 13.80
N GLU A 502 -18.76 18.90 13.70
CA GLU A 502 -18.24 17.97 12.71
C GLU A 502 -18.89 18.20 11.35
N ILE A 503 -18.08 18.09 10.30
CA ILE A 503 -18.60 18.02 8.94
C ILE A 503 -19.01 16.59 8.65
N SER A 504 -20.25 16.41 8.19
CA SER A 504 -20.74 15.07 7.91
C SER A 504 -19.86 14.39 6.87
N LYS A 505 -19.54 13.12 7.13
CA LYS A 505 -18.73 12.34 6.18
C LYS A 505 -19.39 12.25 4.81
N THR A 506 -20.67 12.59 4.69
CA THR A 506 -21.37 12.57 3.42
C THR A 506 -21.00 13.74 2.50
N ASN A 507 -20.32 14.75 3.03
CA ASN A 507 -20.01 15.96 2.27
C ASN A 507 -18.56 16.04 1.81
N ILE A 508 -17.67 15.18 2.31
CA ILE A 508 -16.27 15.20 1.93
C ILE A 508 -15.73 13.77 1.89
N SER A 509 -15.08 13.41 0.79
CA SER A 509 -14.29 12.19 0.72
C SER A 509 -12.84 12.56 1.03
N GLN A 510 -12.37 12.18 2.21
CA GLN A 510 -11.09 12.66 2.72
C GLN A 510 -9.93 11.73 2.45
N SER A 511 -10.16 10.43 2.32
CA SER A 511 -9.08 9.45 2.19
C SER A 511 -8.74 9.23 0.70
N THR A 512 -8.24 10.29 0.09
CA THR A 512 -7.86 10.25 -1.32
C THR A 512 -6.41 9.81 -1.45
N GLU A 513 -6.02 9.52 -2.70
CA GLU A 513 -4.63 9.12 -2.97
C GLU A 513 -3.68 10.29 -2.74
N GLN A 514 -4.02 11.47 -3.26
CA GLN A 514 -3.17 12.64 -3.09
C GLN A 514 -3.05 13.05 -1.62
N GLU A 515 -4.04 12.69 -0.80
CA GLU A 515 -3.98 13.02 0.62
C GLU A 515 -3.18 11.99 1.40
N MET A 516 -3.42 10.70 1.14
CA MET A 516 -2.65 9.64 1.78
C MET A 516 -1.23 9.53 1.24
N ALA A 517 -0.87 10.29 0.21
CA ALA A 517 0.50 10.36 -0.28
C ALA A 517 1.21 11.64 0.15
N SER A 518 0.47 12.71 0.43
CA SER A 518 1.04 13.98 0.84
C SER A 518 1.26 14.08 2.34
N LEU A 519 0.62 13.22 3.14
CA LEU A 519 0.73 13.29 4.59
C LEU A 519 2.15 12.97 5.03
N TRP A 520 2.33 12.91 6.35
CA TRP A 520 3.63 12.57 6.92
C TRP A 520 3.93 11.09 6.73
N SER A 521 5.11 10.80 6.20
CA SER A 521 5.64 9.46 5.98
C SER A 521 7.16 9.57 6.10
N PHE A 522 7.63 10.10 7.22
CA PHE A 522 8.97 10.65 7.32
C PHE A 522 9.93 9.71 8.04
N ASP A 523 10.03 8.48 7.53
CA ASP A 523 11.21 7.65 7.68
C ASP A 523 11.99 7.56 6.38
N ASP A 524 11.82 8.55 5.50
CA ASP A 524 12.45 8.53 4.18
C ASP A 524 13.89 9.02 4.26
N ALA A 525 14.69 8.40 5.12
CA ALA A 525 16.14 8.62 5.16
C ALA A 525 16.79 7.90 4.00
N ARG A 526 17.16 8.64 2.95
CA ARG A 526 17.68 8.06 1.73
C ARG A 526 19.17 8.31 1.54
N ALA A 527 19.63 9.55 1.72
CA ALA A 527 21.01 10.00 1.60
C ALA A 527 21.36 10.42 0.17
N LYS A 528 20.43 10.34 -0.78
CA LYS A 528 20.70 10.77 -2.15
C LYS A 528 21.89 10.02 -2.74
N ALA A 529 22.26 10.36 -3.96
CA ALA A 529 23.41 9.74 -4.62
C ALA A 529 24.10 10.74 -5.55
N GLU B 1 -2.11 -14.02 -17.30
CA GLU B 1 -3.18 -14.27 -18.31
C GLU B 1 -4.17 -15.32 -17.79
N ILE B 2 -5.45 -14.96 -17.79
CA ILE B 2 -6.52 -15.86 -17.38
C ILE B 2 -7.05 -16.57 -18.62
N VAL B 3 -6.85 -17.88 -18.68
CA VAL B 3 -7.41 -18.70 -19.75
C VAL B 3 -8.81 -19.12 -19.36
N LEU B 4 -9.76 -18.88 -20.26
CA LEU B 4 -11.13 -19.34 -20.08
C LEU B 4 -11.39 -20.48 -21.05
N THR B 5 -11.71 -21.66 -20.51
CA THR B 5 -11.93 -22.86 -21.30
C THR B 5 -13.43 -23.18 -21.28
N GLN B 6 -14.07 -23.05 -22.44
CA GLN B 6 -15.48 -23.39 -22.56
C GLN B 6 -15.64 -24.83 -23.02
N SER B 7 -16.71 -25.47 -22.57
CA SER B 7 -16.96 -26.85 -22.89
C SER B 7 -18.47 -27.09 -22.94
N PRO B 8 -18.97 -27.89 -23.90
CA PRO B 8 -18.22 -28.51 -25.00
C PRO B 8 -17.92 -27.53 -26.12
N ALA B 9 -17.04 -27.90 -27.05
CA ALA B 9 -16.80 -27.07 -28.22
C ALA B 9 -18.05 -26.99 -29.08
N THR B 10 -18.68 -28.13 -29.34
CA THR B 10 -19.92 -28.21 -30.09
C THR B 10 -20.96 -28.94 -29.26
N LEU B 11 -22.19 -28.45 -29.29
CA LEU B 11 -23.29 -29.03 -28.53
C LEU B 11 -24.47 -29.24 -29.47
N SER B 12 -24.87 -30.50 -29.64
CA SER B 12 -25.96 -30.86 -30.55
C SER B 12 -27.21 -31.13 -29.73
N LEU B 13 -28.23 -30.29 -29.92
CA LEU B 13 -29.49 -30.43 -29.21
C LEU B 13 -30.63 -30.01 -30.14
N SER B 14 -31.84 -30.47 -29.79
CA SER B 14 -33.02 -30.15 -30.56
C SER B 14 -33.87 -29.12 -29.82
N PRO B 15 -34.64 -28.30 -30.54
CA PRO B 15 -35.48 -27.30 -29.87
C PRO B 15 -36.37 -27.93 -28.80
N GLY B 16 -36.40 -27.29 -27.63
CA GLY B 16 -37.14 -27.79 -26.49
C GLY B 16 -36.29 -28.52 -25.47
N GLU B 17 -35.03 -28.82 -25.78
CA GLU B 17 -34.15 -29.50 -24.85
C GLU B 17 -33.39 -28.49 -24.00
N ARG B 18 -32.70 -29.01 -22.98
CA ARG B 18 -32.00 -28.19 -22.01
C ARG B 18 -30.54 -28.09 -22.40
N ALA B 19 -30.03 -26.87 -22.53
CA ALA B 19 -28.65 -26.61 -22.88
C ALA B 19 -27.91 -26.08 -21.65
N THR B 20 -26.73 -26.65 -21.40
CA THR B 20 -25.91 -26.26 -20.25
C THR B 20 -24.47 -26.09 -20.74
N LEU B 21 -24.01 -24.84 -20.79
CA LEU B 21 -22.70 -24.49 -21.32
C LEU B 21 -21.78 -24.10 -20.17
N SER B 22 -20.56 -24.63 -20.20
CA SER B 22 -19.60 -24.42 -19.12
C SER B 22 -18.52 -23.42 -19.54
N CYS B 23 -17.95 -22.74 -18.54
CA CYS B 23 -16.87 -21.78 -18.74
C CYS B 23 -15.95 -21.91 -17.53
N ARG B 24 -14.72 -22.39 -17.76
CA ARG B 24 -13.75 -22.62 -16.69
C ARG B 24 -12.65 -21.57 -16.77
N ALA B 25 -12.24 -21.06 -15.61
CA ALA B 25 -11.21 -20.05 -15.51
C ALA B 25 -9.98 -20.62 -14.81
N SER B 26 -8.79 -20.23 -15.29
CA SER B 26 -7.55 -20.72 -14.70
C SER B 26 -7.36 -20.23 -13.27
N GLN B 27 -7.99 -19.13 -12.89
CA GLN B 27 -7.96 -18.64 -11.52
C GLN B 27 -9.24 -17.87 -11.26
N SER B 28 -9.51 -17.64 -9.98
CA SER B 28 -10.79 -17.04 -9.58
C SER B 28 -10.97 -15.67 -10.19
N VAL B 29 -12.13 -15.45 -10.79
CA VAL B 29 -12.53 -14.15 -11.33
C VAL B 29 -13.67 -13.54 -10.53
N GLY B 30 -13.85 -13.98 -9.28
CA GLY B 30 -14.99 -13.53 -8.51
C GLY B 30 -16.27 -14.00 -9.17
N THR B 31 -17.13 -13.04 -9.52
CA THR B 31 -18.35 -13.33 -10.28
C THR B 31 -18.44 -12.47 -11.54
N SER B 32 -17.31 -11.91 -11.98
CA SER B 32 -17.29 -10.99 -13.12
C SER B 32 -17.14 -11.79 -14.42
N ILE B 33 -18.22 -12.49 -14.77
CA ILE B 33 -18.30 -13.27 -16.00
C ILE B 33 -19.50 -12.77 -16.79
N HIS B 34 -19.30 -12.57 -18.09
CA HIS B 34 -20.35 -12.14 -18.99
C HIS B 34 -20.49 -13.13 -20.13
N TRP B 35 -21.70 -13.25 -20.66
CA TRP B 35 -21.98 -14.17 -21.75
C TRP B 35 -22.47 -13.40 -22.96
N TYR B 36 -22.00 -13.81 -24.13
CA TYR B 36 -22.33 -13.15 -25.39
C TYR B 36 -22.85 -14.17 -26.38
N GLN B 37 -23.83 -13.77 -27.18
CA GLN B 37 -24.38 -14.58 -28.24
C GLN B 37 -24.01 -13.97 -29.58
N GLN B 38 -23.50 -14.81 -30.50
CA GLN B 38 -23.12 -14.35 -31.83
C GLN B 38 -23.64 -15.33 -32.86
N LYS B 39 -24.47 -14.85 -33.77
CA LYS B 39 -24.91 -15.60 -34.92
C LYS B 39 -24.07 -15.24 -36.13
N PRO B 40 -23.92 -16.14 -37.11
CA PRO B 40 -23.04 -15.84 -38.25
C PRO B 40 -23.47 -14.55 -38.95
N GLY B 41 -22.50 -13.66 -39.16
CA GLY B 41 -22.72 -12.43 -39.89
C GLY B 41 -23.13 -11.24 -39.03
N GLN B 42 -23.36 -11.44 -37.74
CA GLN B 42 -23.78 -10.37 -36.84
C GLN B 42 -22.76 -10.20 -35.71
N ALA B 43 -22.90 -9.10 -34.98
CA ALA B 43 -22.03 -8.81 -33.86
C ALA B 43 -22.53 -9.50 -32.59
N PRO B 44 -21.64 -9.75 -31.63
CA PRO B 44 -22.07 -10.40 -30.39
C PRO B 44 -23.17 -9.63 -29.69
N ARG B 45 -24.02 -10.35 -28.95
CA ARG B 45 -25.08 -9.76 -28.16
C ARG B 45 -24.93 -10.22 -26.72
N LEU B 46 -25.06 -9.28 -25.79
CA LEU B 46 -24.87 -9.57 -24.38
C LEU B 46 -26.09 -10.25 -23.80
N LEU B 47 -25.88 -11.40 -23.16
CA LEU B 47 -26.95 -12.17 -22.53
C LEU B 47 -26.99 -11.98 -21.02
N ILE B 48 -25.91 -12.37 -20.34
CA ILE B 48 -25.82 -12.30 -18.89
C ILE B 48 -24.56 -11.51 -18.53
N LYS B 49 -24.66 -10.70 -17.49
CA LYS B 49 -23.53 -9.94 -16.96
C LYS B 49 -23.29 -10.34 -15.52
N PHE B 50 -22.02 -10.46 -15.14
CA PHE B 50 -21.62 -10.80 -13.78
C PHE B 50 -22.27 -12.12 -13.36
N ALA B 51 -22.02 -13.14 -14.18
CA ALA B 51 -22.39 -14.53 -13.87
C ALA B 51 -23.89 -14.78 -13.96
N SER B 52 -24.70 -13.95 -13.28
CA SER B 52 -26.11 -14.27 -13.12
C SER B 52 -27.08 -13.11 -13.32
N GLU B 53 -26.61 -11.87 -13.48
CA GLU B 53 -27.51 -10.73 -13.58
C GLU B 53 -28.18 -10.70 -14.95
N SER B 54 -29.47 -10.37 -14.96
CA SER B 54 -30.25 -10.36 -16.19
C SER B 54 -29.96 -9.11 -17.00
N ILE B 55 -30.19 -9.21 -18.31
CA ILE B 55 -30.04 -8.10 -19.24
C ILE B 55 -31.41 -7.79 -19.83
N SER B 56 -31.64 -6.51 -20.08
CA SER B 56 -32.90 -6.08 -20.68
C SER B 56 -33.02 -6.60 -22.11
N GLY B 57 -34.23 -7.00 -22.48
CA GLY B 57 -34.49 -7.49 -23.82
C GLY B 57 -34.01 -8.90 -24.09
N ILE B 58 -33.60 -9.64 -23.07
CA ILE B 58 -33.13 -11.01 -23.20
C ILE B 58 -34.19 -11.92 -22.60
N PRO B 59 -34.72 -12.91 -23.33
CA PRO B 59 -35.78 -13.75 -22.77
C PRO B 59 -35.36 -14.42 -21.48
N ALA B 60 -36.36 -14.87 -20.71
CA ALA B 60 -36.11 -15.44 -19.40
C ALA B 60 -35.46 -16.82 -19.49
N ARG B 61 -35.69 -17.54 -20.60
CA ARG B 61 -35.12 -18.88 -20.73
C ARG B 61 -33.60 -18.89 -20.61
N PHE B 62 -32.95 -17.75 -20.80
CA PHE B 62 -31.52 -17.63 -20.59
C PHE B 62 -31.23 -17.23 -19.15
N SER B 63 -30.37 -17.98 -18.49
CA SER B 63 -29.93 -17.66 -17.14
C SER B 63 -28.49 -18.12 -16.97
N GLY B 64 -27.80 -17.50 -16.02
CA GLY B 64 -26.42 -17.84 -15.75
C GLY B 64 -26.18 -17.97 -14.26
N SER B 65 -25.14 -18.75 -13.93
CA SER B 65 -24.75 -18.94 -12.54
C SER B 65 -23.29 -19.35 -12.51
N GLY B 66 -22.67 -19.12 -11.37
CA GLY B 66 -21.27 -19.47 -11.18
C GLY B 66 -20.62 -18.56 -10.17
N SER B 67 -19.40 -18.94 -9.79
CA SER B 67 -18.62 -18.18 -8.82
C SER B 67 -17.21 -18.74 -8.73
N GLY B 68 -16.21 -17.88 -8.86
CA GLY B 68 -14.82 -18.30 -8.76
C GLY B 68 -14.23 -18.72 -10.08
N THR B 69 -14.24 -20.03 -10.35
CA THR B 69 -13.65 -20.57 -11.57
C THR B 69 -14.65 -21.28 -12.47
N ASP B 70 -15.75 -21.79 -11.93
CA ASP B 70 -16.73 -22.56 -12.68
C ASP B 70 -17.98 -21.72 -12.88
N PHE B 71 -18.38 -21.55 -14.14
CA PHE B 71 -19.57 -20.77 -14.48
C PHE B 71 -20.38 -21.54 -15.51
N THR B 72 -21.70 -21.38 -15.43
CA THR B 72 -22.63 -22.14 -16.26
C THR B 72 -23.64 -21.20 -16.91
N LEU B 73 -23.90 -21.43 -18.19
CA LEU B 73 -24.98 -20.80 -18.92
C LEU B 73 -26.02 -21.88 -19.24
N THR B 74 -27.26 -21.66 -18.83
CA THR B 74 -28.33 -22.62 -19.03
C THR B 74 -29.43 -22.01 -19.87
N ILE B 75 -29.93 -22.78 -20.82
CA ILE B 75 -31.09 -22.41 -21.64
C ILE B 75 -32.16 -23.45 -21.36
N SER B 76 -33.20 -23.06 -20.63
CA SER B 76 -34.25 -23.98 -20.21
C SER B 76 -34.85 -24.71 -21.41
N SER B 77 -35.53 -23.99 -22.28
CA SER B 77 -36.15 -24.55 -23.48
C SER B 77 -35.53 -23.90 -24.70
N LEU B 78 -34.83 -24.70 -25.50
CA LEU B 78 -34.18 -24.17 -26.69
C LEU B 78 -35.21 -23.77 -27.74
N GLU B 79 -35.12 -22.53 -28.21
CA GLU B 79 -35.89 -22.07 -29.34
C GLU B 79 -35.05 -22.12 -30.60
N PRO B 80 -35.67 -22.21 -31.78
CA PRO B 80 -34.87 -22.28 -33.01
C PRO B 80 -33.90 -21.12 -33.18
N GLU B 81 -34.25 -19.94 -32.66
CA GLU B 81 -33.38 -18.77 -32.79
C GLU B 81 -32.20 -18.80 -31.81
N ASP B 82 -32.15 -19.75 -30.90
CA ASP B 82 -31.10 -19.81 -29.89
C ASP B 82 -29.86 -20.54 -30.36
N PHE B 83 -29.94 -21.30 -31.45
CA PHE B 83 -28.80 -22.05 -31.94
C PHE B 83 -27.79 -21.10 -32.56
N ALA B 84 -26.65 -20.93 -31.90
CA ALA B 84 -25.60 -20.01 -32.34
C ALA B 84 -24.32 -20.29 -31.56
N VAL B 85 -23.40 -19.34 -31.55
CA VAL B 85 -22.16 -19.45 -30.79
C VAL B 85 -22.30 -18.60 -29.53
N TYR B 86 -21.73 -19.10 -28.43
CA TYR B 86 -21.81 -18.43 -27.14
C TYR B 86 -20.41 -18.31 -26.55
N TYR B 87 -20.04 -17.09 -26.18
CA TYR B 87 -18.72 -16.81 -25.61
C TYR B 87 -18.87 -16.33 -24.17
N CYS B 88 -17.87 -16.63 -23.35
CA CYS B 88 -17.76 -16.07 -22.01
C CYS B 88 -16.48 -15.26 -21.90
N GLN B 89 -16.58 -14.10 -21.27
CA GLN B 89 -15.41 -13.28 -20.96
C GLN B 89 -15.38 -13.00 -19.47
N GLN B 90 -14.17 -12.85 -18.94
CA GLN B 90 -13.96 -12.41 -17.57
C GLN B 90 -13.57 -10.94 -17.58
N SER B 91 -14.04 -10.21 -16.58
CA SER B 91 -13.86 -8.78 -16.51
C SER B 91 -13.06 -8.33 -15.28
N ASN B 92 -12.66 -9.26 -14.41
CA ASN B 92 -12.08 -8.91 -13.14
C ASN B 92 -10.57 -8.66 -13.20
N LYS B 93 -9.89 -9.18 -14.22
CA LYS B 93 -8.44 -9.08 -14.29
C LYS B 93 -8.00 -8.72 -15.70
N TRP B 94 -6.92 -7.94 -15.77
CA TRP B 94 -6.35 -7.42 -17.02
C TRP B 94 -5.13 -8.23 -17.43
N PRO B 95 -4.95 -8.55 -18.72
CA PRO B 95 -5.85 -8.23 -19.83
C PRO B 95 -7.12 -9.08 -19.81
N PHE B 96 -8.20 -8.56 -20.38
CA PHE B 96 -9.48 -9.23 -20.36
C PHE B 96 -9.58 -10.21 -21.52
N THR B 97 -10.03 -11.43 -21.22
CA THR B 97 -9.99 -12.52 -22.17
C THR B 97 -11.38 -13.09 -22.40
N PHE B 98 -11.54 -13.72 -23.57
CA PHE B 98 -12.74 -14.45 -23.94
C PHE B 98 -12.43 -15.95 -23.97
N GLY B 99 -13.49 -16.75 -23.90
CA GLY B 99 -13.36 -18.16 -24.19
C GLY B 99 -13.31 -18.43 -25.67
N GLN B 100 -13.03 -19.68 -26.03
CA GLN B 100 -13.02 -20.04 -27.44
C GLN B 100 -14.41 -20.14 -28.04
N GLY B 101 -15.44 -20.25 -27.20
CA GLY B 101 -16.81 -20.29 -27.65
C GLY B 101 -17.38 -21.69 -27.63
N THR B 102 -18.70 -21.76 -27.73
CA THR B 102 -19.45 -23.00 -27.82
C THR B 102 -20.46 -22.88 -28.94
N LYS B 103 -20.34 -23.73 -29.95
CA LYS B 103 -21.27 -23.73 -31.07
C LYS B 103 -22.45 -24.63 -30.73
N LEU B 104 -23.66 -24.05 -30.74
CA LEU B 104 -24.87 -24.77 -30.39
C LEU B 104 -25.59 -25.15 -31.67
N GLU B 105 -25.54 -26.44 -32.02
CA GLU B 105 -26.03 -26.95 -33.28
C GLU B 105 -27.35 -27.68 -33.09
N ILE B 106 -28.23 -27.57 -34.08
CA ILE B 106 -29.47 -28.32 -34.09
C ILE B 106 -29.17 -29.79 -34.36
N LYS B 107 -29.73 -30.68 -33.54
CA LYS B 107 -29.53 -32.11 -33.69
C LYS B 107 -30.71 -32.72 -34.44
N ARG B 108 -30.40 -33.46 -35.51
CA ARG B 108 -31.42 -34.14 -36.30
C ARG B 108 -30.94 -35.56 -36.58
N THR B 109 -31.73 -36.29 -37.37
CA THR B 109 -31.38 -37.65 -37.72
C THR B 109 -30.30 -37.67 -38.79
N VAL B 110 -29.56 -38.78 -38.84
CA VAL B 110 -28.48 -38.91 -39.81
C VAL B 110 -29.05 -38.83 -41.22
N ALA B 111 -28.49 -37.95 -42.03
CA ALA B 111 -28.89 -37.76 -43.42
C ALA B 111 -27.68 -38.00 -44.31
N ALA B 112 -27.79 -38.98 -45.21
CA ALA B 112 -26.69 -39.29 -46.10
C ALA B 112 -26.54 -38.19 -47.15
N PRO B 113 -25.31 -37.94 -47.62
CA PRO B 113 -25.11 -36.91 -48.63
C PRO B 113 -25.41 -37.41 -50.04
N SER B 114 -25.77 -36.47 -50.91
CA SER B 114 -25.91 -36.72 -52.33
C SER B 114 -24.60 -36.29 -52.99
N VAL B 115 -23.82 -37.28 -53.43
CA VAL B 115 -22.48 -37.03 -53.94
C VAL B 115 -22.57 -36.74 -55.44
N PHE B 116 -21.92 -35.66 -55.86
CA PHE B 116 -21.86 -35.27 -57.26
C PHE B 116 -20.45 -34.83 -57.59
N ILE B 117 -19.97 -35.21 -58.77
CA ILE B 117 -18.64 -34.85 -59.24
C ILE B 117 -18.78 -34.08 -60.55
N PHE B 118 -17.90 -33.11 -60.75
CA PHE B 118 -17.99 -32.21 -61.90
C PHE B 118 -16.60 -32.06 -62.53
N PRO B 119 -16.48 -32.20 -63.85
CA PRO B 119 -15.17 -32.05 -64.49
C PRO B 119 -14.86 -30.60 -64.76
N PRO B 120 -13.63 -30.28 -65.15
CA PRO B 120 -13.25 -28.88 -65.41
C PRO B 120 -14.00 -28.33 -66.61
N SER B 121 -13.93 -27.01 -66.74
CA SER B 121 -14.52 -26.30 -67.86
C SER B 121 -13.52 -26.14 -68.99
N ASP B 122 -14.03 -26.13 -70.22
CA ASP B 122 -13.16 -25.88 -71.37
C ASP B 122 -12.51 -24.50 -71.25
N GLU B 123 -13.24 -23.50 -70.76
CA GLU B 123 -12.66 -22.18 -70.56
C GLU B 123 -11.45 -22.25 -69.64
N GLN B 124 -11.58 -23.00 -68.53
CA GLN B 124 -10.49 -23.10 -67.57
C GLN B 124 -9.42 -24.08 -68.06
N LEU B 125 -9.83 -25.16 -68.73
CA LEU B 125 -8.87 -26.16 -69.20
C LEU B 125 -7.73 -25.50 -69.97
N LYS B 126 -8.07 -24.59 -70.88
CA LYS B 126 -7.04 -23.88 -71.65
C LYS B 126 -6.42 -22.73 -70.86
N SER B 127 -7.11 -22.22 -69.84
CA SER B 127 -6.62 -21.08 -69.06
C SER B 127 -5.87 -21.58 -67.83
N GLY B 128 -4.71 -22.19 -68.09
CA GLY B 128 -3.81 -22.60 -67.03
C GLY B 128 -4.19 -23.90 -66.33
N THR B 129 -4.90 -23.80 -65.21
CA THR B 129 -5.15 -24.95 -64.34
C THR B 129 -6.49 -25.58 -64.69
N ALA B 130 -6.92 -26.54 -63.85
CA ALA B 130 -8.18 -27.23 -64.04
C ALA B 130 -8.75 -27.59 -62.68
N SER B 131 -10.06 -27.42 -62.52
CA SER B 131 -10.74 -27.60 -61.24
C SER B 131 -11.74 -28.74 -61.34
N VAL B 132 -11.61 -29.71 -60.45
CA VAL B 132 -12.56 -30.81 -60.31
C VAL B 132 -13.26 -30.65 -58.96
N VAL B 133 -14.59 -30.57 -58.99
CA VAL B 133 -15.39 -30.30 -57.80
C VAL B 133 -16.17 -31.53 -57.41
N CYS B 134 -16.31 -31.75 -56.10
CA CYS B 134 -17.10 -32.85 -55.56
C CYS B 134 -18.07 -32.28 -54.53
N LEU B 135 -19.36 -32.43 -54.77
CA LEU B 135 -20.40 -31.82 -53.95
C LEU B 135 -21.03 -32.88 -53.05
N LEU B 136 -21.08 -32.58 -51.75
CA LEU B 136 -21.84 -33.36 -50.78
C LEU B 136 -23.02 -32.49 -50.33
N ASN B 137 -24.22 -32.86 -50.77
CA ASN B 137 -25.39 -32.00 -50.62
C ASN B 137 -26.28 -32.48 -49.48
N ASN B 138 -26.64 -31.54 -48.60
CA ASN B 138 -27.61 -31.76 -47.53
C ASN B 138 -27.37 -33.07 -46.79
N PHE B 139 -26.49 -33.05 -45.79
CA PHE B 139 -26.20 -34.24 -45.01
C PHE B 139 -26.01 -33.85 -43.55
N TYR B 140 -26.10 -34.85 -42.67
CA TYR B 140 -25.90 -34.66 -41.24
C TYR B 140 -25.49 -35.99 -40.66
N PRO B 141 -24.53 -36.03 -39.71
CA PRO B 141 -23.82 -34.91 -39.09
C PRO B 141 -22.81 -34.24 -40.01
N ARG B 142 -22.07 -33.27 -39.46
CA ARG B 142 -21.18 -32.44 -40.28
C ARG B 142 -19.93 -33.19 -40.72
N GLU B 143 -19.50 -34.19 -39.93
CA GLU B 143 -18.23 -34.85 -40.21
C GLU B 143 -18.36 -35.74 -41.44
N ALA B 144 -17.46 -35.55 -42.39
CA ALA B 144 -17.43 -36.36 -43.60
C ALA B 144 -15.99 -36.43 -44.11
N LYS B 145 -15.71 -37.48 -44.87
CA LYS B 145 -14.38 -37.74 -45.40
C LYS B 145 -14.46 -37.78 -46.91
N VAL B 146 -13.75 -36.86 -47.57
CA VAL B 146 -13.64 -36.82 -49.01
C VAL B 146 -12.21 -37.18 -49.39
N GLN B 147 -12.07 -38.06 -50.37
CA GLN B 147 -10.75 -38.52 -50.81
C GLN B 147 -10.72 -38.58 -52.33
N TRP B 148 -9.73 -37.92 -52.93
CA TRP B 148 -9.56 -37.92 -54.38
C TRP B 148 -8.62 -39.06 -54.78
N LYS B 149 -9.02 -39.80 -55.82
CA LYS B 149 -8.23 -40.90 -56.34
C LYS B 149 -8.02 -40.70 -57.83
N VAL B 150 -6.74 -40.74 -58.25
CA VAL B 150 -6.37 -40.62 -59.66
C VAL B 150 -5.69 -41.92 -60.06
N ASP B 151 -6.28 -42.62 -61.04
CA ASP B 151 -5.77 -43.93 -61.47
C ASP B 151 -5.52 -44.83 -60.28
N ASN B 152 -6.49 -44.86 -59.36
CA ASN B 152 -6.45 -45.63 -58.13
C ASN B 152 -5.47 -45.08 -57.12
N ALA B 153 -4.73 -44.03 -57.44
CA ALA B 153 -3.78 -43.41 -56.53
C ALA B 153 -4.44 -42.22 -55.85
N LEU B 154 -4.47 -42.23 -54.51
CA LEU B 154 -5.11 -41.16 -53.77
C LEU B 154 -4.39 -39.83 -54.04
N GLN B 155 -4.98 -38.76 -53.51
CA GLN B 155 -4.42 -37.42 -53.65
C GLN B 155 -4.60 -36.67 -52.33
N SER B 156 -3.70 -35.73 -52.08
CA SER B 156 -3.78 -34.88 -50.90
C SER B 156 -2.79 -33.74 -51.06
N GLY B 157 -3.07 -32.64 -50.37
CA GLY B 157 -2.30 -31.43 -50.49
C GLY B 157 -2.64 -30.57 -51.70
N ASN B 158 -3.38 -31.12 -52.66
CA ASN B 158 -3.81 -30.38 -53.85
C ASN B 158 -5.32 -30.22 -53.89
N SER B 159 -5.97 -30.24 -52.72
CA SER B 159 -7.41 -30.09 -52.65
C SER B 159 -7.79 -29.29 -51.42
N GLN B 160 -8.92 -28.60 -51.49
CA GLN B 160 -9.44 -27.79 -50.40
C GLN B 160 -10.94 -27.96 -50.29
N GLU B 161 -11.43 -27.93 -49.06
CA GLU B 161 -12.85 -28.13 -48.77
C GLU B 161 -13.48 -26.82 -48.29
N SER B 162 -14.82 -26.83 -48.27
CA SER B 162 -15.59 -25.71 -47.78
C SER B 162 -16.95 -26.24 -47.35
N VAL B 163 -17.41 -25.84 -46.17
CA VAL B 163 -18.64 -26.35 -45.58
C VAL B 163 -19.57 -25.18 -45.30
N THR B 164 -20.85 -25.37 -45.64
CA THR B 164 -21.86 -24.35 -45.39
C THR B 164 -22.30 -24.39 -43.93
N GLU B 165 -22.97 -23.31 -43.51
CA GLU B 165 -23.59 -23.29 -42.20
C GLU B 165 -24.84 -24.16 -42.21
N GLN B 166 -25.19 -24.66 -41.03
CA GLN B 166 -26.34 -25.56 -40.90
C GLN B 166 -27.58 -24.90 -41.49
N ASP B 167 -28.24 -25.62 -42.40
CA ASP B 167 -29.39 -25.05 -43.10
C ASP B 167 -30.52 -24.75 -42.12
N SER B 168 -31.32 -23.73 -42.46
CA SER B 168 -32.38 -23.27 -41.57
C SER B 168 -33.65 -24.12 -41.67
N LYS B 169 -33.86 -24.82 -42.78
CA LYS B 169 -35.09 -25.56 -43.00
C LYS B 169 -34.97 -27.05 -42.68
N ASP B 170 -33.85 -27.67 -43.05
CA ASP B 170 -33.64 -29.10 -42.81
C ASP B 170 -32.47 -29.40 -41.88
N SER B 171 -31.75 -28.38 -41.43
CA SER B 171 -30.68 -28.56 -40.44
C SER B 171 -29.56 -29.45 -40.96
N THR B 172 -29.34 -29.47 -42.27
CA THR B 172 -28.28 -30.26 -42.87
C THR B 172 -27.10 -29.38 -43.24
N TYR B 173 -26.02 -30.02 -43.67
CA TYR B 173 -24.81 -29.36 -44.11
C TYR B 173 -24.55 -29.68 -45.58
N SER B 174 -23.51 -29.06 -46.12
CA SER B 174 -23.10 -29.30 -47.50
C SER B 174 -21.62 -29.00 -47.63
N LEU B 175 -20.90 -29.87 -48.33
CA LEU B 175 -19.46 -29.77 -48.48
C LEU B 175 -19.10 -29.79 -49.95
N SER B 176 -18.13 -28.94 -50.33
CA SER B 176 -17.63 -28.89 -51.70
C SER B 176 -16.12 -28.99 -51.66
N SER B 177 -15.59 -30.11 -52.13
CA SER B 177 -14.15 -30.33 -52.20
C SER B 177 -13.69 -30.13 -53.64
N THR B 178 -12.63 -29.34 -53.81
CA THR B 178 -12.14 -28.97 -55.13
C THR B 178 -10.72 -29.50 -55.31
N LEU B 179 -10.50 -30.26 -56.39
CA LEU B 179 -9.19 -30.77 -56.73
C LEU B 179 -8.59 -29.89 -57.81
N THR B 180 -7.62 -29.05 -57.42
CA THR B 180 -6.99 -28.12 -58.33
C THR B 180 -5.66 -28.70 -58.80
N LEU B 181 -5.45 -28.68 -60.11
CA LEU B 181 -4.21 -29.19 -60.69
C LEU B 181 -4.05 -28.62 -62.09
N SER B 182 -2.81 -28.57 -62.55
CA SER B 182 -2.49 -27.95 -63.82
C SER B 182 -3.09 -28.75 -64.98
N LYS B 183 -3.25 -28.07 -66.12
CA LYS B 183 -3.71 -28.74 -67.33
C LYS B 183 -2.78 -29.89 -67.70
N ALA B 184 -1.48 -29.70 -67.54
CA ALA B 184 -0.53 -30.75 -67.85
C ALA B 184 -0.81 -32.01 -67.04
N ASP B 185 -0.82 -31.87 -65.71
CA ASP B 185 -1.13 -33.03 -64.86
C ASP B 185 -2.50 -33.60 -65.19
N TYR B 186 -3.47 -32.73 -65.51
CA TYR B 186 -4.79 -33.21 -65.86
C TYR B 186 -4.77 -34.05 -67.13
N GLU B 187 -3.91 -33.72 -68.08
CA GLU B 187 -3.79 -34.44 -69.35
C GLU B 187 -2.66 -35.47 -69.30
N LYS B 188 -2.67 -36.32 -68.28
CA LYS B 188 -1.76 -37.45 -68.22
C LYS B 188 -2.25 -38.52 -67.25
N HIS B 189 -3.52 -38.46 -66.86
CA HIS B 189 -4.15 -39.47 -66.04
C HIS B 189 -5.59 -39.65 -66.49
N LYS B 190 -6.08 -40.89 -66.38
CA LYS B 190 -7.38 -41.25 -66.98
C LYS B 190 -8.54 -40.97 -66.03
N VAL B 191 -8.66 -41.77 -64.98
CA VAL B 191 -9.83 -41.73 -64.10
C VAL B 191 -9.60 -40.69 -63.00
N TYR B 192 -10.65 -39.93 -62.71
CA TYR B 192 -10.64 -38.96 -61.61
C TYR B 192 -11.87 -39.26 -60.74
N ALA B 193 -11.62 -39.71 -59.51
CA ALA B 193 -12.68 -40.20 -58.64
C ALA B 193 -12.75 -39.38 -57.36
N CYS B 194 -13.96 -39.28 -56.82
CA CYS B 194 -14.21 -38.69 -55.51
C CYS B 194 -14.85 -39.76 -54.64
N GLU B 195 -14.19 -40.09 -53.53
CA GLU B 195 -14.69 -41.10 -52.60
C GLU B 195 -15.21 -40.40 -51.36
N VAL B 196 -16.48 -40.66 -51.02
CA VAL B 196 -17.15 -40.01 -49.91
C VAL B 196 -17.54 -41.07 -48.90
N THR B 197 -17.14 -40.86 -47.64
CA THR B 197 -17.56 -41.72 -46.54
C THR B 197 -18.33 -40.88 -45.53
N HIS B 198 -19.43 -41.43 -45.02
CA HIS B 198 -20.29 -40.69 -44.11
C HIS B 198 -21.12 -41.68 -43.31
N GLN B 199 -21.57 -41.22 -42.13
CA GLN B 199 -22.34 -42.10 -41.25
C GLN B 199 -23.60 -42.62 -41.93
N GLY B 200 -24.23 -41.79 -42.75
CA GLY B 200 -25.45 -42.18 -43.43
C GLY B 200 -25.25 -43.15 -44.57
N LEU B 201 -24.01 -43.36 -44.99
CA LEU B 201 -23.69 -44.27 -46.09
C LEU B 201 -23.29 -45.62 -45.53
N SER B 202 -23.85 -46.69 -46.09
CA SER B 202 -23.44 -48.04 -45.68
C SER B 202 -21.99 -48.30 -46.03
N SER B 203 -21.55 -47.81 -47.19
CA SER B 203 -20.16 -47.96 -47.63
C SER B 203 -19.78 -46.71 -48.40
N PRO B 204 -18.47 -46.43 -48.52
CA PRO B 204 -18.05 -45.22 -49.23
C PRO B 204 -18.61 -45.17 -50.64
N VAL B 205 -19.15 -44.01 -51.00
CA VAL B 205 -19.63 -43.75 -52.35
C VAL B 205 -18.49 -43.21 -53.18
N THR B 206 -18.39 -43.66 -54.43
CA THR B 206 -17.29 -43.30 -55.33
C THR B 206 -17.87 -42.85 -56.66
N LYS B 207 -18.06 -41.54 -56.80
CA LYS B 207 -18.45 -40.94 -58.08
C LYS B 207 -17.20 -40.52 -58.84
N SER B 208 -17.13 -40.87 -60.11
CA SER B 208 -15.92 -40.65 -60.89
C SER B 208 -16.29 -40.50 -62.36
N PHE B 209 -15.30 -40.02 -63.13
CA PHE B 209 -15.43 -39.94 -64.58
C PHE B 209 -14.05 -40.12 -65.19
N ASN B 210 -14.04 -40.32 -66.51
CA ASN B 210 -12.81 -40.31 -67.29
C ASN B 210 -12.77 -39.00 -68.09
N ARG B 211 -11.58 -38.67 -68.59
CA ARG B 211 -11.34 -37.39 -69.25
C ARG B 211 -12.55 -36.89 -70.03
N GLY B 212 -13.51 -36.31 -69.31
CA GLY B 212 -14.70 -35.69 -69.87
C GLY B 212 -15.07 -36.08 -71.29
N GLU B 213 -15.98 -37.03 -71.43
CA GLU B 213 -16.55 -37.39 -72.73
C GLU B 213 -17.79 -38.24 -72.47
N CYS B 214 -18.46 -38.63 -73.55
CA CYS B 214 -19.65 -39.45 -73.45
C CYS B 214 -19.70 -40.47 -74.60
N GLN C 1 -32.26 5.26 -32.26
CA GLN C 1 -31.83 5.05 -30.85
C GLN C 1 -30.29 4.99 -30.78
N VAL C 2 -29.76 4.00 -30.07
CA VAL C 2 -28.31 3.87 -29.91
C VAL C 2 -27.74 3.17 -31.14
N GLN C 3 -26.66 3.73 -31.68
CA GLN C 3 -26.03 3.17 -32.87
C GLN C 3 -24.52 3.39 -32.79
N LEU C 4 -23.78 2.42 -33.32
CA LEU C 4 -22.33 2.54 -33.48
C LEU C 4 -22.01 2.22 -34.94
N VAL C 5 -21.80 3.26 -35.74
CA VAL C 5 -21.56 3.12 -37.17
C VAL C 5 -20.06 3.18 -37.43
N GLN C 6 -19.52 2.10 -37.98
CA GLN C 6 -18.09 1.96 -38.17
C GLN C 6 -17.72 2.15 -39.64
N SER C 7 -16.43 2.43 -39.86
CA SER C 7 -15.89 2.66 -41.19
C SER C 7 -16.23 1.51 -42.14
N GLY C 8 -15.94 1.70 -43.43
CA GLY C 8 -16.15 0.64 -44.40
C GLY C 8 -14.98 -0.33 -44.44
N ALA C 9 -15.22 -1.46 -45.11
CA ALA C 9 -14.19 -2.48 -45.22
C ALA C 9 -12.91 -1.89 -45.80
N GLU C 10 -11.78 -2.31 -45.25
CA GLU C 10 -10.47 -1.80 -45.63
C GLU C 10 -9.60 -2.94 -46.16
N VAL C 11 -8.65 -2.58 -47.03
CA VAL C 11 -7.75 -3.55 -47.65
C VAL C 11 -6.39 -2.89 -47.80
N LYS C 12 -5.42 -3.31 -47.00
CA LYS C 12 -4.08 -2.74 -47.01
C LYS C 12 -3.06 -3.85 -47.23
N LYS C 13 -1.90 -3.45 -47.75
CA LYS C 13 -0.79 -4.38 -47.91
C LYS C 13 0.00 -4.48 -46.61
N PRO C 14 0.77 -5.55 -46.43
CA PRO C 14 1.57 -5.67 -45.21
C PRO C 14 2.52 -4.50 -45.03
N GLY C 15 2.53 -3.94 -43.82
CA GLY C 15 3.38 -2.82 -43.49
C GLY C 15 2.60 -1.53 -43.35
N ALA C 16 1.60 -1.31 -44.20
CA ALA C 16 0.81 -0.09 -44.17
C ALA C 16 0.01 0.00 -42.88
N SER C 17 -0.78 1.05 -42.74
CA SER C 17 -1.61 1.26 -41.56
C SER C 17 -3.05 1.50 -42.00
N VAL C 18 -3.96 1.50 -41.04
CA VAL C 18 -5.38 1.72 -41.30
C VAL C 18 -6.02 2.29 -40.05
N LYS C 19 -6.98 3.19 -40.24
CA LYS C 19 -7.73 3.79 -39.14
C LYS C 19 -9.21 3.53 -39.35
N VAL C 20 -9.81 2.79 -38.42
CA VAL C 20 -11.23 2.49 -38.43
C VAL C 20 -11.95 3.50 -37.54
N SER C 21 -13.12 3.95 -37.97
CA SER C 21 -13.91 4.91 -37.22
C SER C 21 -15.08 4.21 -36.54
N CYS C 22 -15.72 4.93 -35.62
CA CYS C 22 -16.83 4.38 -34.85
C CYS C 22 -17.61 5.57 -34.28
N LYS C 23 -18.63 6.00 -35.01
CA LYS C 23 -19.44 7.16 -34.62
C LYS C 23 -20.60 6.68 -33.74
N ALA C 24 -20.69 7.24 -32.54
CA ALA C 24 -21.72 6.90 -31.57
C ALA C 24 -22.80 7.99 -31.56
N SER C 25 -24.05 7.56 -31.49
CA SER C 25 -25.17 8.49 -31.41
C SER C 25 -26.33 7.81 -30.68
N GLY C 26 -27.17 8.63 -30.05
CA GLY C 26 -28.31 8.15 -29.33
C GLY C 26 -28.14 8.02 -27.84
N TYR C 27 -26.97 8.38 -27.31
CA TYR C 27 -26.72 8.31 -25.88
C TYR C 27 -25.63 9.31 -25.52
N PRO C 28 -25.54 9.74 -24.25
CA PRO C 28 -24.43 10.61 -23.84
C PRO C 28 -23.09 9.95 -24.13
N PHE C 29 -22.40 10.42 -25.18
CA PHE C 29 -21.14 9.81 -25.58
C PHE C 29 -20.13 9.78 -24.43
N THR C 30 -20.13 10.81 -23.59
CA THR C 30 -19.12 10.93 -22.55
C THR C 30 -19.39 10.03 -21.35
N ASN C 31 -20.46 9.22 -21.37
CA ASN C 31 -20.80 8.36 -20.25
C ASN C 31 -20.37 6.92 -20.44
N TYR C 32 -19.94 6.53 -21.64
CA TYR C 32 -19.61 5.15 -21.95
C TYR C 32 -18.19 5.07 -22.49
N PHE C 33 -17.42 4.11 -21.98
CA PHE C 33 -16.11 3.82 -22.55
C PHE C 33 -16.29 3.15 -23.90
N MET C 34 -15.36 3.43 -24.82
CA MET C 34 -15.33 2.80 -26.12
C MET C 34 -14.26 1.73 -26.14
N HIS C 35 -14.67 0.48 -26.35
CA HIS C 35 -13.76 -0.65 -26.43
C HIS C 35 -13.63 -1.09 -27.87
N TRP C 36 -12.57 -1.86 -28.14
CA TRP C 36 -12.32 -2.42 -29.46
C TRP C 36 -11.94 -3.89 -29.32
N VAL C 37 -12.44 -4.71 -30.25
CA VAL C 37 -12.27 -6.15 -30.19
C VAL C 37 -11.96 -6.66 -31.59
N ARG C 38 -11.06 -7.63 -31.67
CA ARG C 38 -10.74 -8.31 -32.91
C ARG C 38 -11.42 -9.67 -32.97
N GLN C 39 -11.57 -10.19 -34.18
CA GLN C 39 -12.11 -11.54 -34.37
C GLN C 39 -11.59 -12.06 -35.71
N ALA C 40 -10.50 -12.82 -35.66
CA ALA C 40 -9.97 -13.42 -36.88
C ALA C 40 -10.90 -14.53 -37.36
N PRO C 41 -10.89 -14.82 -38.67
CA PRO C 41 -11.81 -15.84 -39.21
C PRO C 41 -11.75 -17.16 -38.45
N GLY C 42 -12.84 -17.50 -37.76
CA GLY C 42 -12.91 -18.77 -37.06
C GLY C 42 -12.11 -18.84 -35.78
N GLN C 43 -11.91 -17.71 -35.11
CA GLN C 43 -11.17 -17.68 -33.86
C GLN C 43 -11.97 -16.91 -32.81
N ARG C 44 -11.45 -16.90 -31.59
CA ARG C 44 -12.15 -16.26 -30.48
C ARG C 44 -12.06 -14.74 -30.60
N LEU C 45 -12.83 -14.07 -29.75
CA LEU C 45 -12.77 -12.63 -29.65
C LEU C 45 -11.57 -12.22 -28.80
N GLU C 46 -10.89 -11.15 -29.23
CA GLU C 46 -9.68 -10.69 -28.55
C GLU C 46 -9.85 -9.22 -28.22
N TRP C 47 -9.84 -8.89 -26.93
CA TRP C 47 -9.94 -7.50 -26.50
C TRP C 47 -8.68 -6.75 -26.95
N ILE C 48 -8.88 -5.70 -27.75
CA ILE C 48 -7.75 -4.89 -28.21
C ILE C 48 -7.38 -3.84 -27.17
N GLY C 49 -8.37 -3.06 -26.75
CA GLY C 49 -8.13 -1.96 -25.84
C GLY C 49 -9.36 -1.09 -25.73
N ARG C 50 -9.22 -0.03 -24.93
CA ARG C 50 -10.33 0.85 -24.62
C ARG C 50 -9.85 2.29 -24.59
N ILE C 51 -10.77 3.21 -24.85
CA ILE C 51 -10.55 4.63 -24.63
C ILE C 51 -11.79 5.20 -23.97
N ASN C 52 -11.60 6.14 -23.05
CA ASN C 52 -12.71 6.82 -22.42
C ASN C 52 -12.87 8.23 -22.97
N PRO C 53 -14.08 8.76 -23.06
CA PRO C 53 -14.24 10.17 -23.43
C PRO C 53 -13.79 11.09 -22.30
N TYR C 54 -13.84 12.40 -22.55
CA TYR C 54 -13.45 13.43 -21.59
C TYR C 54 -11.95 13.47 -21.34
N ASN C 55 -11.18 12.55 -21.92
CA ASN C 55 -9.74 12.50 -21.76
C ASN C 55 -9.24 11.32 -22.56
N GLY C 56 -7.97 11.40 -22.96
CA GLY C 56 -7.38 10.40 -23.83
C GLY C 56 -6.88 9.17 -23.10
N ALA C 57 -7.42 8.91 -21.91
CA ALA C 57 -7.00 7.75 -21.14
C ALA C 57 -7.31 6.47 -21.90
N THR C 58 -6.27 5.73 -22.25
CA THR C 58 -6.40 4.50 -23.02
C THR C 58 -5.74 3.34 -22.27
N SER C 59 -6.29 2.15 -22.49
CA SER C 59 -5.70 0.91 -21.98
C SER C 59 -5.79 -0.15 -23.06
N TYR C 60 -4.67 -0.76 -23.38
CA TYR C 60 -4.59 -1.74 -24.45
C TYR C 60 -4.27 -3.12 -23.90
N SER C 61 -4.61 -4.14 -24.69
CA SER C 61 -4.19 -5.50 -24.37
C SER C 61 -2.69 -5.64 -24.60
N LEU C 62 -2.10 -6.65 -23.95
CA LEU C 62 -0.67 -6.86 -24.06
C LEU C 62 -0.26 -7.16 -25.50
N ASN C 63 -1.05 -7.97 -26.21
CA ASN C 63 -0.72 -8.30 -27.59
C ASN C 63 -0.79 -7.08 -28.50
N PHE C 64 -1.70 -6.15 -28.21
CA PHE C 64 -1.93 -4.99 -29.07
C PHE C 64 -1.29 -3.72 -28.54
N ARG C 65 -0.51 -3.80 -27.45
CA ARG C 65 0.07 -2.60 -26.88
C ARG C 65 0.99 -1.89 -27.87
N ASP C 66 1.57 -2.64 -28.81
CA ASP C 66 2.46 -2.07 -29.82
C ASP C 66 1.77 -1.83 -31.16
N LYS C 67 0.79 -2.66 -31.52
CA LYS C 67 0.23 -2.63 -32.86
C LYS C 67 -0.93 -1.65 -33.01
N ALA C 68 -1.67 -1.39 -31.93
CA ALA C 68 -2.88 -0.59 -32.01
C ALA C 68 -2.71 0.74 -31.27
N THR C 69 -3.55 1.71 -31.65
CA THR C 69 -3.58 3.03 -31.03
C THR C 69 -4.99 3.56 -31.15
N ILE C 70 -5.63 3.81 -30.01
CA ILE C 70 -7.03 4.25 -29.97
C ILE C 70 -7.07 5.72 -29.63
N THR C 71 -7.80 6.49 -30.45
CA THR C 71 -8.04 7.90 -30.21
C THR C 71 -9.50 8.20 -30.50
N LEU C 72 -9.95 9.38 -30.10
CA LEU C 72 -11.35 9.75 -30.28
C LEU C 72 -11.44 11.20 -30.73
N ASP C 73 -12.59 11.53 -31.31
CA ASP C 73 -12.96 12.89 -31.67
C ASP C 73 -14.21 13.23 -30.87
N LYS C 74 -14.01 13.67 -29.62
CA LYS C 74 -15.14 13.92 -28.73
C LYS C 74 -16.11 14.93 -29.34
N SER C 75 -15.60 15.88 -30.12
CA SER C 75 -16.47 16.86 -30.75
C SER C 75 -17.51 16.20 -31.66
N ALA C 76 -17.15 15.09 -32.28
CA ALA C 76 -18.06 14.36 -33.17
C ALA C 76 -18.59 13.07 -32.54
N SER C 77 -18.15 12.73 -31.33
CA SER C 77 -18.60 11.52 -30.66
C SER C 77 -18.20 10.28 -31.45
N THR C 78 -16.96 10.25 -31.93
CA THR C 78 -16.42 9.13 -32.68
C THR C 78 -15.18 8.59 -31.98
N ALA C 79 -14.80 7.37 -32.33
CA ALA C 79 -13.60 6.74 -31.81
C ALA C 79 -12.79 6.19 -32.98
N TYR C 80 -11.48 6.43 -32.96
CA TYR C 80 -10.59 6.00 -34.01
C TYR C 80 -9.68 4.88 -33.51
N MET C 81 -9.32 3.99 -34.43
CA MET C 81 -8.58 2.77 -34.11
C MET C 81 -7.53 2.57 -35.20
N GLU C 82 -6.27 2.82 -34.87
CA GLU C 82 -5.18 2.76 -35.83
C GLU C 82 -4.35 1.51 -35.61
N LEU C 83 -4.03 0.80 -36.69
CA LEU C 83 -3.14 -0.34 -36.67
C LEU C 83 -1.91 -0.03 -37.52
N SER C 84 -0.73 -0.29 -36.97
CA SER C 84 0.52 0.10 -37.63
C SER C 84 1.08 -1.05 -38.46
N SER C 85 2.16 -1.67 -37.99
CA SER C 85 2.84 -2.72 -38.76
C SER C 85 1.87 -3.83 -39.12
N LEU C 86 1.06 -3.61 -40.16
CA LEU C 86 0.04 -4.57 -40.53
C LEU C 86 0.67 -5.87 -41.00
N ARG C 87 0.24 -6.98 -40.41
CA ARG C 87 0.66 -8.32 -40.80
C ARG C 87 -0.53 -9.05 -41.40
N SER C 88 -0.22 -10.07 -42.22
CA SER C 88 -1.28 -10.86 -42.84
C SER C 88 -2.21 -11.46 -41.78
N GLU C 89 -1.66 -11.86 -40.64
CA GLU C 89 -2.45 -12.41 -39.56
C GLU C 89 -3.33 -11.38 -38.86
N ASP C 90 -3.23 -10.09 -39.25
CA ASP C 90 -4.15 -9.08 -38.74
C ASP C 90 -5.48 -9.05 -39.49
N THR C 91 -5.61 -9.83 -40.56
CA THR C 91 -6.89 -9.92 -41.26
C THR C 91 -7.96 -10.43 -40.31
N ALA C 92 -8.97 -9.60 -40.06
CA ALA C 92 -10.02 -9.95 -39.10
C ALA C 92 -11.11 -8.89 -39.20
N VAL C 93 -12.17 -9.10 -38.42
CA VAL C 93 -13.20 -8.09 -38.22
C VAL C 93 -12.86 -7.32 -36.95
N TYR C 94 -13.16 -6.03 -36.96
CA TYR C 94 -12.84 -5.16 -35.83
C TYR C 94 -14.12 -4.48 -35.36
N TYR C 95 -14.56 -4.82 -34.15
CA TYR C 95 -15.76 -4.27 -33.55
C TYR C 95 -15.41 -3.15 -32.58
N CYS C 96 -16.27 -2.15 -32.51
CA CYS C 96 -16.25 -1.17 -31.44
C CYS C 96 -17.51 -1.35 -30.60
N ALA C 97 -17.33 -1.38 -29.28
CA ALA C 97 -18.43 -1.57 -28.35
C ALA C 97 -18.32 -0.57 -27.21
N ARG C 98 -19.46 -0.20 -26.64
CA ARG C 98 -19.51 0.74 -25.53
C ARG C 98 -19.57 -0.02 -24.21
N SER C 99 -19.07 0.63 -23.16
CA SER C 99 -19.07 0.06 -21.83
C SER C 99 -19.24 1.17 -20.82
N THR C 100 -20.03 0.90 -19.77
CA THR C 100 -20.27 1.89 -18.73
C THR C 100 -19.08 2.07 -17.81
N ILE C 101 -18.14 1.11 -17.79
CA ILE C 101 -17.02 1.13 -16.88
C ILE C 101 -15.74 0.80 -17.65
N THR C 102 -14.61 0.89 -16.93
CA THR C 102 -13.32 0.57 -17.51
C THR C 102 -13.31 -0.83 -18.10
N SER C 103 -13.62 -1.83 -17.28
CA SER C 103 -13.53 -3.20 -17.74
C SER C 103 -14.61 -3.48 -18.81
N PRO C 104 -14.31 -4.36 -19.76
CA PRO C 104 -15.23 -4.54 -20.90
C PRO C 104 -16.54 -5.23 -20.52
N LEU C 105 -17.57 -4.44 -20.29
CA LEU C 105 -18.95 -4.90 -20.19
C LEU C 105 -19.66 -4.38 -21.45
N LEU C 106 -19.43 -5.07 -22.57
CA LEU C 106 -19.81 -4.57 -23.88
C LEU C 106 -21.29 -4.82 -24.11
N ASP C 107 -22.10 -3.81 -23.77
CA ASP C 107 -23.55 -3.95 -23.86
C ASP C 107 -24.08 -3.70 -25.26
N PHE C 108 -23.43 -2.83 -26.04
CA PHE C 108 -23.85 -2.55 -27.40
C PHE C 108 -22.63 -2.55 -28.32
N TRP C 109 -22.74 -3.29 -29.42
CA TRP C 109 -21.66 -3.45 -30.38
C TRP C 109 -22.00 -2.77 -31.70
N GLY C 110 -20.96 -2.60 -32.52
CA GLY C 110 -21.13 -2.12 -33.87
C GLY C 110 -21.16 -3.26 -34.88
N GLN C 111 -21.46 -2.90 -36.12
CA GLN C 111 -21.51 -3.89 -37.20
C GLN C 111 -20.15 -4.54 -37.43
N GLY C 112 -19.06 -3.89 -37.01
CA GLY C 112 -17.72 -4.40 -37.28
C GLY C 112 -17.20 -3.91 -38.62
N THR C 113 -15.88 -4.04 -38.78
CA THR C 113 -15.21 -3.67 -40.02
C THR C 113 -14.18 -4.73 -40.37
N LEU C 114 -14.19 -5.17 -41.62
CA LEU C 114 -13.27 -6.19 -42.09
C LEU C 114 -12.03 -5.51 -42.67
N VAL C 115 -10.87 -5.80 -42.08
CA VAL C 115 -9.59 -5.34 -42.59
C VAL C 115 -8.87 -6.55 -43.16
N THR C 116 -8.52 -6.49 -44.44
CA THR C 116 -7.87 -7.60 -45.14
C THR C 116 -6.44 -7.21 -45.45
N VAL C 117 -5.50 -8.04 -45.00
CA VAL C 117 -4.06 -7.77 -45.17
C VAL C 117 -3.48 -8.88 -46.03
N SER C 118 -2.96 -8.52 -47.20
CA SER C 118 -2.36 -9.49 -48.10
C SER C 118 -1.59 -8.74 -49.18
N SER C 119 -0.62 -9.45 -49.78
CA SER C 119 0.15 -8.89 -50.88
C SER C 119 -0.63 -8.89 -52.19
N ALA C 120 -1.67 -9.71 -52.30
CA ALA C 120 -2.44 -9.81 -53.54
C ALA C 120 -3.08 -8.46 -53.86
N SER C 121 -3.36 -8.27 -55.14
CA SER C 121 -3.98 -7.05 -55.65
C SER C 121 -5.38 -7.33 -56.13
N THR C 122 -6.18 -6.26 -56.21
CA THR C 122 -7.57 -6.39 -56.61
C THR C 122 -7.68 -7.08 -57.97
N LYS C 123 -8.49 -8.13 -58.03
CA LYS C 123 -8.74 -8.85 -59.27
C LYS C 123 -10.16 -9.39 -59.25
N GLY C 124 -10.79 -9.40 -60.42
CA GLY C 124 -12.16 -9.86 -60.54
C GLY C 124 -12.25 -11.37 -60.67
N PRO C 125 -13.40 -11.94 -60.32
CA PRO C 125 -13.54 -13.40 -60.38
C PRO C 125 -13.80 -13.91 -61.79
N SER C 126 -13.14 -15.02 -62.12
CA SER C 126 -13.36 -15.73 -63.37
C SER C 126 -14.30 -16.89 -63.11
N VAL C 127 -15.46 -16.88 -63.76
CA VAL C 127 -16.49 -17.89 -63.54
C VAL C 127 -16.30 -19.00 -64.55
N PHE C 128 -16.55 -20.24 -64.11
CA PHE C 128 -16.44 -21.41 -64.97
C PHE C 128 -17.64 -22.32 -64.73
N PRO C 129 -18.09 -23.05 -65.75
CA PRO C 129 -19.26 -23.93 -65.58
C PRO C 129 -19.08 -24.97 -64.49
N LEU C 130 -20.12 -25.80 -64.35
CA LEU C 130 -20.20 -26.83 -63.32
C LEU C 130 -21.53 -27.54 -63.49
N ALA C 131 -21.87 -27.88 -64.74
CA ALA C 131 -23.24 -28.24 -65.10
C ALA C 131 -23.36 -29.62 -65.76
N PRO C 132 -22.65 -30.66 -65.28
CA PRO C 132 -22.95 -32.02 -65.78
C PRO C 132 -24.39 -32.44 -65.52
N SER C 133 -24.74 -33.63 -66.01
CA SER C 133 -26.07 -34.21 -65.77
C SER C 133 -26.13 -35.62 -66.34
N SER C 134 -26.35 -36.60 -65.48
CA SER C 134 -26.43 -37.99 -65.90
C SER C 134 -27.01 -38.87 -64.78
N THR C 141 -32.78 -36.82 -59.26
CA THR C 141 -32.46 -35.41 -59.25
C THR C 141 -31.00 -35.18 -59.65
N ALA C 142 -30.76 -34.07 -60.35
CA ALA C 142 -29.42 -33.69 -60.79
C ALA C 142 -29.08 -32.31 -60.24
N ALA C 143 -27.79 -32.05 -60.07
CA ALA C 143 -27.30 -30.81 -59.49
C ALA C 143 -26.34 -30.13 -60.44
N LEU C 144 -26.48 -28.80 -60.54
CA LEU C 144 -25.65 -27.99 -61.42
C LEU C 144 -25.35 -26.67 -60.71
N GLY C 145 -24.24 -26.04 -61.11
CA GLY C 145 -23.83 -24.81 -60.46
C GLY C 145 -22.77 -24.02 -61.21
N CYS C 146 -21.98 -23.23 -60.49
CA CYS C 146 -20.89 -22.44 -61.07
C CYS C 146 -19.65 -22.59 -60.20
N LEU C 147 -18.54 -22.00 -60.67
CA LEU C 147 -17.27 -21.99 -59.95
C LEU C 147 -16.69 -20.58 -60.06
N VAL C 148 -16.86 -19.79 -59.01
CA VAL C 148 -16.33 -18.43 -58.97
C VAL C 148 -14.91 -18.52 -58.43
N LYS C 149 -13.92 -18.45 -59.31
CA LYS C 149 -12.54 -18.75 -58.97
C LYS C 149 -11.66 -17.52 -59.10
N ASP C 150 -10.59 -17.49 -58.29
CA ASP C 150 -9.56 -16.47 -58.36
C ASP C 150 -10.14 -15.06 -58.32
N TYR C 151 -10.24 -14.50 -57.11
CA TYR C 151 -10.64 -13.11 -56.95
C TYR C 151 -10.12 -12.60 -55.62
N PHE C 152 -9.92 -11.29 -55.54
CA PHE C 152 -9.44 -10.66 -54.32
C PHE C 152 -9.76 -9.18 -54.41
N PRO C 153 -10.19 -8.54 -53.31
CA PRO C 153 -10.48 -9.09 -51.99
C PRO C 153 -11.91 -9.58 -51.86
N GLU C 154 -12.28 -10.05 -50.67
CA GLU C 154 -13.65 -10.44 -50.41
C GLU C 154 -14.54 -9.20 -50.31
N PRO C 155 -15.86 -9.36 -50.42
CA PRO C 155 -16.61 -10.57 -50.75
C PRO C 155 -17.24 -10.53 -52.14
N VAL C 156 -17.96 -11.59 -52.51
CA VAL C 156 -18.75 -11.63 -53.73
C VAL C 156 -20.18 -12.03 -53.36
N THR C 157 -21.13 -11.59 -54.18
CA THR C 157 -22.55 -11.83 -53.94
C THR C 157 -23.08 -12.66 -55.11
N VAL C 158 -22.95 -13.98 -55.01
CA VAL C 158 -23.51 -14.88 -56.02
C VAL C 158 -25.00 -15.02 -55.78
N SER C 159 -25.77 -14.96 -56.86
CA SER C 159 -27.21 -15.16 -56.78
C SER C 159 -27.67 -15.76 -58.10
N TRP C 160 -28.81 -16.47 -58.04
CA TRP C 160 -29.31 -17.26 -59.16
C TRP C 160 -30.58 -16.64 -59.69
N ASN C 161 -30.50 -16.09 -60.92
CA ASN C 161 -31.66 -15.58 -61.63
C ASN C 161 -32.44 -14.56 -60.80
N SER C 162 -31.70 -13.77 -60.02
CA SER C 162 -32.27 -12.71 -59.20
C SER C 162 -33.06 -13.23 -58.01
N GLY C 163 -33.32 -14.54 -57.96
CA GLY C 163 -33.99 -15.14 -56.83
C GLY C 163 -35.39 -15.62 -57.11
N ALA C 164 -35.62 -16.20 -58.29
CA ALA C 164 -36.93 -16.77 -58.60
C ALA C 164 -37.14 -18.08 -57.86
N LEU C 165 -36.27 -19.05 -58.11
CA LEU C 165 -36.26 -20.32 -57.38
C LEU C 165 -34.94 -20.41 -56.63
N THR C 166 -35.00 -20.23 -55.31
CA THR C 166 -33.82 -20.25 -54.46
C THR C 166 -33.76 -21.46 -53.53
N SER C 167 -34.82 -22.26 -53.47
CA SER C 167 -34.79 -23.45 -52.62
C SER C 167 -33.73 -24.42 -53.14
N GLY C 168 -32.76 -24.74 -52.29
CA GLY C 168 -31.70 -25.66 -52.63
C GLY C 168 -30.39 -25.02 -53.02
N VAL C 169 -30.30 -23.69 -53.02
CA VAL C 169 -29.05 -23.03 -53.35
C VAL C 169 -28.06 -23.18 -52.20
N HIS C 170 -26.79 -23.37 -52.53
CA HIS C 170 -25.73 -23.49 -51.53
C HIS C 170 -24.50 -22.75 -52.06
N THR C 171 -24.35 -21.50 -51.64
CA THR C 171 -23.14 -20.72 -51.96
C THR C 171 -22.13 -20.95 -50.85
N PHE C 172 -21.10 -21.75 -51.15
CA PHE C 172 -20.15 -22.13 -50.13
C PHE C 172 -19.27 -20.95 -49.72
N PRO C 173 -18.76 -20.95 -48.49
CA PRO C 173 -17.82 -19.90 -48.09
C PRO C 173 -16.56 -19.93 -48.96
N ALA C 174 -15.92 -18.77 -49.06
CA ALA C 174 -14.72 -18.64 -49.88
C ALA C 174 -13.53 -19.35 -49.23
N VAL C 175 -12.73 -19.99 -50.05
CA VAL C 175 -11.47 -20.61 -49.61
C VAL C 175 -10.34 -19.74 -50.12
N LEU C 176 -9.28 -19.63 -49.31
CA LEU C 176 -8.10 -18.85 -49.65
C LEU C 176 -7.03 -19.78 -50.23
N GLN C 177 -6.60 -19.48 -51.45
CA GLN C 177 -5.61 -20.29 -52.14
C GLN C 177 -4.20 -19.81 -51.82
N SER C 178 -3.22 -20.64 -52.14
CA SER C 178 -1.81 -20.26 -51.96
C SER C 178 -1.48 -19.00 -52.76
N SER C 179 -2.10 -18.83 -53.92
CA SER C 179 -1.84 -17.67 -54.75
C SER C 179 -2.29 -16.36 -54.12
N GLY C 180 -3.02 -16.42 -53.00
CA GLY C 180 -3.51 -15.22 -52.34
C GLY C 180 -4.91 -14.80 -52.73
N LEU C 181 -5.52 -15.47 -53.71
CA LEU C 181 -6.86 -15.13 -54.17
C LEU C 181 -7.88 -16.10 -53.61
N TYR C 182 -9.12 -15.64 -53.55
CA TYR C 182 -10.22 -16.44 -53.03
C TYR C 182 -10.90 -17.21 -54.15
N SER C 183 -11.79 -18.13 -53.77
CA SER C 183 -12.51 -18.95 -54.73
C SER C 183 -13.60 -19.71 -53.99
N LEU C 184 -14.79 -19.78 -54.59
CA LEU C 184 -15.91 -20.49 -54.02
C LEU C 184 -16.70 -21.15 -55.14
N SER C 185 -17.83 -21.75 -54.77
CA SER C 185 -18.72 -22.38 -55.73
C SER C 185 -20.16 -22.16 -55.27
N SER C 186 -21.08 -22.24 -56.23
CA SER C 186 -22.51 -22.11 -55.96
C SER C 186 -23.22 -23.23 -56.71
N VAL C 187 -23.95 -24.06 -55.96
CA VAL C 187 -24.59 -25.25 -56.52
C VAL C 187 -26.09 -25.13 -56.33
N VAL C 188 -26.82 -25.91 -57.12
CA VAL C 188 -28.28 -25.98 -57.05
C VAL C 188 -28.71 -27.40 -57.36
N THR C 189 -29.80 -27.83 -56.74
CA THR C 189 -30.38 -29.15 -56.98
C THR C 189 -31.71 -28.99 -57.71
N VAL C 190 -31.84 -29.67 -58.85
CA VAL C 190 -33.06 -29.60 -59.65
C VAL C 190 -33.41 -30.99 -60.14
N PRO C 191 -34.69 -31.23 -60.46
CA PRO C 191 -35.12 -32.58 -60.85
C PRO C 191 -35.00 -32.85 -62.34
N SER C 192 -34.04 -32.20 -62.99
CA SER C 192 -33.78 -32.43 -64.42
C SER C 192 -35.06 -32.37 -65.25
N SER C 193 -35.78 -33.48 -65.33
CA SER C 193 -36.98 -33.58 -66.16
C SER C 193 -38.12 -32.86 -65.45
N SER C 194 -38.24 -31.57 -65.72
CA SER C 194 -39.33 -30.75 -65.19
C SER C 194 -39.52 -29.57 -66.11
N LEU C 195 -40.32 -28.59 -65.67
CA LEU C 195 -40.56 -27.39 -66.47
C LEU C 195 -39.37 -26.44 -66.48
N GLY C 196 -38.24 -26.83 -65.87
CA GLY C 196 -37.05 -26.00 -65.88
C GLY C 196 -35.90 -26.64 -66.63
N THR C 197 -36.08 -26.86 -67.94
CA THR C 197 -35.01 -27.42 -68.75
C THR C 197 -33.78 -26.51 -68.75
N GLN C 198 -34.00 -25.20 -68.78
CA GLN C 198 -32.92 -24.23 -68.81
C GLN C 198 -33.22 -23.06 -67.88
N THR C 199 -32.68 -21.88 -68.18
CA THR C 199 -32.88 -20.70 -67.36
C THR C 199 -32.14 -20.83 -66.04
N TYR C 200 -30.83 -21.05 -66.11
CA TYR C 200 -30.00 -21.21 -64.92
C TYR C 200 -28.71 -20.43 -65.13
N ILE C 201 -28.58 -19.29 -64.46
CA ILE C 201 -27.43 -18.41 -64.60
C ILE C 201 -26.84 -18.14 -63.22
N CYS C 202 -25.64 -17.57 -63.21
CA CYS C 202 -24.92 -17.24 -61.97
C CYS C 202 -24.56 -15.75 -62.04
N ASN C 203 -25.53 -14.90 -61.72
CA ASN C 203 -25.29 -13.45 -61.75
C ASN C 203 -24.38 -13.09 -60.58
N VAL C 204 -23.10 -13.39 -60.75
CA VAL C 204 -22.10 -13.07 -59.74
C VAL C 204 -21.82 -11.57 -59.76
N ASN C 205 -21.38 -11.03 -58.62
CA ASN C 205 -21.06 -9.62 -58.50
C ASN C 205 -19.84 -9.47 -57.61
N HIS C 206 -18.94 -8.56 -58.00
CA HIS C 206 -17.72 -8.27 -57.25
C HIS C 206 -17.56 -6.76 -57.20
N LYS C 207 -17.64 -6.19 -56.00
CA LYS C 207 -17.66 -4.74 -55.85
C LYS C 207 -16.26 -4.14 -55.92
N PRO C 208 -15.28 -4.64 -55.16
CA PRO C 208 -13.95 -4.01 -55.17
C PRO C 208 -13.36 -3.87 -56.57
N SER C 209 -13.69 -4.79 -57.48
CA SER C 209 -13.16 -4.76 -58.84
C SER C 209 -14.17 -4.24 -59.86
N ASN C 210 -15.42 -4.01 -59.46
CA ASN C 210 -16.49 -3.60 -60.37
C ASN C 210 -16.68 -4.66 -61.46
N THR C 211 -17.20 -5.80 -61.02
CA THR C 211 -17.45 -6.95 -61.89
C THR C 211 -18.85 -7.48 -61.62
N LYS C 212 -19.64 -7.67 -62.69
CA LYS C 212 -21.01 -8.16 -62.58
C LYS C 212 -21.27 -9.04 -63.81
N VAL C 213 -20.85 -10.30 -63.72
CA VAL C 213 -20.93 -11.25 -64.83
C VAL C 213 -22.01 -12.27 -64.50
N ASP C 214 -22.93 -12.47 -65.46
CA ASP C 214 -24.00 -13.45 -65.35
C ASP C 214 -23.84 -14.43 -66.51
N LYS C 215 -23.08 -15.50 -66.28
CA LYS C 215 -22.78 -16.46 -67.34
C LYS C 215 -23.61 -17.73 -67.13
N ARG C 216 -24.23 -18.19 -68.22
CA ARG C 216 -25.13 -19.34 -68.18
C ARG C 216 -24.42 -20.56 -68.75
N VAL C 217 -24.73 -21.72 -68.18
CA VAL C 217 -24.13 -22.99 -68.60
C VAL C 217 -25.12 -24.11 -68.32
N GLU C 218 -24.93 -25.23 -69.02
CA GLU C 218 -25.88 -26.34 -68.97
C GLU C 218 -25.22 -27.64 -69.46
N PRO C 219 -25.94 -28.78 -69.48
CA PRO C 219 -25.28 -30.07 -69.78
C PRO C 219 -24.29 -30.01 -70.92
N LYS C 220 -23.11 -30.59 -70.71
CA LYS C 220 -22.06 -30.58 -71.72
C LYS C 220 -22.55 -31.24 -73.01
N SER C 221 -21.84 -30.93 -74.10
CA SER C 221 -22.13 -31.53 -75.39
C SER C 221 -21.29 -32.78 -75.60
N CYS C 222 -21.87 -33.77 -76.26
CA CYS C 222 -21.20 -35.05 -76.49
C CYS C 222 -20.90 -35.25 -77.97
N SER D 2 -4.87 -50.01 -3.21
CA SER D 2 -3.96 -50.55 -4.20
C SER D 2 -4.65 -50.67 -5.56
N LEU D 3 -3.87 -50.91 -6.60
CA LEU D 3 -4.43 -51.00 -7.94
C LEU D 3 -5.20 -52.30 -8.12
N VAL D 4 -6.16 -52.27 -9.05
CA VAL D 4 -6.95 -53.45 -9.35
C VAL D 4 -6.05 -54.55 -9.93
N ASN D 5 -6.38 -55.81 -9.62
CA ASN D 5 -5.53 -56.92 -10.03
C ASN D 5 -5.94 -57.43 -11.41
N ARG D 6 -5.17 -58.40 -11.93
CA ARG D 6 -5.43 -58.92 -13.27
C ARG D 6 -6.81 -59.54 -13.39
N LYS D 7 -7.14 -60.46 -12.49
CA LYS D 7 -8.43 -61.15 -12.58
C LYS D 7 -9.59 -60.16 -12.47
N GLN D 8 -9.44 -59.14 -11.63
CA GLN D 8 -10.49 -58.13 -11.51
C GLN D 8 -10.67 -57.35 -12.80
N LEU D 9 -9.56 -56.95 -13.42
CA LEU D 9 -9.65 -56.26 -14.71
C LEU D 9 -10.23 -57.17 -15.78
N GLU D 10 -9.96 -58.48 -15.70
CA GLU D 10 -10.58 -59.42 -16.63
C GLU D 10 -12.09 -59.41 -16.48
N LYS D 11 -12.58 -59.42 -15.24
CA LYS D 11 -14.02 -59.33 -15.01
C LYS D 11 -14.54 -57.95 -15.37
N MET D 12 -13.70 -56.93 -15.26
CA MET D 12 -14.14 -55.56 -15.52
C MET D 12 -14.44 -55.35 -17.00
N ALA D 13 -13.59 -55.87 -17.88
CA ALA D 13 -13.75 -55.71 -19.32
C ALA D 13 -14.22 -57.00 -19.99
N ASN D 14 -14.82 -57.92 -19.23
CA ASN D 14 -15.29 -59.17 -19.79
C ASN D 14 -16.43 -58.91 -20.77
N VAL D 15 -16.24 -59.31 -22.02
CA VAL D 15 -17.25 -59.18 -23.06
C VAL D 15 -17.40 -60.54 -23.72
N ARG D 16 -18.56 -61.15 -23.55
CA ARG D 16 -18.80 -62.46 -24.15
C ARG D 16 -18.78 -62.36 -25.67
N PHE D 17 -18.45 -63.49 -26.31
CA PHE D 17 -18.47 -63.60 -27.77
C PHE D 17 -17.56 -62.56 -28.42
N ARG D 18 -16.40 -62.33 -27.79
CA ARG D 18 -15.37 -61.48 -28.37
C ARG D 18 -14.02 -62.17 -28.18
N VAL D 19 -13.16 -62.06 -29.18
CA VAL D 19 -11.88 -62.75 -29.16
C VAL D 19 -10.92 -62.03 -28.22
N GLN D 20 -10.05 -62.81 -27.58
CA GLN D 20 -9.00 -62.23 -26.74
C GLN D 20 -7.94 -61.64 -27.66
N GLU D 21 -7.94 -60.31 -27.77
CA GLU D 21 -7.01 -59.63 -28.67
C GLU D 21 -5.61 -59.67 -28.08
N ASP D 22 -4.62 -59.67 -28.97
CA ASP D 22 -3.24 -59.56 -28.52
C ASP D 22 -3.03 -58.27 -27.72
N GLU D 23 -3.61 -57.16 -28.19
CA GLU D 23 -3.45 -55.90 -27.47
C GLU D 23 -4.10 -55.97 -26.08
N TYR D 24 -5.13 -56.80 -25.93
CA TYR D 24 -5.79 -56.93 -24.63
C TYR D 24 -4.94 -57.76 -23.67
N VAL D 25 -4.51 -58.95 -24.10
CA VAL D 25 -3.67 -59.79 -23.25
C VAL D 25 -2.39 -59.05 -22.87
N ALA D 26 -1.90 -58.18 -23.74
CA ALA D 26 -0.72 -57.38 -23.39
C ALA D 26 -0.97 -56.54 -22.15
N ILE D 27 -2.18 -55.97 -22.04
CA ILE D 27 -2.52 -55.19 -20.85
C ILE D 27 -2.53 -56.09 -19.63
N LEU D 28 -3.15 -57.27 -19.74
CA LEU D 28 -3.25 -58.17 -18.60
C LEU D 28 -1.88 -58.70 -18.20
N ASP D 29 -1.02 -59.00 -19.19
CA ASP D 29 0.33 -59.45 -18.87
C ASP D 29 1.09 -58.39 -18.10
N ALA D 30 0.96 -57.12 -18.52
CA ALA D 30 1.68 -56.05 -17.84
C ALA D 30 1.13 -55.79 -16.45
N LEU D 31 -0.18 -55.91 -16.28
CA LEU D 31 -0.78 -55.68 -14.97
C LEU D 31 -0.43 -56.79 -13.99
N GLU D 32 -0.48 -58.05 -14.46
CA GLU D 32 -0.14 -59.17 -13.58
C GLU D 32 1.29 -59.06 -13.09
N GLU D 33 2.23 -58.76 -13.99
CA GLU D 33 3.63 -58.64 -13.59
C GLU D 33 3.91 -57.36 -12.83
N TYR D 34 3.02 -56.37 -12.90
CA TYR D 34 3.16 -55.18 -12.06
C TYR D 34 2.96 -55.53 -10.58
N HIS D 35 1.98 -56.38 -10.29
CA HIS D 35 1.70 -56.78 -8.92
C HIS D 35 2.70 -57.78 -8.37
N ASN D 36 3.74 -58.13 -9.14
CA ASN D 36 4.85 -58.93 -8.64
C ASN D 36 6.10 -58.08 -8.37
N MET D 37 6.04 -56.77 -8.67
CA MET D 37 7.15 -55.87 -8.42
C MET D 37 7.12 -55.28 -7.02
N SER D 38 6.62 -56.03 -6.04
CA SER D 38 6.49 -55.50 -4.68
C SER D 38 7.83 -55.05 -4.09
N GLU D 39 8.95 -55.50 -4.67
CA GLU D 39 10.27 -55.18 -4.14
C GLU D 39 11.02 -54.16 -4.97
N ASN D 40 10.53 -53.80 -6.15
CA ASN D 40 11.23 -52.85 -7.01
C ASN D 40 11.11 -51.44 -6.44
N THR D 41 11.85 -50.52 -7.06
CA THR D 41 11.84 -49.13 -6.62
C THR D 41 10.58 -48.42 -7.12
N VAL D 42 10.36 -47.21 -6.60
CA VAL D 42 9.16 -46.45 -6.97
C VAL D 42 9.18 -46.11 -8.45
N VAL D 43 10.33 -45.70 -8.97
CA VAL D 43 10.40 -45.28 -10.37
C VAL D 43 10.06 -46.44 -11.29
N GLU D 44 10.68 -47.60 -11.06
CA GLU D 44 10.38 -48.77 -11.87
C GLU D 44 8.91 -49.13 -11.81
N LYS D 45 8.29 -48.96 -10.65
CA LYS D 45 6.86 -49.23 -10.52
C LYS D 45 6.04 -48.28 -11.39
N TYR D 46 6.46 -47.01 -11.46
CA TYR D 46 5.76 -46.07 -12.32
C TYR D 46 6.04 -46.36 -13.79
N LEU D 47 7.29 -46.68 -14.13
CA LEU D 47 7.62 -47.01 -15.52
C LEU D 47 6.80 -48.20 -16.00
N LYS D 48 6.36 -49.07 -15.08
CA LYS D 48 5.48 -50.17 -15.45
C LYS D 48 4.06 -49.67 -15.71
N LEU D 49 3.51 -48.89 -14.77
CA LEU D 49 2.20 -48.29 -14.99
C LEU D 49 2.18 -47.44 -16.25
N LYS D 50 3.33 -46.85 -16.60
CA LYS D 50 3.42 -46.10 -17.85
C LYS D 50 3.15 -47.00 -19.05
N ASP D 51 3.80 -48.16 -19.10
CA ASP D 51 3.55 -49.10 -20.19
C ASP D 51 2.11 -49.59 -20.18
N ILE D 52 1.59 -49.93 -19.00
CA ILE D 52 0.21 -50.40 -18.91
C ILE D 52 -0.73 -49.39 -19.55
N ASN D 53 -0.56 -48.10 -19.23
CA ASN D 53 -1.38 -47.07 -19.85
C ASN D 53 -1.12 -46.99 -21.34
N SER D 54 0.15 -47.09 -21.74
CA SER D 54 0.49 -47.08 -23.16
C SER D 54 -0.27 -48.17 -23.91
N LEU D 55 -0.22 -49.40 -23.40
CA LEU D 55 -0.87 -50.51 -24.08
C LEU D 55 -2.39 -50.31 -24.14
N THR D 56 -2.97 -49.79 -23.06
CA THR D 56 -4.42 -49.54 -23.06
C THR D 56 -4.78 -48.50 -24.11
N ASP D 57 -3.99 -47.43 -24.22
CA ASP D 57 -4.22 -46.46 -25.29
C ASP D 57 -4.13 -47.11 -26.65
N ILE D 58 -3.22 -48.08 -26.81
CA ILE D 58 -3.09 -48.79 -28.08
C ILE D 58 -4.38 -49.55 -28.37
N TYR D 59 -4.84 -50.36 -27.42
CA TYR D 59 -6.06 -51.13 -27.63
C TYR D 59 -7.22 -50.24 -28.02
N ILE D 60 -7.44 -49.16 -27.26
CA ILE D 60 -8.57 -48.29 -27.51
C ILE D 60 -8.47 -47.67 -28.90
N ASP D 61 -7.26 -47.32 -29.33
CA ASP D 61 -7.08 -46.74 -30.66
C ASP D 61 -7.23 -47.78 -31.74
N THR D 62 -6.94 -49.05 -31.43
CA THR D 62 -7.06 -50.11 -32.43
C THR D 62 -8.51 -50.59 -32.57
N TYR D 63 -9.21 -50.77 -31.45
CA TYR D 63 -10.60 -51.24 -31.45
C TYR D 63 -11.47 -50.13 -30.88
N LYS D 64 -11.82 -49.18 -31.74
CA LYS D 64 -12.50 -47.97 -31.28
C LYS D 64 -13.94 -48.24 -30.84
N LYS D 65 -14.62 -49.20 -31.46
CA LYS D 65 -15.98 -49.55 -31.11
C LYS D 65 -16.06 -50.73 -30.15
N SER D 66 -14.94 -51.11 -29.53
CA SER D 66 -14.92 -52.28 -28.68
C SER D 66 -15.76 -52.05 -27.43
N GLY D 67 -16.40 -53.13 -26.96
CA GLY D 67 -17.15 -53.09 -25.72
C GLY D 67 -16.28 -53.08 -24.47
N ARG D 68 -14.97 -53.24 -24.62
CA ARG D 68 -14.05 -53.16 -23.49
C ARG D 68 -13.61 -51.73 -23.18
N ASN D 69 -13.92 -50.77 -24.05
CA ASN D 69 -13.34 -49.44 -23.91
C ASN D 69 -13.79 -48.76 -22.63
N LYS D 70 -15.10 -48.80 -22.35
CA LYS D 70 -15.60 -48.16 -21.14
C LYS D 70 -14.86 -48.66 -19.90
N ALA D 71 -14.71 -49.98 -19.79
CA ALA D 71 -13.99 -50.55 -18.65
C ALA D 71 -12.52 -50.13 -18.67
N LEU D 72 -11.93 -50.02 -19.86
CA LEU D 72 -10.52 -49.66 -19.95
C LEU D 72 -10.30 -48.17 -19.74
N LYS D 73 -11.26 -47.33 -20.12
CA LYS D 73 -11.17 -45.91 -19.81
C LYS D 73 -11.29 -45.69 -18.30
N LYS D 74 -12.12 -46.49 -17.63
CA LYS D 74 -12.17 -46.43 -16.17
C LYS D 74 -10.90 -46.99 -15.56
N PHE D 75 -10.35 -48.06 -16.16
CA PHE D 75 -9.08 -48.60 -15.67
C PHE D 75 -7.96 -47.60 -15.79
N LYS D 76 -8.00 -46.74 -16.81
CA LYS D 76 -7.00 -45.67 -16.93
C LYS D 76 -7.03 -44.77 -15.70
N GLU D 77 -8.23 -44.37 -15.27
CA GLU D 77 -8.34 -43.55 -14.06
C GLU D 77 -7.76 -44.27 -12.86
N TYR D 78 -7.96 -45.59 -12.76
CA TYR D 78 -7.36 -46.35 -11.68
C TYR D 78 -5.84 -46.24 -11.71
N LEU D 79 -5.25 -46.18 -12.91
CA LEU D 79 -3.81 -46.05 -13.02
C LEU D 79 -3.33 -44.71 -12.47
N VAL D 80 -4.07 -43.64 -12.77
CA VAL D 80 -3.73 -42.33 -12.22
C VAL D 80 -3.84 -42.36 -10.69
N THR D 81 -4.90 -42.99 -10.17
CA THR D 81 -5.04 -43.11 -8.73
C THR D 81 -3.86 -43.84 -8.12
N GLU D 82 -3.37 -44.87 -8.81
CA GLU D 82 -2.25 -45.64 -8.26
C GLU D 82 -0.97 -44.81 -8.22
N VAL D 83 -0.73 -44.02 -9.26
CA VAL D 83 0.45 -43.14 -9.26
C VAL D 83 0.44 -42.23 -8.04
N LEU D 84 -0.70 -41.59 -7.78
CA LEU D 84 -0.78 -40.67 -6.65
C LEU D 84 -0.66 -41.42 -5.32
N GLU D 85 -1.27 -42.60 -5.22
CA GLU D 85 -1.09 -43.41 -4.02
C GLU D 85 0.35 -43.90 -3.91
N LEU D 86 0.94 -44.35 -5.02
CA LEU D 86 2.35 -44.72 -5.02
C LEU D 86 3.22 -43.52 -4.65
N LYS D 87 2.73 -42.32 -4.90
CA LYS D 87 3.47 -41.10 -4.54
C LYS D 87 3.33 -40.80 -3.06
N ASN D 88 2.11 -40.84 -2.54
CA ASN D 88 1.83 -40.42 -1.17
C ASN D 88 2.06 -41.51 -0.13
N ASN D 89 2.62 -42.65 -0.53
CA ASN D 89 2.86 -43.75 0.40
C ASN D 89 4.31 -44.23 0.48
N ASN D 90 5.14 -43.92 -0.52
CA ASN D 90 6.55 -44.30 -0.53
C ASN D 90 7.38 -43.02 -0.54
N LEU D 91 7.81 -42.57 0.64
CA LEU D 91 8.49 -41.30 0.80
C LEU D 91 9.89 -41.51 1.36
N THR D 92 10.85 -40.75 0.84
CA THR D 92 12.23 -40.80 1.29
C THR D 92 12.64 -39.45 1.85
N PRO D 93 13.61 -39.41 2.76
CA PRO D 93 14.02 -38.12 3.35
C PRO D 93 14.60 -37.18 2.31
N VAL D 94 14.33 -35.88 2.50
CA VAL D 94 14.81 -34.83 1.61
C VAL D 94 16.21 -34.42 2.04
N GLU D 95 17.09 -34.25 1.05
CA GLU D 95 18.46 -33.79 1.31
C GLU D 95 18.41 -32.39 1.93
N LYS D 96 18.82 -32.27 3.20
CA LYS D 96 18.68 -31.00 3.89
C LYS D 96 19.59 -29.95 3.27
N ASN D 97 19.10 -29.29 2.22
CA ASN D 97 19.87 -28.29 1.49
C ASN D 97 18.94 -27.15 1.08
N LEU D 98 19.30 -25.93 1.46
CA LEU D 98 18.64 -24.73 0.97
C LEU D 98 19.46 -24.16 -0.17
N HIS D 99 18.86 -24.08 -1.35
CA HIS D 99 19.54 -23.59 -2.55
C HIS D 99 19.02 -22.20 -2.89
N PHE D 100 19.91 -21.23 -2.87
CA PHE D 100 19.63 -19.87 -3.33
C PHE D 100 20.48 -19.58 -4.56
N VAL D 101 20.07 -18.55 -5.30
CA VAL D 101 20.75 -18.18 -6.55
C VAL D 101 20.91 -16.66 -6.61
N TRP D 102 22.13 -16.22 -6.86
CA TRP D 102 22.40 -14.83 -7.21
C TRP D 102 23.57 -14.84 -8.18
N ILE D 103 23.29 -14.60 -9.45
CA ILE D 103 24.28 -14.71 -10.52
C ILE D 103 24.28 -13.43 -11.34
N GLY D 104 25.44 -13.11 -11.89
CA GLY D 104 25.55 -11.97 -12.77
C GLY D 104 25.77 -10.63 -12.09
N GLY D 105 25.99 -10.62 -10.79
CA GLY D 105 26.21 -9.35 -10.09
C GLY D 105 26.44 -9.58 -8.62
N GLN D 106 26.67 -8.47 -7.93
CA GLN D 106 26.90 -8.53 -6.50
C GLN D 106 25.63 -8.90 -5.76
N ILE D 107 25.75 -9.79 -4.78
CA ILE D 107 24.60 -10.16 -3.95
C ILE D 107 24.17 -8.97 -3.12
N ASN D 108 22.86 -8.76 -3.02
CA ASN D 108 22.33 -7.61 -2.31
C ASN D 108 22.29 -7.87 -0.80
N ASP D 109 22.38 -6.78 -0.03
CA ASP D 109 22.27 -6.90 1.42
C ASP D 109 20.90 -7.45 1.83
N THR D 110 19.86 -7.06 1.11
CA THR D 110 18.51 -7.55 1.43
C THR D 110 18.44 -9.07 1.29
N ALA D 111 18.98 -9.61 0.20
CA ALA D 111 18.95 -11.05 0.00
C ALA D 111 19.68 -11.78 1.12
N ILE D 112 20.83 -11.25 1.53
CA ILE D 112 21.60 -11.89 2.61
C ILE D 112 20.78 -11.89 3.89
N ASN D 113 20.07 -10.80 4.16
CA ASN D 113 19.26 -10.71 5.37
C ASN D 113 18.18 -11.79 5.36
N TYR D 114 17.42 -11.89 4.26
CA TYR D 114 16.41 -12.94 4.16
C TYR D 114 17.02 -14.33 4.35
N ILE D 115 18.14 -14.60 3.68
CA ILE D 115 18.77 -15.91 3.78
C ILE D 115 19.10 -16.23 5.23
N ASN D 116 19.69 -15.27 5.94
CA ASN D 116 20.07 -15.50 7.33
C ASN D 116 18.87 -15.91 8.18
N GLN D 117 17.67 -15.43 7.82
CA GLN D 117 16.48 -15.84 8.56
C GLN D 117 16.24 -17.34 8.44
N TRP D 118 16.55 -17.91 7.27
CA TRP D 118 16.44 -19.36 7.10
C TRP D 118 17.54 -20.08 7.87
N LYS D 119 18.75 -19.51 7.88
CA LYS D 119 19.85 -20.13 8.63
C LYS D 119 19.54 -20.18 10.12
N ASP D 120 19.00 -19.09 10.67
CA ASP D 120 18.80 -19.00 12.11
C ASP D 120 17.85 -20.08 12.63
N VAL D 121 16.92 -20.52 11.80
CA VAL D 121 15.91 -21.50 12.21
C VAL D 121 16.11 -22.85 11.52
N ASN D 122 17.21 -23.02 10.80
CA ASN D 122 17.55 -24.29 10.17
C ASN D 122 19.06 -24.50 10.20
N SER D 123 19.61 -24.57 11.42
CA SER D 123 21.05 -24.80 11.56
C SER D 123 21.46 -26.18 11.05
N ASP D 124 20.51 -27.09 10.88
CA ASP D 124 20.79 -28.42 10.36
C ASP D 124 20.80 -28.47 8.83
N TYR D 125 20.44 -27.38 8.16
CA TYR D 125 20.43 -27.33 6.71
C TYR D 125 21.70 -26.64 6.19
N ASN D 126 22.28 -27.21 5.15
CA ASN D 126 23.41 -26.60 4.47
C ASN D 126 22.91 -25.65 3.39
N VAL D 127 23.38 -24.41 3.43
CA VAL D 127 22.93 -23.40 2.49
C VAL D 127 23.90 -23.32 1.32
N ASN D 128 23.37 -23.06 0.13
CA ASN D 128 24.17 -22.89 -1.07
C ASN D 128 23.62 -21.69 -1.83
N VAL D 129 24.37 -20.60 -1.85
CA VAL D 129 24.03 -19.41 -2.63
C VAL D 129 24.82 -19.50 -3.92
N PHE D 130 24.15 -19.92 -4.99
CA PHE D 130 24.83 -20.18 -6.25
C PHE D 130 25.16 -18.85 -6.95
N TYR D 131 26.44 -18.66 -7.24
CA TYR D 131 26.93 -17.49 -7.98
C TYR D 131 27.81 -17.98 -9.11
N ASP D 132 28.11 -17.08 -10.05
CA ASP D 132 28.97 -17.39 -11.19
C ASP D 132 30.26 -16.58 -11.03
N SER D 133 31.36 -17.28 -10.77
CA SER D 133 32.64 -16.60 -10.58
C SER D 133 33.19 -16.01 -11.88
N ASN D 134 32.65 -16.42 -13.03
CA ASN D 134 33.11 -15.92 -14.31
C ASN D 134 32.26 -14.77 -14.85
N ALA D 135 31.13 -14.46 -14.20
CA ALA D 135 30.18 -13.47 -14.73
C ALA D 135 29.59 -12.68 -13.56
N PHE D 136 30.32 -11.68 -13.11
CA PHE D 136 29.81 -10.72 -12.14
C PHE D 136 29.40 -9.39 -12.78
N LEU D 137 29.70 -9.20 -14.06
CA LEU D 137 29.49 -7.92 -14.73
C LEU D 137 28.31 -7.93 -15.69
N ILE D 138 27.58 -9.04 -15.81
CA ILE D 138 26.45 -9.10 -16.72
C ILE D 138 25.43 -8.03 -16.34
N ASN D 139 25.21 -7.83 -15.05
CA ASN D 139 24.23 -6.83 -14.62
C ASN D 139 24.68 -5.43 -15.02
N THR D 140 25.92 -5.06 -14.70
CA THR D 140 26.44 -3.75 -15.09
C THR D 140 26.42 -3.60 -16.61
N LEU D 141 26.72 -4.67 -17.34
CA LEU D 141 26.64 -4.63 -18.80
C LEU D 141 25.23 -4.31 -19.26
N LYS D 142 24.25 -5.09 -18.78
CA LYS D 142 22.86 -4.84 -19.14
C LYS D 142 22.43 -3.43 -18.75
N LYS D 143 22.92 -2.93 -17.61
CA LYS D 143 22.58 -1.58 -17.18
C LYS D 143 23.30 -0.53 -18.03
N THR D 144 24.53 -0.82 -18.44
CA THR D 144 25.29 0.15 -19.24
C THR D 144 24.65 0.38 -20.60
N ILE D 145 24.16 -0.68 -21.23
CA ILE D 145 23.62 -0.55 -22.58
C ILE D 145 22.20 -0.01 -22.56
N VAL D 146 21.36 -0.46 -21.62
CA VAL D 146 20.00 0.06 -21.55
C VAL D 146 20.01 1.53 -21.18
N GLU D 147 20.94 1.95 -20.31
CA GLU D 147 21.06 3.36 -19.98
C GLU D 147 21.61 4.15 -21.15
N SER D 148 22.65 3.62 -21.81
CA SER D 148 23.18 4.28 -23.00
C SER D 148 22.15 4.28 -24.13
N ALA D 149 21.38 3.20 -24.26
CA ALA D 149 20.32 3.16 -25.26
C ALA D 149 19.21 4.15 -24.92
N THR D 150 19.00 4.42 -23.64
CA THR D 150 18.01 5.42 -23.25
C THR D 150 18.43 6.81 -23.67
N ASN D 151 19.68 7.18 -23.37
CA ASN D 151 20.16 8.51 -23.74
C ASN D 151 20.16 8.70 -25.25
N ASP D 152 20.49 7.65 -26.00
CA ASP D 152 20.46 7.74 -27.46
C ASP D 152 19.03 7.94 -27.96
N THR D 153 18.05 7.32 -27.31
CA THR D 153 16.67 7.52 -27.69
C THR D 153 16.19 8.92 -27.31
N LEU D 154 16.75 9.51 -26.25
CA LEU D 154 16.36 10.86 -25.87
C LEU D 154 17.00 11.91 -26.76
N GLU D 155 18.22 11.66 -27.25
CA GLU D 155 18.82 12.58 -28.22
C GLU D 155 17.91 12.74 -29.43
N SER D 156 17.50 11.62 -30.03
CA SER D 156 16.41 11.65 -30.99
C SER D 156 15.08 11.94 -30.29
N PHE D 157 14.12 12.44 -31.06
CA PHE D 157 12.81 12.80 -30.54
C PHE D 157 12.87 13.92 -29.50
N ARG D 158 13.99 14.64 -29.42
CA ARG D 158 14.09 15.74 -28.47
C ARG D 158 13.12 16.85 -28.81
N GLU D 159 12.67 16.94 -30.06
CA GLU D 159 11.75 18.00 -30.46
C GLU D 159 10.30 17.67 -30.14
N ASN D 160 9.96 16.38 -30.04
CA ASN D 160 8.58 15.97 -29.84
C ASN D 160 8.36 15.21 -28.53
N LEU D 161 9.34 15.21 -27.62
CA LEU D 161 9.12 14.57 -26.32
C LEU D 161 8.26 15.42 -25.40
N ASN D 162 8.19 16.72 -25.64
CA ASN D 162 7.40 17.63 -24.82
C ASN D 162 5.95 17.74 -25.28
N ASP D 163 5.54 16.93 -26.25
CA ASP D 163 4.19 16.97 -26.78
C ASP D 163 3.67 15.55 -26.92
N PRO D 164 2.35 15.37 -27.00
CA PRO D 164 1.79 14.02 -27.11
C PRO D 164 2.19 13.28 -28.38
N ARG D 165 1.69 12.05 -28.52
CA ARG D 165 1.98 11.13 -29.62
C ARG D 165 3.33 10.44 -29.43
N PHE D 166 3.91 10.52 -28.24
CA PHE D 166 5.17 9.85 -27.94
C PHE D 166 5.08 9.25 -26.54
N ASP D 167 4.05 8.44 -26.33
CA ASP D 167 3.78 7.84 -25.03
C ASP D 167 4.89 6.87 -24.65
N TYR D 168 4.78 6.34 -23.42
CA TYR D 168 5.76 5.38 -22.93
C TYR D 168 5.79 4.12 -23.78
N ASN D 169 4.73 3.85 -24.54
CA ASN D 169 4.73 2.68 -25.41
C ASN D 169 5.63 2.88 -26.61
N LYS D 170 5.56 4.05 -27.24
CA LYS D 170 6.40 4.35 -28.40
C LYS D 170 7.86 4.57 -28.00
N PHE D 171 8.12 4.94 -26.76
CA PHE D 171 9.50 5.14 -26.32
C PHE D 171 10.24 3.82 -26.18
N TYR D 172 9.63 2.85 -25.49
CA TYR D 172 10.28 1.56 -25.29
C TYR D 172 10.50 0.83 -26.61
N ARG D 173 9.61 1.04 -27.58
CA ARG D 173 9.78 0.40 -28.89
C ARG D 173 11.02 0.95 -29.60
N LYS D 174 11.11 2.27 -29.75
CA LYS D 174 12.24 2.87 -30.43
C LYS D 174 13.54 2.63 -29.68
N ARG D 175 13.47 2.46 -28.35
CA ARG D 175 14.67 2.20 -27.57
C ARG D 175 15.14 0.76 -27.72
N MET D 176 14.22 -0.17 -27.92
CA MET D 176 14.59 -1.59 -27.98
C MET D 176 15.42 -1.89 -29.23
N GLU D 177 15.04 -1.34 -30.37
CA GLU D 177 15.81 -1.57 -31.59
C GLU D 177 17.25 -1.09 -31.43
N ILE D 178 17.47 -0.09 -30.58
CA ILE D 178 18.83 0.34 -30.27
C ILE D 178 19.50 -0.65 -29.32
N ILE D 179 18.77 -1.10 -28.30
CA ILE D 179 19.33 -2.11 -27.39
C ILE D 179 19.72 -3.35 -28.18
N TYR D 180 18.91 -3.74 -29.16
CA TYR D 180 19.21 -4.93 -29.95
C TYR D 180 20.50 -4.75 -30.74
N ASP D 181 20.73 -3.55 -31.27
CA ASP D 181 21.96 -3.29 -32.02
C ASP D 181 23.18 -3.35 -31.09
N LYS D 182 23.09 -2.69 -29.94
CA LYS D 182 24.17 -2.77 -28.96
C LYS D 182 24.27 -4.16 -28.36
N GLN D 183 23.14 -4.85 -28.19
CA GLN D 183 23.17 -6.22 -27.70
C GLN D 183 23.69 -7.18 -28.75
N LYS D 184 23.23 -7.02 -30.01
CA LYS D 184 23.73 -7.86 -31.10
C LYS D 184 25.23 -7.64 -31.31
N ASN D 185 25.72 -6.43 -31.05
CA ASN D 185 27.14 -6.14 -31.26
C ASN D 185 28.01 -6.81 -30.20
N PHE D 186 27.56 -6.82 -28.94
CA PHE D 186 28.33 -7.47 -27.89
C PHE D 186 28.44 -8.96 -28.12
N ILE D 187 27.34 -9.60 -28.54
CA ILE D 187 27.36 -11.03 -28.76
C ILE D 187 28.37 -11.38 -29.85
N ASN D 188 28.44 -10.55 -30.90
CA ASN D 188 29.43 -10.77 -31.94
C ASN D 188 30.85 -10.65 -31.39
N TYR D 189 31.12 -9.59 -30.62
CA TYR D 189 32.43 -9.45 -30.00
C TYR D 189 32.71 -10.60 -29.06
N TYR D 190 31.71 -11.02 -28.27
CA TYR D 190 31.90 -12.15 -27.37
C TYR D 190 32.21 -13.42 -28.16
N LYS D 191 31.42 -13.71 -29.20
CA LYS D 191 31.60 -14.94 -29.97
C LYS D 191 32.97 -14.96 -30.66
N THR D 192 33.42 -13.81 -31.17
CA THR D 192 34.72 -13.79 -31.84
C THR D 192 35.87 -13.92 -30.85
N GLN D 193 35.70 -13.41 -29.63
CA GLN D 193 36.75 -13.54 -28.62
C GLN D 193 36.83 -14.97 -28.08
N ARG D 194 35.73 -15.72 -28.15
CA ARG D 194 35.74 -17.08 -27.62
C ARG D 194 36.48 -18.02 -28.56
N GLU D 195 36.30 -17.88 -29.87
CA GLU D 195 37.00 -18.72 -30.83
C GLU D 195 38.46 -18.32 -30.98
N GLU D 196 38.80 -17.05 -30.71
CA GLU D 196 40.18 -16.60 -30.83
C GLU D 196 40.98 -16.95 -29.57
N ASN D 197 40.38 -16.81 -28.39
CA ASN D 197 41.05 -17.11 -27.13
C ASN D 197 40.07 -17.81 -26.20
N PRO D 198 40.03 -19.15 -26.25
CA PRO D 198 39.07 -19.88 -25.41
C PRO D 198 39.41 -19.85 -23.92
N ASP D 199 40.56 -19.31 -23.54
CA ASP D 199 40.94 -19.25 -22.13
C ASP D 199 40.34 -18.08 -21.38
N LEU D 200 39.64 -17.18 -22.06
CA LEU D 200 39.04 -16.03 -21.42
C LEU D 200 37.71 -16.39 -20.77
N ILE D 201 37.41 -15.71 -19.67
CA ILE D 201 36.12 -15.86 -19.00
C ILE D 201 35.23 -14.70 -19.41
N ILE D 202 33.96 -14.76 -18.99
CA ILE D 202 33.00 -13.73 -19.39
C ILE D 202 33.43 -12.37 -18.85
N ASP D 203 33.77 -12.30 -17.56
CA ASP D 203 34.15 -11.03 -16.96
C ASP D 203 35.33 -10.39 -17.68
N ASP D 204 36.22 -11.19 -18.24
CA ASP D 204 37.35 -10.62 -18.98
C ASP D 204 36.89 -9.96 -20.27
N ILE D 205 35.91 -10.56 -20.95
CA ILE D 205 35.41 -9.98 -22.19
C ILE D 205 34.56 -8.74 -21.88
N VAL D 206 33.80 -8.78 -20.79
CA VAL D 206 32.88 -7.68 -20.49
C VAL D 206 33.65 -6.44 -20.04
N LYS D 207 34.61 -6.61 -19.14
CA LYS D 207 35.31 -5.46 -18.58
C LYS D 207 36.19 -4.78 -19.63
N ILE D 208 36.65 -5.52 -20.63
CA ILE D 208 37.38 -4.89 -21.73
C ILE D 208 36.42 -4.31 -22.76
N TYR D 209 35.25 -4.93 -22.92
CA TYR D 209 34.23 -4.38 -23.81
C TYR D 209 33.68 -3.07 -23.28
N LEU D 210 33.58 -2.93 -21.95
CA LEU D 210 33.10 -1.69 -21.35
C LEU D 210 34.17 -0.60 -21.33
N SER D 211 35.44 -0.99 -21.32
CA SER D 211 36.52 -0.02 -21.30
C SER D 211 36.75 0.65 -22.65
N ASN D 212 36.19 0.09 -23.72
CA ASN D 212 36.39 0.62 -25.07
C ASN D 212 35.15 1.29 -25.65
N GLU D 213 33.98 0.69 -25.49
CA GLU D 213 32.76 1.21 -26.10
C GLU D 213 32.03 2.21 -25.23
N TYR D 214 32.33 2.25 -23.92
CA TYR D 214 31.63 3.15 -23.02
C TYR D 214 32.58 3.81 -22.01
N SER D 215 33.88 3.64 -22.15
CA SER D 215 34.86 4.37 -21.34
C SER D 215 34.71 4.06 -19.86
N LYS D 216 34.61 2.77 -19.53
CA LYS D 216 34.55 2.33 -18.15
C LYS D 216 35.95 2.03 -17.64
N ASP D 217 36.17 2.29 -16.36
CA ASP D 217 37.48 2.10 -15.74
C ASP D 217 37.61 0.66 -15.28
N ILE D 218 38.62 -0.03 -15.82
CA ILE D 218 38.83 -1.44 -15.47
C ILE D 218 39.22 -1.57 -14.01
N ASP D 219 40.08 -0.69 -13.52
CA ASP D 219 40.45 -0.72 -12.10
C ASP D 219 39.22 -0.64 -11.21
N GLU D 220 38.19 0.08 -11.64
CA GLU D 220 36.94 0.12 -10.89
C GLU D 220 36.12 -1.15 -11.10
N LEU D 221 36.24 -1.79 -12.26
CA LEU D 221 35.53 -3.03 -12.52
C LEU D 221 36.19 -4.22 -11.81
N ASN D 222 37.53 -4.25 -11.81
CA ASN D 222 38.23 -5.31 -11.07
C ASN D 222 37.90 -5.24 -9.58
N SER D 223 37.87 -4.03 -9.03
CA SER D 223 37.50 -3.86 -7.62
C SER D 223 36.06 -4.26 -7.37
N TYR D 224 35.19 -4.16 -8.39
CA TYR D 224 33.81 -4.58 -8.24
C TYR D 224 33.69 -6.10 -8.22
N ILE D 225 34.53 -6.80 -8.98
CA ILE D 225 34.53 -8.26 -8.95
C ILE D 225 35.08 -8.78 -7.64
N GLU D 226 36.24 -8.23 -7.22
CA GLU D 226 36.82 -8.64 -5.95
C GLU D 226 35.84 -8.43 -4.80
N GLU D 227 35.05 -7.36 -4.86
CA GLU D 227 34.07 -7.10 -3.81
C GLU D 227 32.88 -8.04 -3.91
N SER D 228 32.42 -8.33 -5.13
CA SER D 228 31.27 -9.22 -5.30
C SER D 228 31.63 -10.66 -4.98
N LEU D 229 32.84 -11.08 -5.33
CA LEU D 229 33.27 -12.45 -5.02
C LEU D 229 33.42 -12.63 -3.53
N ASN D 230 34.09 -11.69 -2.86
CA ASN D 230 34.27 -11.79 -1.41
C ASN D 230 32.93 -11.80 -0.69
N LYS D 231 31.98 -10.98 -1.15
CA LYS D 231 30.73 -10.82 -0.42
C LYS D 231 29.89 -12.09 -0.45
N VAL D 232 29.89 -12.81 -1.58
CA VAL D 232 29.07 -14.01 -1.69
C VAL D 232 29.78 -15.21 -1.08
N THR D 233 31.12 -15.23 -1.10
CA THR D 233 31.85 -16.33 -0.49
C THR D 233 31.70 -16.33 1.02
N GLU D 234 31.46 -15.18 1.63
CA GLU D 234 31.21 -15.11 3.07
C GLU D 234 29.82 -15.61 3.44
N ASN D 235 28.94 -15.82 2.46
CA ASN D 235 27.56 -16.23 2.73
C ASN D 235 27.23 -17.53 2.03
N SER D 236 27.95 -18.60 2.36
CA SER D 236 27.64 -19.95 1.84
C SER D 236 27.65 -19.95 0.31
N GLY D 237 28.61 -19.25 -0.27
CA GLY D 237 28.69 -19.16 -1.73
C GLY D 237 29.08 -20.48 -2.35
N ASN D 238 28.44 -20.80 -3.48
CA ASN D 238 28.71 -22.02 -4.23
C ASN D 238 28.85 -21.64 -5.69
N ASP D 239 30.05 -21.85 -6.25
CA ASP D 239 30.34 -21.40 -7.60
C ASP D 239 29.73 -22.37 -8.62
N VAL D 240 28.99 -21.82 -9.58
CA VAL D 240 28.40 -22.65 -10.63
C VAL D 240 29.49 -23.30 -11.47
N ARG D 241 30.61 -22.61 -11.65
CA ARG D 241 31.71 -23.17 -12.42
C ARG D 241 32.32 -24.40 -11.77
N ASN D 242 32.02 -24.66 -10.50
CA ASN D 242 32.40 -25.89 -9.84
C ASN D 242 31.28 -26.93 -9.85
N PHE D 243 30.13 -26.61 -10.44
CA PHE D 243 29.02 -27.55 -10.60
C PHE D 243 29.28 -28.33 -11.88
N GLU D 244 30.06 -29.41 -11.75
CA GLU D 244 30.51 -30.14 -12.94
C GLU D 244 29.35 -30.85 -13.63
N GLU D 245 28.48 -31.50 -12.87
CA GLU D 245 27.35 -32.21 -13.49
C GLU D 245 26.50 -31.26 -14.33
N PHE D 246 26.24 -30.06 -13.80
CA PHE D 246 25.45 -29.09 -14.54
C PHE D 246 26.23 -28.53 -15.72
N LYS D 247 27.54 -28.31 -15.55
CA LYS D 247 28.34 -27.71 -16.59
C LYS D 247 28.63 -28.67 -17.73
N GLY D 248 28.46 -29.98 -17.51
CA GLY D 248 28.71 -30.97 -18.54
C GLY D 248 27.45 -31.45 -19.23
N GLY D 249 26.30 -31.22 -18.60
CA GLY D 249 25.04 -31.64 -19.18
C GLY D 249 24.64 -30.79 -20.38
N GLU D 250 23.63 -31.28 -21.09
CA GLU D 250 23.13 -30.62 -22.29
C GLU D 250 22.21 -29.43 -21.97
N SER D 251 22.19 -28.96 -20.72
CA SER D 251 21.41 -27.81 -20.33
C SER D 251 22.27 -26.60 -19.98
N PHE D 252 23.58 -26.70 -20.11
CA PHE D 252 24.46 -25.60 -19.74
C PHE D 252 24.51 -24.50 -20.78
N LYS D 253 24.40 -24.86 -22.07
CA LYS D 253 24.38 -23.83 -23.11
C LYS D 253 23.15 -22.94 -22.96
N LEU D 254 22.05 -23.49 -22.46
CA LEU D 254 20.86 -22.66 -22.22
C LEU D 254 21.10 -21.69 -21.08
N TYR D 255 21.85 -22.11 -20.06
CA TYR D 255 22.21 -21.20 -18.98
C TYR D 255 23.07 -20.05 -19.49
N GLU D 256 24.11 -20.36 -20.26
CA GLU D 256 24.97 -19.31 -20.81
C GLU D 256 24.28 -18.52 -21.90
N GLN D 257 23.27 -19.09 -22.55
CA GLN D 257 22.50 -18.34 -23.54
C GLN D 257 21.76 -17.18 -22.89
N GLU D 258 21.10 -17.44 -21.76
CA GLU D 258 20.36 -16.39 -21.07
C GLU D 258 21.29 -15.47 -20.30
N LEU D 259 22.40 -16.00 -19.78
CA LEU D 259 23.32 -15.18 -18.99
C LEU D 259 24.10 -14.20 -19.88
N VAL D 260 24.74 -14.71 -20.92
CA VAL D 260 25.66 -13.91 -21.72
C VAL D 260 24.94 -13.15 -22.82
N GLU D 261 24.12 -13.86 -23.61
CA GLU D 261 23.53 -13.25 -24.80
C GLU D 261 22.30 -12.41 -24.46
N ARG D 262 21.41 -12.95 -23.63
CA ARG D 262 20.14 -12.29 -23.34
C ARG D 262 20.19 -11.45 -22.07
N TRP D 263 21.20 -11.64 -21.22
CA TRP D 263 21.30 -10.90 -19.97
C TRP D 263 20.09 -11.13 -19.07
N ASN D 264 19.36 -12.23 -19.29
CA ASN D 264 18.19 -12.56 -18.49
C ASN D 264 18.64 -13.46 -17.35
N LEU D 265 19.10 -12.82 -16.27
CA LEU D 265 19.56 -13.56 -15.11
C LEU D 265 18.45 -14.41 -14.49
N ALA D 266 17.20 -13.93 -14.58
CA ALA D 266 16.09 -14.69 -14.04
C ALA D 266 15.93 -16.02 -14.78
N ALA D 267 15.98 -15.98 -16.11
CA ALA D 267 15.86 -17.22 -16.89
C ALA D 267 17.02 -18.16 -16.60
N ALA D 268 18.23 -17.62 -16.47
CA ALA D 268 19.39 -18.45 -16.14
C ALA D 268 19.23 -19.10 -14.78
N SER D 269 18.46 -18.49 -13.88
CA SER D 269 18.23 -19.07 -12.57
C SER D 269 17.22 -20.20 -12.63
N ASP D 270 16.18 -20.06 -13.46
CA ASP D 270 15.21 -21.14 -13.62
C ASP D 270 15.87 -22.41 -14.11
N ILE D 271 16.85 -22.30 -15.00
CA ILE D 271 17.55 -23.48 -15.50
C ILE D 271 18.48 -24.05 -14.44
N LEU D 272 19.16 -23.17 -13.70
CA LEU D 272 20.14 -23.64 -12.71
C LEU D 272 19.45 -24.30 -11.52
N ARG D 273 18.37 -23.68 -11.01
CA ARG D 273 17.76 -24.16 -9.77
C ARG D 273 17.31 -25.61 -9.89
N ILE D 274 16.69 -25.98 -11.01
CA ILE D 274 16.13 -27.32 -11.13
C ILE D 274 17.24 -28.35 -11.34
N SER D 275 18.29 -27.97 -12.07
CA SER D 275 19.43 -28.87 -12.23
C SER D 275 20.13 -29.10 -10.90
N ALA D 276 20.21 -28.07 -10.06
CA ALA D 276 20.76 -28.24 -8.73
C ALA D 276 19.94 -29.22 -7.91
N LEU D 277 18.62 -29.02 -7.91
CA LEU D 277 17.74 -29.94 -7.17
C LEU D 277 17.85 -31.37 -7.70
N LYS D 278 18.08 -31.53 -9.00
CA LYS D 278 18.19 -32.87 -9.56
C LYS D 278 19.47 -33.55 -9.12
N GLU D 279 20.59 -32.82 -9.18
CA GLU D 279 21.89 -33.43 -8.90
C GLU D 279 22.10 -33.64 -7.39
N VAL D 280 21.66 -32.70 -6.57
CA VAL D 280 21.90 -32.74 -5.13
C VAL D 280 20.63 -33.01 -4.36
N GLY D 281 19.51 -32.44 -4.77
CA GLY D 281 18.27 -32.56 -4.02
C GLY D 281 18.23 -31.62 -2.84
N GLY D 282 17.01 -31.31 -2.41
CA GLY D 282 16.80 -30.44 -1.27
C GLY D 282 15.68 -29.45 -1.47
N VAL D 283 15.95 -28.17 -1.19
CA VAL D 283 14.93 -27.13 -1.24
C VAL D 283 15.52 -25.91 -1.92
N TYR D 284 14.89 -25.45 -3.01
CA TYR D 284 15.24 -24.18 -3.63
C TYR D 284 14.29 -23.10 -3.14
N LEU D 285 14.83 -21.89 -2.99
CA LEU D 285 14.06 -20.76 -2.50
C LEU D 285 14.59 -19.47 -3.11
N ASP D 286 13.68 -18.63 -3.61
CA ASP D 286 14.06 -17.28 -4.00
C ASP D 286 14.53 -16.49 -2.78
N VAL D 287 15.39 -15.51 -3.03
CA VAL D 287 15.97 -14.72 -1.94
C VAL D 287 14.95 -13.85 -1.23
N ASP D 288 13.74 -13.72 -1.79
CA ASP D 288 12.67 -12.94 -1.18
C ASP D 288 11.66 -13.83 -0.45
N MET D 289 12.02 -15.07 -0.16
CA MET D 289 11.18 -15.98 0.60
C MET D 289 11.68 -16.06 2.04
N LEU D 290 10.75 -16.14 2.98
CA LEU D 290 11.06 -16.23 4.38
C LEU D 290 10.47 -17.51 4.97
N PRO D 291 11.01 -18.00 6.09
CA PRO D 291 10.50 -19.24 6.68
C PRO D 291 9.01 -19.16 6.99
N GLY D 292 8.40 -20.33 7.10
CA GLY D 292 7.00 -20.40 7.47
C GLY D 292 6.76 -19.92 8.89
N ILE D 293 5.59 -19.34 9.11
CA ILE D 293 5.21 -18.84 10.42
C ILE D 293 4.58 -19.98 11.22
N GLN D 294 4.86 -20.00 12.52
CA GLN D 294 4.26 -21.00 13.40
C GLN D 294 2.74 -20.97 13.27
N PRO D 295 2.09 -22.09 12.95
CA PRO D 295 0.63 -22.05 12.73
C PRO D 295 -0.15 -21.52 13.92
N ASP D 296 0.22 -21.91 15.14
CA ASP D 296 -0.52 -21.51 16.33
C ASP D 296 -0.09 -20.16 16.89
N LEU D 297 0.56 -19.34 16.07
CA LEU D 297 1.00 -18.01 16.54
C LEU D 297 -0.17 -17.05 16.62
N PHE D 298 -0.75 -16.70 15.48
CA PHE D 298 -1.90 -15.80 15.42
C PHE D 298 -3.21 -16.58 15.30
N GLU D 299 -3.28 -17.75 15.93
CA GLU D 299 -4.47 -18.60 15.81
C GLU D 299 -5.72 -17.91 16.35
N SER D 300 -5.57 -17.00 17.31
CA SER D 300 -6.70 -16.41 17.98
C SER D 300 -7.22 -15.14 17.32
N ILE D 301 -6.52 -14.64 16.30
CA ILE D 301 -6.94 -13.42 15.59
C ILE D 301 -7.58 -13.88 14.28
N GLU D 302 -8.91 -13.86 14.24
CA GLU D 302 -9.63 -14.31 13.07
C GLU D 302 -9.37 -13.40 11.88
N LYS D 303 -9.26 -14.00 10.70
CA LYS D 303 -9.01 -13.25 9.47
C LYS D 303 -10.30 -12.55 9.01
N PRO D 304 -10.22 -11.33 8.50
CA PRO D 304 -11.42 -10.65 7.99
C PRO D 304 -12.07 -11.45 6.88
N SER D 305 -13.32 -11.09 6.58
CA SER D 305 -14.12 -11.87 5.64
C SER D 305 -13.73 -11.58 4.20
N SER D 306 -13.58 -10.30 3.85
CA SER D 306 -13.45 -9.91 2.46
C SER D 306 -12.01 -9.77 1.99
N VAL D 307 -11.03 -9.91 2.87
CA VAL D 307 -9.64 -9.72 2.48
C VAL D 307 -9.09 -10.99 1.84
N THR D 308 -8.01 -10.83 1.09
CA THR D 308 -7.36 -11.94 0.42
C THR D 308 -6.34 -12.61 1.35
N VAL D 309 -5.88 -13.78 0.95
CA VAL D 309 -4.89 -14.51 1.75
C VAL D 309 -3.57 -13.76 1.75
N ASP D 310 -3.20 -13.17 0.61
CA ASP D 310 -1.95 -12.41 0.56
C ASP D 310 -1.97 -11.24 1.54
N PHE D 311 -3.11 -10.57 1.65
CA PHE D 311 -3.26 -9.51 2.65
C PHE D 311 -2.91 -10.02 4.03
N TRP D 312 -3.55 -11.11 4.44
CA TRP D 312 -3.36 -11.62 5.80
C TRP D 312 -1.92 -12.08 6.04
N GLU D 313 -1.35 -12.79 5.07
CA GLU D 313 0.04 -13.21 5.21
C GLU D 313 0.97 -12.00 5.32
N MET D 314 0.70 -10.97 4.52
CA MET D 314 1.49 -9.74 4.64
C MET D 314 1.26 -9.08 5.99
N VAL D 315 0.02 -9.11 6.49
CA VAL D 315 -0.25 -8.58 7.82
C VAL D 315 0.58 -9.30 8.87
N LYS D 316 0.58 -10.63 8.81
CA LYS D 316 1.33 -11.42 9.79
C LYS D 316 2.80 -11.06 9.76
N LEU D 317 3.40 -10.98 8.58
CA LEU D 317 4.82 -10.65 8.49
C LEU D 317 5.07 -9.21 8.90
N GLU D 318 4.21 -8.28 8.47
CA GLU D 318 4.39 -6.89 8.87
C GLU D 318 4.32 -6.73 10.38
N ALA D 319 3.44 -7.50 11.03
CA ALA D 319 3.37 -7.47 12.49
C ALA D 319 4.61 -8.07 13.12
N ILE D 320 5.09 -9.20 12.58
CA ILE D 320 6.27 -9.84 13.13
C ILE D 320 7.48 -8.92 13.02
N MET D 321 7.62 -8.25 11.88
CA MET D 321 8.80 -7.41 11.67
C MET D 321 8.71 -6.08 12.39
N LYS D 322 7.49 -5.54 12.56
CA LYS D 322 7.34 -4.28 13.26
C LYS D 322 7.75 -4.40 14.72
N TYR D 323 7.43 -5.53 15.36
CA TYR D 323 7.63 -5.67 16.80
C TYR D 323 8.84 -6.52 17.17
N LYS D 324 9.34 -7.35 16.25
CA LYS D 324 10.57 -8.10 16.49
C LYS D 324 11.75 -7.61 15.66
N GLU D 325 11.50 -6.94 14.54
CA GLU D 325 12.54 -6.28 13.77
C GLU D 325 13.63 -7.24 13.31
N TYR D 326 13.24 -8.50 13.02
CA TYR D 326 14.20 -9.41 12.40
C TYR D 326 14.71 -8.86 11.08
N ILE D 327 13.88 -8.10 10.37
CA ILE D 327 14.28 -7.41 9.14
C ILE D 327 13.98 -5.93 9.34
N PRO D 328 14.95 -5.10 9.69
CA PRO D 328 14.65 -3.69 9.97
C PRO D 328 14.17 -2.95 8.72
N GLY D 329 13.45 -1.86 8.96
CA GLY D 329 12.90 -1.07 7.88
C GLY D 329 11.72 -1.70 7.16
N TYR D 330 11.20 -2.81 7.67
CA TYR D 330 10.11 -3.51 7.00
C TYR D 330 8.88 -2.62 6.92
N THR D 331 8.05 -2.87 5.91
CA THR D 331 6.88 -2.05 5.67
C THR D 331 5.76 -2.41 6.66
N SER D 332 4.76 -1.52 6.71
CA SER D 332 3.54 -1.78 7.48
C SER D 332 2.31 -1.32 6.72
N GLU D 333 2.41 -1.17 5.40
CA GLU D 333 1.28 -0.68 4.60
C GLU D 333 0.01 -1.43 4.92
N HIS D 334 0.11 -2.73 5.20
CA HIS D 334 -1.07 -3.56 5.42
C HIS D 334 -1.43 -3.68 6.89
N PHE D 335 -0.45 -3.78 7.78
CA PHE D 335 -0.74 -3.79 9.21
C PHE D 335 -1.45 -2.50 9.64
N ASP D 336 -1.08 -1.38 9.02
CA ASP D 336 -1.70 -0.10 9.35
C ASP D 336 -3.14 -0.01 8.86
N MET D 337 -3.63 -0.98 8.10
CA MET D 337 -5.01 -0.99 7.65
C MET D 337 -5.94 -1.66 8.65
N LEU D 338 -5.43 -2.12 9.78
CA LEU D 338 -6.22 -2.87 10.75
C LEU D 338 -6.71 -1.97 11.87
N ASP D 339 -7.88 -2.31 12.40
CA ASP D 339 -8.41 -1.65 13.58
C ASP D 339 -7.34 -1.53 14.66
N GLU D 340 -7.45 -0.49 15.48
CA GLU D 340 -6.50 -0.31 16.57
C GLU D 340 -6.54 -1.48 17.55
N GLU D 341 -7.71 -2.09 17.74
CA GLU D 341 -7.82 -3.20 18.67
C GLU D 341 -7.19 -4.47 18.11
N VAL D 342 -7.35 -4.71 16.80
CA VAL D 342 -6.75 -5.88 16.19
C VAL D 342 -5.23 -5.74 16.15
N GLN D 343 -4.73 -4.52 15.94
CA GLN D 343 -3.30 -4.28 16.04
C GLN D 343 -2.79 -4.67 17.42
N SER D 344 -3.55 -4.33 18.47
CA SER D 344 -3.12 -4.67 19.82
C SER D 344 -3.06 -6.18 20.04
N SER D 345 -3.92 -6.93 19.33
CA SER D 345 -3.87 -8.38 19.45
C SER D 345 -2.53 -8.93 18.94
N PHE D 346 -2.13 -8.51 17.75
CA PHE D 346 -0.83 -8.91 17.22
C PHE D 346 0.30 -8.49 18.15
N GLU D 347 0.29 -7.23 18.58
CA GLU D 347 1.33 -6.73 19.49
C GLU D 347 1.39 -7.60 20.74
N SER D 348 0.23 -7.92 21.32
CA SER D 348 0.19 -8.68 22.56
C SER D 348 0.83 -10.06 22.40
N VAL D 349 0.38 -10.81 21.40
CA VAL D 349 0.87 -12.18 21.23
C VAL D 349 2.38 -12.18 21.01
N LEU D 350 2.88 -11.25 20.19
CA LEU D 350 4.31 -11.16 19.96
C LEU D 350 5.06 -10.72 21.22
N ALA D 351 4.38 -10.02 22.13
CA ALA D 351 5.01 -9.65 23.39
C ALA D 351 5.17 -10.87 24.30
N SER D 352 4.31 -11.87 24.15
CA SER D 352 4.42 -13.10 24.91
C SER D 352 5.47 -14.05 24.36
N LYS D 353 5.99 -13.78 23.17
CA LYS D 353 7.06 -14.58 22.57
C LYS D 353 8.39 -13.86 22.80
N SER D 354 9.41 -14.64 23.16
CA SER D 354 10.75 -14.10 23.40
C SER D 354 11.82 -14.65 22.49
N ASP D 355 11.56 -15.77 21.80
CA ASP D 355 12.54 -16.40 20.93
C ASP D 355 11.98 -16.53 19.52
N LYS D 356 12.88 -16.65 18.55
CA LYS D 356 12.46 -16.76 17.16
C LYS D 356 11.83 -18.12 16.87
N SER D 357 12.24 -19.16 17.59
CA SER D 357 11.65 -20.48 17.37
C SER D 357 10.16 -20.50 17.64
N GLU D 358 9.64 -19.53 18.39
CA GLU D 358 8.21 -19.41 18.64
C GLU D 358 7.48 -18.61 17.57
N ILE D 359 8.20 -17.98 16.65
CA ILE D 359 7.60 -17.19 15.59
C ILE D 359 7.67 -17.98 14.29
N PHE D 360 8.87 -18.31 13.86
CA PHE D 360 9.09 -19.04 12.62
C PHE D 360 9.30 -20.52 12.91
N SER D 361 8.68 -21.37 12.09
CA SER D 361 8.86 -22.81 12.21
C SER D 361 10.12 -23.25 11.47
N SER D 362 10.54 -24.48 11.75
CA SER D 362 11.71 -25.07 11.11
C SER D 362 11.27 -26.17 10.16
N LEU D 363 12.00 -26.30 9.05
CA LEU D 363 11.67 -27.32 8.05
C LEU D 363 11.84 -28.72 8.63
N GLY D 364 12.92 -28.95 9.38
CA GLY D 364 13.14 -30.22 10.05
C GLY D 364 13.26 -31.38 9.07
N ASP D 365 12.85 -32.55 9.54
CA ASP D 365 12.94 -33.78 8.75
C ASP D 365 11.75 -33.83 7.80
N MET D 366 11.99 -33.53 6.53
CA MET D 366 10.97 -33.63 5.50
C MET D 366 11.19 -34.88 4.65
N GLU D 367 10.14 -35.26 3.94
CA GLU D 367 10.19 -36.45 3.09
C GLU D 367 9.28 -36.23 1.89
N ALA D 368 9.70 -36.74 0.73
CA ALA D 368 8.96 -36.61 -0.50
C ALA D 368 9.08 -37.89 -1.30
N SER D 369 8.29 -37.98 -2.37
CA SER D 369 8.33 -39.15 -3.23
C SER D 369 9.52 -39.07 -4.18
N PRO D 370 10.10 -40.22 -4.55
CA PRO D 370 11.14 -40.21 -5.59
C PRO D 370 10.62 -39.78 -6.96
N LEU D 371 9.31 -39.63 -7.11
CA LEU D 371 8.71 -39.24 -8.38
C LEU D 371 8.40 -37.75 -8.48
N GLU D 372 8.18 -37.08 -7.36
CA GLU D 372 7.58 -35.76 -7.37
C GLU D 372 8.61 -34.65 -7.19
N VAL D 373 8.19 -33.44 -7.57
CA VAL D 373 8.87 -32.20 -7.23
C VAL D 373 7.77 -31.27 -6.72
N LYS D 374 7.80 -30.95 -5.43
CA LYS D 374 6.79 -30.09 -4.85
C LYS D 374 7.10 -28.63 -5.16
N ILE D 375 6.06 -27.86 -5.47
CA ILE D 375 6.20 -26.49 -5.91
C ILE D 375 5.26 -25.59 -5.11
N ALA D 376 5.60 -24.30 -5.06
CA ALA D 376 4.81 -23.33 -4.33
C ALA D 376 3.56 -22.94 -5.13
N PHE D 377 2.59 -22.38 -4.41
CA PHE D 377 1.33 -21.95 -5.00
C PHE D 377 1.05 -20.51 -4.59
N ASN D 378 0.28 -19.81 -5.44
CA ASN D 378 -0.23 -18.50 -5.11
C ASN D 378 -1.59 -18.35 -5.79
N SER D 379 -2.16 -17.14 -5.72
CA SER D 379 -3.48 -16.89 -6.31
C SER D 379 -3.48 -17.02 -7.82
N LYS D 380 -2.31 -17.08 -8.46
CA LYS D 380 -2.22 -17.23 -9.91
C LYS D 380 -1.91 -18.65 -10.35
N GLY D 381 -1.63 -19.56 -9.41
CA GLY D 381 -1.28 -20.92 -9.72
C GLY D 381 0.05 -21.31 -9.10
N ILE D 382 0.73 -22.25 -9.75
CA ILE D 382 2.04 -22.67 -9.27
C ILE D 382 3.08 -21.60 -9.61
N ILE D 383 4.17 -21.61 -8.85
CA ILE D 383 5.26 -20.66 -9.05
C ILE D 383 6.54 -21.27 -8.49
N ASN D 384 7.63 -21.24 -9.27
CA ASN D 384 8.86 -21.92 -8.93
C ASN D 384 9.76 -21.10 -8.00
N GLN D 385 9.17 -20.25 -7.15
CA GLN D 385 9.94 -19.55 -6.13
C GLN D 385 10.28 -20.45 -4.95
N GLY D 386 9.58 -21.58 -4.82
CA GLY D 386 9.89 -22.56 -3.80
C GLY D 386 9.74 -23.97 -4.34
N LEU D 387 10.75 -24.82 -4.11
CA LEU D 387 10.75 -26.16 -4.65
C LEU D 387 11.32 -27.13 -3.62
N ILE D 388 10.72 -28.31 -3.54
CA ILE D 388 11.21 -29.39 -2.69
C ILE D 388 11.27 -30.66 -3.53
N SER D 389 12.44 -31.30 -3.55
CA SER D 389 12.62 -32.52 -4.32
C SER D 389 13.78 -33.31 -3.74
N VAL D 390 13.66 -34.64 -3.79
CA VAL D 390 14.76 -35.51 -3.40
C VAL D 390 15.77 -35.51 -4.53
N LYS D 391 16.91 -36.13 -4.32
CA LYS D 391 17.96 -36.16 -5.33
C LYS D 391 17.51 -36.99 -6.53
N ASP D 392 17.65 -36.40 -7.72
CA ASP D 392 17.44 -37.13 -8.98
C ASP D 392 16.02 -37.68 -9.08
N SER D 393 15.04 -36.88 -8.70
CA SER D 393 13.65 -37.29 -8.79
C SER D 393 13.21 -37.36 -10.24
N TYR D 394 12.15 -38.14 -10.48
CA TYR D 394 11.67 -38.32 -11.85
C TYR D 394 11.12 -37.02 -12.42
N CYS D 395 10.35 -36.27 -11.63
CA CYS D 395 9.79 -35.02 -12.11
C CYS D 395 10.88 -34.00 -12.42
N SER D 396 11.91 -33.94 -11.57
CA SER D 396 13.03 -33.04 -11.86
C SER D 396 13.64 -33.34 -13.22
N ASN D 397 13.72 -34.63 -13.57
CA ASN D 397 14.21 -35.00 -14.90
C ASN D 397 13.22 -34.57 -15.98
N LEU D 398 11.93 -34.79 -15.75
CA LEU D 398 10.93 -34.34 -16.71
C LEU D 398 10.98 -32.83 -16.90
N ILE D 399 11.19 -32.10 -15.80
CA ILE D 399 11.24 -30.64 -15.88
C ILE D 399 12.44 -30.20 -16.71
N VAL D 400 13.60 -30.82 -16.48
CA VAL D 400 14.76 -30.51 -17.30
C VAL D 400 14.48 -30.84 -18.76
N LYS D 401 13.85 -31.99 -19.02
CA LYS D 401 13.51 -32.36 -20.38
C LYS D 401 12.53 -31.37 -21.00
N GLN D 402 11.58 -30.89 -20.21
CA GLN D 402 10.63 -29.89 -20.68
C GLN D 402 11.34 -28.61 -21.10
N ILE D 403 12.24 -28.13 -20.26
CA ILE D 403 12.96 -26.89 -20.56
C ILE D 403 13.88 -27.09 -21.77
N GLU D 404 14.67 -28.16 -21.75
CA GLU D 404 15.55 -28.44 -22.88
C GLU D 404 14.76 -28.54 -24.18
N ASN D 405 13.58 -29.15 -24.13
CA ASN D 405 12.77 -29.28 -25.34
C ASN D 405 12.21 -27.93 -25.79
N ARG D 406 11.89 -27.04 -24.86
CA ARG D 406 11.33 -25.75 -25.25
C ARG D 406 12.38 -24.82 -25.82
N TYR D 407 13.62 -24.89 -25.34
CA TYR D 407 14.67 -24.10 -25.95
C TYR D 407 15.05 -24.65 -27.32
N LYS D 408 14.84 -25.96 -27.53
CA LYS D 408 15.06 -26.56 -28.84
C LYS D 408 14.13 -25.94 -29.87
N ILE D 409 12.85 -25.83 -29.55
CA ILE D 409 11.87 -25.25 -30.48
C ILE D 409 12.14 -23.77 -30.68
N LEU D 410 12.50 -23.06 -29.62
CA LEU D 410 12.79 -21.63 -29.73
C LEU D 410 13.98 -21.40 -30.66
N ASN D 411 15.14 -21.95 -30.29
CA ASN D 411 16.34 -21.73 -31.07
C ASN D 411 16.24 -22.31 -32.48
N ASN D 412 15.31 -23.24 -32.71
CA ASN D 412 15.12 -23.77 -34.05
C ASN D 412 14.54 -22.71 -34.99
N SER D 413 13.75 -21.79 -34.46
CA SER D 413 13.18 -20.69 -35.25
C SER D 413 13.88 -19.36 -35.01
N LEU D 414 14.69 -19.24 -33.94
CA LEU D 414 15.36 -18.00 -33.63
C LEU D 414 16.75 -17.92 -34.27
N ASN D 415 17.49 -19.02 -34.28
CA ASN D 415 18.83 -19.00 -34.86
C ASN D 415 18.82 -18.60 -36.32
N PRO D 416 17.98 -19.16 -37.19
CA PRO D 416 17.98 -18.75 -38.60
C PRO D 416 17.61 -17.29 -38.80
N ALA D 417 17.06 -16.62 -37.80
CA ALA D 417 16.68 -15.22 -37.91
C ALA D 417 17.79 -14.27 -37.45
N ILE D 418 18.58 -14.69 -36.46
CA ILE D 418 19.67 -13.83 -35.97
C ILE D 418 20.91 -14.00 -36.83
N SER D 419 21.08 -15.17 -37.46
CA SER D 419 22.26 -15.40 -38.29
C SER D 419 22.41 -14.35 -39.38
N GLU D 420 21.30 -13.75 -39.80
CA GLU D 420 21.32 -12.66 -40.77
C GLU D 420 21.46 -11.33 -40.03
N ASP D 421 22.43 -10.52 -40.47
CA ASP D 421 22.72 -9.26 -39.80
C ASP D 421 21.65 -8.22 -40.10
N ASN D 422 20.42 -8.46 -39.63
CA ASN D 422 19.31 -7.56 -39.83
C ASN D 422 18.98 -6.84 -38.52
N ASP D 423 18.21 -5.77 -38.64
CA ASP D 423 17.88 -4.95 -37.49
C ASP D 423 16.84 -5.66 -36.61
N PHE D 424 16.42 -4.96 -35.55
CA PHE D 424 15.48 -5.54 -34.60
C PHE D 424 14.13 -5.81 -35.24
N ASN D 425 13.62 -4.84 -36.01
CA ASN D 425 12.28 -4.98 -36.58
C ASN D 425 12.25 -6.11 -37.61
N THR D 426 13.25 -6.18 -38.49
CA THR D 426 13.28 -7.24 -39.49
C THR D 426 13.49 -8.60 -38.84
N THR D 427 14.31 -8.67 -37.79
CA THR D 427 14.54 -9.93 -37.10
C THR D 427 13.27 -10.41 -36.41
N THR D 428 12.58 -9.51 -35.71
CA THR D 428 11.34 -9.88 -35.04
C THR D 428 10.33 -10.42 -36.03
N ASN D 429 10.13 -9.71 -37.14
CA ASN D 429 9.16 -10.16 -38.14
C ASN D 429 9.60 -11.50 -38.75
N ALA D 430 10.89 -11.67 -39.00
CA ALA D 430 11.38 -12.94 -39.52
C ALA D 430 11.30 -14.04 -38.47
N PHE D 431 11.36 -13.69 -37.19
CA PHE D 431 11.25 -14.68 -36.13
C PHE D 431 9.81 -15.13 -35.91
N ILE D 432 8.85 -14.23 -36.10
CA ILE D 432 7.45 -14.61 -35.93
C ILE D 432 6.94 -15.43 -37.11
N ASP D 433 7.43 -15.15 -38.32
CA ASP D 433 7.04 -15.96 -39.48
C ASP D 433 7.50 -17.40 -39.35
N SER D 434 8.57 -17.65 -38.59
CA SER D 434 9.09 -19.01 -38.46
C SER D 434 8.33 -19.83 -37.43
N ILE D 435 7.84 -19.20 -36.36
CA ILE D 435 7.13 -19.95 -35.33
C ILE D 435 5.74 -20.34 -35.80
N MET D 436 5.05 -19.44 -36.52
CA MET D 436 3.71 -19.76 -36.99
C MET D 436 3.72 -20.84 -38.07
N ALA D 437 4.83 -21.00 -38.79
CA ALA D 437 4.93 -22.09 -39.75
C ALA D 437 5.10 -23.42 -39.03
N GLU D 438 6.02 -23.50 -38.08
CA GLU D 438 6.25 -24.70 -37.29
C GLU D 438 5.16 -24.94 -36.26
N ALA D 439 4.20 -24.02 -36.11
CA ALA D 439 3.17 -24.13 -35.09
C ALA D 439 2.15 -25.17 -35.52
N ASN D 440 2.12 -26.29 -34.80
CA ASN D 440 1.13 -27.34 -35.03
C ASN D 440 0.05 -27.27 -33.97
N ALA D 441 -1.17 -27.67 -34.36
CA ALA D 441 -2.34 -27.53 -33.49
C ALA D 441 -2.18 -28.35 -32.21
N ASP D 442 -1.26 -27.95 -31.34
CA ASP D 442 -1.10 -28.59 -30.04
C ASP D 442 -0.14 -27.80 -29.16
N ASN D 443 0.75 -27.01 -29.76
CA ASN D 443 1.66 -26.14 -29.02
C ASN D 443 1.40 -24.66 -29.34
N GLY D 444 0.17 -24.34 -29.75
CA GLY D 444 -0.13 -22.98 -30.16
C GLY D 444 0.15 -21.96 -29.07
N ARG D 445 -0.38 -22.20 -27.87
CA ARG D 445 -0.18 -21.26 -26.77
C ARG D 445 1.29 -21.06 -26.48
N PHE D 446 2.09 -22.12 -26.57
CA PHE D 446 3.52 -22.01 -26.32
C PHE D 446 4.21 -21.15 -27.38
N MET D 447 3.85 -21.35 -28.65
CA MET D 447 4.45 -20.56 -29.71
C MET D 447 3.97 -19.12 -29.68
N MET D 448 2.73 -18.90 -29.24
CA MET D 448 2.18 -17.55 -29.14
C MET D 448 2.91 -16.71 -28.10
N GLU D 449 3.72 -17.31 -27.23
CA GLU D 449 4.42 -16.60 -26.18
C GLU D 449 5.89 -16.35 -26.49
N LEU D 450 6.41 -16.91 -27.58
CA LEU D 450 7.82 -16.76 -27.91
C LEU D 450 8.11 -15.53 -28.76
N GLY D 451 7.12 -15.01 -29.49
CA GLY D 451 7.32 -13.85 -30.33
C GLY D 451 7.88 -12.63 -29.60
N LYS D 452 7.83 -12.63 -28.28
CA LYS D 452 8.35 -11.54 -27.47
C LYS D 452 9.70 -11.86 -26.86
N TYR D 453 10.33 -12.96 -27.28
CA TYR D 453 11.52 -13.46 -26.58
C TYR D 453 12.64 -12.42 -26.55
N LEU D 454 12.84 -11.70 -27.66
CA LEU D 454 13.94 -10.74 -27.70
C LEU D 454 13.72 -9.54 -26.80
N ARG D 455 12.48 -9.30 -26.37
CA ARG D 455 12.13 -8.12 -25.60
C ARG D 455 12.02 -8.39 -24.10
N VAL D 456 12.37 -9.60 -23.65
CA VAL D 456 12.32 -9.90 -22.22
C VAL D 456 13.39 -9.11 -21.50
N GLY D 457 13.06 -8.60 -20.31
CA GLY D 457 13.98 -7.85 -19.51
C GLY D 457 14.06 -6.37 -19.83
N PHE D 458 13.56 -5.95 -21.00
CA PHE D 458 13.62 -4.55 -21.40
C PHE D 458 12.22 -3.96 -21.63
N PHE D 459 11.16 -4.70 -21.29
CA PHE D 459 9.80 -4.26 -21.51
C PHE D 459 8.96 -4.62 -20.30
N PRO D 460 7.88 -3.87 -20.04
CA PRO D 460 7.01 -4.20 -18.91
C PRO D 460 5.99 -5.27 -19.29
N ASP D 461 5.77 -6.20 -18.36
CA ASP D 461 4.72 -7.21 -18.49
C ASP D 461 4.99 -8.13 -19.69
N VAL D 462 6.18 -8.71 -19.72
CA VAL D 462 6.56 -9.70 -20.72
C VAL D 462 6.86 -11.00 -19.99
N LYS D 463 6.06 -12.02 -20.26
CA LYS D 463 6.17 -13.29 -19.54
C LYS D 463 6.45 -14.46 -20.47
N THR D 464 7.58 -14.40 -21.19
CA THR D 464 8.02 -15.53 -21.99
C THR D 464 8.84 -16.51 -21.17
N THR D 465 9.58 -16.02 -20.17
CA THR D 465 10.30 -16.91 -19.27
C THR D 465 9.35 -17.89 -18.59
N ILE D 466 8.12 -17.45 -18.30
CA ILE D 466 7.14 -18.32 -17.66
C ILE D 466 6.89 -19.56 -18.51
N ASN D 467 6.95 -19.41 -19.83
CA ASN D 467 6.65 -20.51 -20.73
C ASN D 467 7.86 -21.37 -21.06
N LEU D 468 9.07 -20.78 -21.05
CA LEU D 468 10.27 -21.53 -21.41
C LEU D 468 10.79 -22.36 -20.25
N SER D 469 11.29 -21.69 -19.21
CA SER D 469 11.85 -22.36 -18.04
C SER D 469 11.06 -22.11 -16.77
N GLY D 470 9.93 -21.42 -16.85
CA GLY D 470 9.16 -21.05 -15.69
C GLY D 470 8.16 -22.12 -15.29
N PRO D 471 7.19 -21.74 -14.44
CA PRO D 471 6.21 -22.72 -13.97
C PRO D 471 5.49 -23.47 -15.07
N GLU D 472 5.28 -22.85 -16.23
CA GLU D 472 4.60 -23.53 -17.33
C GLU D 472 5.29 -24.84 -17.69
N ALA D 473 6.62 -24.88 -17.57
CA ALA D 473 7.35 -26.12 -17.84
C ALA D 473 7.21 -27.12 -16.69
N TYR D 474 6.96 -26.64 -15.48
CA TYR D 474 6.69 -27.54 -14.38
C TYR D 474 5.31 -28.16 -14.50
N ALA D 475 4.31 -27.34 -14.86
CA ALA D 475 2.97 -27.87 -15.08
C ALA D 475 2.98 -28.94 -16.17
N ALA D 476 3.76 -28.72 -17.23
CA ALA D 476 3.85 -29.71 -18.29
C ALA D 476 4.51 -30.99 -17.78
N ALA D 477 5.53 -30.86 -16.93
CA ALA D 477 6.16 -32.03 -16.34
C ALA D 477 5.15 -32.84 -15.53
N TYR D 478 4.38 -32.15 -14.69
CA TYR D 478 3.35 -32.84 -13.92
C TYR D 478 2.37 -33.57 -14.83
N GLN D 479 1.99 -32.93 -15.95
CA GLN D 479 1.07 -33.56 -16.88
C GLN D 479 1.72 -34.77 -17.55
N ASP D 480 3.01 -34.67 -17.89
CA ASP D 480 3.72 -35.82 -18.43
C ASP D 480 3.63 -37.01 -17.48
N LEU D 481 3.72 -36.75 -16.17
CA LEU D 481 3.70 -37.82 -15.19
C LEU D 481 2.32 -38.49 -15.13
N LEU D 482 1.28 -37.69 -14.89
CA LEU D 482 -0.06 -38.25 -14.72
C LEU D 482 -0.62 -38.80 -16.02
N MET D 483 -0.08 -38.40 -17.17
CA MET D 483 -0.53 -38.91 -18.46
C MET D 483 0.39 -39.99 -19.01
N PHE D 484 1.44 -40.37 -18.28
CA PHE D 484 2.33 -41.46 -18.68
C PHE D 484 2.95 -41.18 -20.06
N LYS D 485 3.48 -39.97 -20.22
CA LYS D 485 4.09 -39.57 -21.48
C LYS D 485 5.23 -38.60 -21.19
N GLU D 486 5.81 -38.06 -22.26
CA GLU D 486 6.83 -37.02 -22.16
C GLU D 486 6.66 -36.07 -23.33
N GLY D 487 7.01 -34.81 -23.10
CA GLY D 487 6.89 -33.79 -24.13
C GLY D 487 5.51 -33.18 -24.24
N SER D 488 4.86 -32.91 -23.11
CA SER D 488 3.57 -32.23 -23.13
C SER D 488 3.75 -30.76 -23.46
N MET D 489 2.83 -30.23 -24.26
CA MET D 489 2.88 -28.83 -24.68
C MET D 489 1.56 -28.14 -24.40
N ASN D 490 0.45 -28.89 -24.48
CA ASN D 490 -0.88 -28.37 -24.20
C ASN D 490 -1.29 -28.80 -22.81
N ILE D 491 -1.38 -27.83 -21.89
CA ILE D 491 -1.73 -28.11 -20.50
C ILE D 491 -3.25 -28.24 -20.39
N HIS D 492 -3.71 -29.36 -19.84
CA HIS D 492 -5.12 -29.56 -19.55
C HIS D 492 -5.36 -29.89 -18.08
N LEU D 493 -4.34 -29.77 -17.23
CA LEU D 493 -4.51 -30.03 -15.81
C LEU D 493 -5.25 -28.88 -15.15
N ILE D 494 -6.17 -29.23 -14.24
CA ILE D 494 -6.89 -28.24 -13.45
C ILE D 494 -6.15 -28.07 -12.12
N GLU D 495 -6.56 -27.07 -11.34
CA GLU D 495 -5.87 -26.81 -10.07
C GLU D 495 -5.86 -28.04 -9.19
N ALA D 496 -6.97 -28.79 -9.15
CA ALA D 496 -7.04 -29.99 -8.31
C ALA D 496 -5.94 -30.97 -8.68
N ASP D 497 -5.60 -31.08 -9.96
CA ASP D 497 -4.56 -32.00 -10.38
C ASP D 497 -3.19 -31.56 -9.86
N LEU D 498 -2.88 -30.27 -9.97
CA LEU D 498 -1.57 -29.78 -9.57
C LEU D 498 -1.41 -29.68 -8.06
N ARG D 499 -2.51 -29.69 -7.30
CA ARG D 499 -2.42 -29.60 -5.85
C ARG D 499 -1.76 -30.82 -5.23
N ASN D 500 -1.65 -31.93 -5.97
CA ASN D 500 -0.95 -33.10 -5.47
C ASN D 500 0.54 -32.86 -5.29
N PHE D 501 1.07 -31.74 -5.81
CA PHE D 501 2.48 -31.42 -5.71
C PHE D 501 2.70 -30.08 -5.01
N GLU D 502 1.77 -29.68 -4.14
CA GLU D 502 1.84 -28.39 -3.48
C GLU D 502 2.80 -28.43 -2.30
N ILE D 503 3.56 -27.37 -2.13
CA ILE D 503 4.31 -27.15 -0.89
C ILE D 503 3.37 -26.55 0.13
N SER D 504 3.30 -27.16 1.31
CA SER D 504 2.42 -26.68 2.35
C SER D 504 2.74 -25.23 2.71
N LYS D 505 1.70 -24.42 2.84
CA LYS D 505 1.87 -23.02 3.22
C LYS D 505 2.58 -22.86 4.55
N THR D 506 2.68 -23.93 5.35
CA THR D 506 3.37 -23.88 6.62
C THR D 506 4.89 -23.87 6.49
N ASN D 507 5.43 -24.14 5.29
CA ASN D 507 6.87 -24.25 5.11
C ASN D 507 7.49 -23.05 4.42
N ILE D 508 6.69 -22.15 3.85
CA ILE D 508 7.20 -20.98 3.15
C ILE D 508 6.26 -19.81 3.39
N SER D 509 6.81 -18.67 3.80
CA SER D 509 6.08 -17.41 3.82
C SER D 509 6.40 -16.70 2.50
N GLN D 510 5.42 -16.65 1.60
CA GLN D 510 5.66 -16.18 0.24
C GLN D 510 5.35 -14.71 0.05
N SER D 511 4.45 -14.15 0.85
CA SER D 511 4.00 -12.76 0.65
C SER D 511 4.86 -11.80 1.46
N THR D 512 6.14 -11.74 1.11
CA THR D 512 7.09 -10.85 1.76
C THR D 512 7.10 -9.49 1.07
N GLU D 513 7.76 -8.53 1.71
CA GLU D 513 7.89 -7.20 1.12
C GLU D 513 8.79 -7.24 -0.11
N GLN D 514 9.94 -7.91 -0.01
CA GLN D 514 10.84 -8.01 -1.15
C GLN D 514 10.22 -8.80 -2.29
N GLU D 515 9.25 -9.69 -1.99
CA GLU D 515 8.59 -10.45 -3.04
C GLU D 515 7.47 -9.65 -3.68
N MET D 516 6.64 -9.00 -2.87
CA MET D 516 5.57 -8.15 -3.40
C MET D 516 6.12 -6.88 -4.04
N ALA D 517 7.41 -6.61 -3.90
CA ALA D 517 8.06 -5.50 -4.60
C ALA D 517 8.87 -5.97 -5.80
N SER D 518 9.32 -7.22 -5.80
CA SER D 518 10.10 -7.76 -6.92
C SER D 518 9.23 -8.35 -8.02
N LEU D 519 7.98 -8.71 -7.72
CA LEU D 519 7.11 -9.27 -8.74
C LEU D 519 6.77 -8.20 -9.78
N TRP D 520 5.94 -8.56 -10.74
CA TRP D 520 5.52 -7.60 -11.76
C TRP D 520 4.48 -6.67 -11.15
N SER D 521 4.74 -5.36 -11.21
CA SER D 521 3.74 -4.37 -10.86
C SER D 521 4.07 -3.05 -11.56
N PHE D 522 4.57 -3.14 -12.78
CA PHE D 522 5.21 -2.02 -13.44
C PHE D 522 4.46 -1.64 -14.71
N ASP D 523 3.72 -0.53 -14.64
CA ASP D 523 3.42 0.29 -15.81
C ASP D 523 4.29 1.53 -15.83
N ASP D 524 5.44 1.46 -15.16
CA ASP D 524 6.41 2.54 -14.95
C ASP D 524 6.49 3.57 -16.07
N ALA D 525 5.39 4.25 -16.37
CA ALA D 525 5.48 5.43 -17.23
C ALA D 525 6.12 6.52 -16.38
N ARG D 526 7.43 6.71 -16.55
CA ARG D 526 8.21 7.57 -15.67
C ARG D 526 8.70 8.84 -16.35
N ALA D 527 9.32 8.74 -17.52
CA ALA D 527 9.83 9.90 -18.23
C ALA D 527 10.88 10.62 -17.38
N LYS D 528 12.16 10.32 -17.61
CA LYS D 528 13.23 10.96 -16.88
C LYS D 528 13.26 12.46 -17.16
N ALA D 529 14.23 13.16 -16.57
CA ALA D 529 14.38 14.60 -16.77
C ALA D 529 15.85 14.99 -16.71
N GLU E 1 1.17 12.85 17.94
CA GLU E 1 1.42 12.53 19.38
C GLU E 1 0.11 12.24 20.11
N ILE E 2 0.13 11.24 20.98
CA ILE E 2 -1.02 10.89 21.81
C ILE E 2 -0.80 11.43 23.21
N VAL E 3 -1.80 12.13 23.73
CA VAL E 3 -1.76 12.65 25.09
C VAL E 3 -2.56 11.71 25.99
N LEU E 4 -1.97 11.32 27.11
CA LEU E 4 -2.63 10.49 28.11
C LEU E 4 -2.92 11.38 29.32
N THR E 5 -4.20 11.48 29.68
CA THR E 5 -4.64 12.30 30.80
C THR E 5 -5.15 11.38 31.91
N GLN E 6 -4.42 11.35 33.01
CA GLN E 6 -4.83 10.57 34.18
C GLN E 6 -5.61 11.45 35.14
N SER E 7 -6.54 10.83 35.86
CA SER E 7 -7.36 11.55 36.83
C SER E 7 -7.77 10.60 37.93
N PRO E 8 -7.84 11.06 39.20
CA PRO E 8 -7.46 12.39 39.64
C PRO E 8 -5.94 12.57 39.72
N ALA E 9 -5.47 13.82 39.79
CA ALA E 9 -4.05 14.06 39.98
C ALA E 9 -3.57 13.43 41.28
N THR E 10 -4.32 13.63 42.36
CA THR E 10 -4.07 13.00 43.64
C THR E 10 -5.33 12.28 44.10
N LEU E 11 -5.15 11.16 44.78
CA LEU E 11 -6.27 10.35 45.26
C LEU E 11 -5.99 9.97 46.71
N SER E 12 -6.85 10.45 47.61
CA SER E 12 -6.69 10.23 49.05
C SER E 12 -7.66 9.13 49.49
N LEU E 13 -7.10 8.02 49.98
CA LEU E 13 -7.89 6.89 50.42
C LEU E 13 -7.19 6.22 51.58
N SER E 14 -7.94 5.41 52.32
CA SER E 14 -7.39 4.66 53.44
C SER E 14 -7.27 3.19 53.09
N PRO E 15 -6.34 2.46 53.73
CA PRO E 15 -6.20 1.03 53.43
C PRO E 15 -7.53 0.30 53.53
N GLY E 16 -7.74 -0.65 52.62
CA GLY E 16 -8.97 -1.40 52.55
C GLY E 16 -10.00 -0.83 51.59
N GLU E 17 -9.87 0.44 51.22
CA GLU E 17 -10.83 1.07 50.32
C GLU E 17 -10.51 0.73 48.87
N ARG E 18 -11.37 1.19 47.97
CA ARG E 18 -11.31 0.83 46.55
C ARG E 18 -10.79 2.02 45.76
N ALA E 19 -9.70 1.81 45.02
CA ALA E 19 -9.08 2.85 44.22
C ALA E 19 -9.43 2.63 42.76
N THR E 20 -9.88 3.70 42.10
CA THR E 20 -10.27 3.67 40.68
C THR E 20 -9.48 4.76 39.97
N LEU E 21 -8.43 4.36 39.26
CA LEU E 21 -7.56 5.29 38.55
C LEU E 21 -7.91 5.27 37.07
N SER E 22 -8.08 6.46 36.49
CA SER E 22 -8.50 6.60 35.10
C SER E 22 -7.35 7.08 34.23
N CYS E 23 -7.37 6.63 32.97
CA CYS E 23 -6.38 7.03 31.97
C CYS E 23 -7.11 7.24 30.66
N ARG E 24 -7.02 8.45 30.11
CA ARG E 24 -7.76 8.84 28.92
C ARG E 24 -6.78 9.20 27.80
N ALA E 25 -7.01 8.65 26.61
CA ALA E 25 -6.17 8.90 25.45
C ALA E 25 -6.86 9.85 24.49
N SER E 26 -6.08 10.75 23.88
CA SER E 26 -6.65 11.72 22.95
C SER E 26 -7.23 11.05 21.72
N GLN E 27 -6.71 9.88 21.35
CA GLN E 27 -7.25 9.10 20.24
C GLN E 27 -7.14 7.63 20.59
N SER E 28 -7.92 6.81 19.88
CA SER E 28 -7.99 5.39 20.19
C SER E 28 -6.59 4.76 20.14
N VAL E 29 -6.31 3.90 21.11
CA VAL E 29 -5.05 3.17 21.19
C VAL E 29 -5.30 1.66 21.18
N GLY E 30 -6.45 1.23 20.67
CA GLY E 30 -6.81 -0.18 20.74
C GLY E 30 -6.92 -0.59 22.21
N THR E 31 -6.06 -1.52 22.61
CA THR E 31 -5.99 -1.92 24.02
C THR E 31 -4.54 -1.99 24.50
N SER E 32 -3.64 -1.27 23.84
CA SER E 32 -2.21 -1.28 24.19
C SER E 32 -1.93 -0.23 25.26
N ILE E 33 -2.40 -0.53 26.47
CA ILE E 33 -2.21 0.33 27.63
C ILE E 33 -1.53 -0.49 28.71
N HIS E 34 -0.46 0.06 29.28
CA HIS E 34 0.30 -0.58 30.33
C HIS E 34 0.32 0.32 31.56
N TRP E 35 0.42 -0.30 32.74
CA TRP E 35 0.40 0.42 34.01
C TRP E 35 1.69 0.17 34.77
N TYR E 36 2.20 1.22 35.41
CA TYR E 36 3.45 1.15 36.15
C TYR E 36 3.27 1.77 37.52
N GLN E 37 3.85 1.12 38.53
CA GLN E 37 3.88 1.64 39.89
C GLN E 37 5.29 2.10 40.21
N GLN E 38 5.40 3.29 40.81
CA GLN E 38 6.69 3.85 41.20
C GLN E 38 6.58 4.40 42.61
N LYS E 39 7.38 3.87 43.50
CA LYS E 39 7.51 4.42 44.84
C LYS E 39 8.69 5.39 44.88
N PRO E 40 8.68 6.37 45.78
CA PRO E 40 9.79 7.34 45.81
C PRO E 40 11.13 6.64 45.99
N GLY E 41 12.09 7.01 45.14
CA GLY E 41 13.44 6.51 45.23
C GLY E 41 13.69 5.21 44.49
N GLN E 42 12.66 4.54 44.00
CA GLN E 42 12.81 3.28 43.29
C GLN E 42 12.41 3.45 41.82
N ALA E 43 12.60 2.40 41.05
CA ALA E 43 12.24 2.41 39.64
C ALA E 43 10.82 1.92 39.44
N PRO E 44 10.19 2.26 38.32
CA PRO E 44 8.82 1.80 38.09
C PRO E 44 8.74 0.28 38.00
N ARG E 45 7.56 -0.25 38.34
CA ARG E 45 7.28 -1.68 38.24
C ARG E 45 6.01 -1.86 37.42
N LEU E 46 6.10 -2.69 36.39
CA LEU E 46 4.95 -2.97 35.54
C LEU E 46 3.87 -3.72 36.32
N LEU E 47 2.64 -3.23 36.24
CA LEU E 47 1.50 -3.86 36.90
C LEU E 47 0.61 -4.59 35.92
N ILE E 48 0.03 -3.89 34.96
CA ILE E 48 -0.88 -4.47 33.97
C ILE E 48 -0.35 -4.10 32.59
N LYS E 49 -0.39 -5.07 31.68
CA LYS E 49 0.01 -4.86 30.30
C LYS E 49 -1.19 -5.09 29.38
N PHE E 50 -1.32 -4.23 28.37
CA PHE E 50 -2.41 -4.33 27.39
C PHE E 50 -3.77 -4.24 28.07
N ALA E 51 -3.92 -3.22 28.91
CA ALA E 51 -5.21 -2.86 29.52
C ALA E 51 -5.62 -3.83 30.62
N SER E 52 -5.49 -5.14 30.39
CA SER E 52 -6.09 -6.12 31.29
C SER E 52 -5.23 -7.34 31.60
N GLU E 53 -4.20 -7.64 30.82
CA GLU E 53 -3.44 -8.87 31.03
C GLU E 53 -2.63 -8.76 32.33
N SER E 54 -2.50 -9.89 33.03
CA SER E 54 -1.83 -9.94 34.32
C SER E 54 -0.33 -10.09 34.16
N ILE E 55 0.41 -9.58 35.14
CA ILE E 55 1.86 -9.68 35.19
C ILE E 55 2.23 -10.62 36.32
N SER E 56 3.23 -11.47 36.07
CA SER E 56 3.69 -12.39 37.10
C SER E 56 4.35 -11.63 38.24
N GLY E 57 4.05 -12.05 39.46
CA GLY E 57 4.60 -11.40 40.64
C GLY E 57 3.82 -10.20 41.13
N ILE E 58 2.65 -9.93 40.58
CA ILE E 58 1.80 -8.82 41.01
C ILE E 58 0.57 -9.40 41.69
N PRO E 59 0.24 -8.98 42.91
CA PRO E 59 -0.92 -9.57 43.59
C PRO E 59 -2.20 -9.38 42.79
N ALA E 60 -3.18 -10.24 43.09
CA ALA E 60 -4.42 -10.25 42.34
C ALA E 60 -5.28 -9.02 42.61
N ARG E 61 -5.07 -8.32 43.73
CA ARG E 61 -5.88 -7.16 44.04
C ARG E 61 -5.73 -6.05 42.99
N PHE E 62 -4.70 -6.12 42.16
CA PHE E 62 -4.53 -5.19 41.05
C PHE E 62 -5.15 -5.77 39.79
N SER E 63 -5.98 -4.98 39.11
CA SER E 63 -6.56 -5.39 37.85
C SER E 63 -6.83 -4.15 37.01
N GLY E 64 -6.84 -4.35 35.69
CA GLY E 64 -7.10 -3.27 34.77
C GLY E 64 -8.14 -3.67 33.74
N SER E 65 -8.71 -2.64 33.10
CA SER E 65 -9.68 -2.85 32.04
C SER E 65 -9.74 -1.60 31.18
N GLY E 66 -10.30 -1.75 29.99
CA GLY E 66 -10.45 -0.62 29.09
C GLY E 66 -10.28 -0.99 27.64
N SER E 67 -10.66 -0.07 26.75
CA SER E 67 -10.52 -0.29 25.32
C SER E 67 -10.80 1.01 24.58
N GLY E 68 -9.95 1.36 23.61
CA GLY E 68 -10.15 2.55 22.82
C GLY E 68 -9.44 3.76 23.39
N THR E 69 -10.17 4.59 24.13
CA THR E 69 -9.62 5.81 24.71
C THR E 69 -9.78 5.90 26.22
N ASP E 70 -10.61 5.06 26.83
CA ASP E 70 -10.86 5.10 28.28
C ASP E 70 -10.35 3.81 28.89
N PHE E 71 -9.48 3.94 29.89
CA PHE E 71 -8.89 2.79 30.56
C PHE E 71 -8.87 3.05 32.06
N THR E 72 -9.03 1.98 32.83
CA THR E 72 -9.19 2.06 34.27
C THR E 72 -8.28 1.06 34.96
N LEU E 73 -7.61 1.51 36.01
CA LEU E 73 -6.88 0.64 36.92
C LEU E 73 -7.63 0.61 38.25
N THR E 74 -7.94 -0.59 38.72
CA THR E 74 -8.73 -0.77 39.94
C THR E 74 -7.93 -1.59 40.94
N ILE E 75 -7.89 -1.11 42.19
CA ILE E 75 -7.32 -1.84 43.30
C ILE E 75 -8.46 -2.14 44.26
N SER E 76 -8.80 -3.42 44.41
CA SER E 76 -9.96 -3.80 45.21
C SER E 76 -9.79 -3.35 46.65
N SER E 77 -8.82 -3.90 47.36
CA SER E 77 -8.56 -3.59 48.76
C SER E 77 -7.15 -2.99 48.87
N LEU E 78 -7.09 -1.70 49.16
CA LEU E 78 -5.80 -1.02 49.24
C LEU E 78 -4.98 -1.55 50.41
N GLU E 79 -3.76 -1.96 50.12
CA GLU E 79 -2.80 -2.32 51.15
C GLU E 79 -1.88 -1.15 51.43
N PRO E 80 -1.26 -1.09 52.62
CA PRO E 80 -0.37 0.04 52.91
C PRO E 80 0.76 0.18 51.91
N GLU E 81 1.24 -0.93 51.35
CA GLU E 81 2.35 -0.89 50.40
C GLU E 81 1.92 -0.47 49.01
N ASP E 82 0.64 -0.22 48.78
CA ASP E 82 0.15 0.17 47.47
C ASP E 82 0.05 1.67 47.26
N PHE E 83 0.31 2.46 48.30
CA PHE E 83 0.23 3.91 48.18
C PHE E 83 1.50 4.44 47.52
N ALA E 84 1.36 4.88 46.27
CA ALA E 84 2.49 5.35 45.47
C ALA E 84 1.97 6.11 44.27
N VAL E 85 2.80 6.28 43.24
CA VAL E 85 2.39 6.91 42.00
C VAL E 85 2.14 5.83 40.96
N TYR E 86 1.19 6.07 40.07
CA TYR E 86 0.80 5.11 39.06
C TYR E 86 0.75 5.81 37.70
N TYR E 87 1.48 5.25 36.74
CA TYR E 87 1.57 5.81 35.39
C TYR E 87 0.91 4.87 34.39
N CYS E 88 0.29 5.45 33.37
CA CYS E 88 -0.20 4.71 32.22
C CYS E 88 0.54 5.16 30.97
N GLN E 89 0.93 4.20 30.14
CA GLN E 89 1.53 4.49 28.84
C GLN E 89 0.76 3.75 27.76
N GLN E 90 0.84 4.26 26.55
CA GLN E 90 0.31 3.60 25.37
C GLN E 90 1.45 3.19 24.46
N SER E 91 1.38 1.97 23.95
CA SER E 91 2.43 1.42 23.08
C SER E 91 1.92 1.15 21.67
N ASN E 92 0.80 1.78 21.28
CA ASN E 92 0.18 1.51 19.99
C ASN E 92 0.66 2.46 18.90
N LYS E 93 0.88 3.73 19.23
CA LYS E 93 1.34 4.73 18.27
C LYS E 93 2.71 5.24 18.68
N TRP E 94 3.39 5.88 17.72
CA TRP E 94 4.71 6.43 17.93
C TRP E 94 4.67 7.94 17.75
N PRO E 95 5.36 8.71 18.62
CA PRO E 95 6.17 8.27 19.76
C PRO E 95 5.31 7.76 20.91
N PHE E 96 5.91 6.95 21.78
CA PHE E 96 5.21 6.35 22.90
C PHE E 96 5.23 7.31 24.08
N THR E 97 4.08 7.48 24.72
CA THR E 97 3.91 8.53 25.72
C THR E 97 3.37 7.95 27.01
N PHE E 98 3.69 8.64 28.11
CA PHE E 98 3.16 8.34 29.44
C PHE E 98 2.14 9.39 29.83
N GLY E 99 1.38 9.08 30.87
CA GLY E 99 0.53 10.05 31.51
C GLY E 99 1.31 10.87 32.52
N GLN E 100 0.61 11.82 33.15
CA GLN E 100 1.23 12.63 34.19
C GLN E 100 1.38 11.86 35.49
N GLY E 101 0.66 10.74 35.65
CA GLY E 101 0.70 9.97 36.86
C GLY E 101 -0.42 10.34 37.82
N THR E 102 -0.71 9.42 38.74
CA THR E 102 -1.69 9.64 39.80
C THR E 102 -1.04 9.27 41.12
N LYS E 103 -0.91 10.25 42.01
CA LYS E 103 -0.38 9.99 43.34
C LYS E 103 -1.50 9.43 44.22
N LEU E 104 -1.23 8.29 44.86
CA LEU E 104 -2.19 7.62 45.72
C LEU E 104 -1.76 7.87 47.17
N GLU E 105 -2.42 8.82 47.82
CA GLU E 105 -2.08 9.27 49.16
C GLU E 105 -2.94 8.57 50.20
N ILE E 106 -2.35 8.33 51.37
CA ILE E 106 -3.11 7.80 52.50
C ILE E 106 -3.96 8.90 53.09
N LYS E 107 -5.25 8.62 53.31
CA LYS E 107 -6.18 9.59 53.88
C LYS E 107 -6.29 9.36 55.37
N ARG E 108 -5.99 10.40 56.16
CA ARG E 108 -6.11 10.36 57.61
C ARG E 108 -6.92 11.56 58.08
N THR E 109 -7.05 11.68 59.40
CA THR E 109 -7.77 12.80 59.99
C THR E 109 -6.93 14.07 59.93
N VAL E 110 -7.62 15.21 59.82
CA VAL E 110 -6.93 16.49 59.77
C VAL E 110 -6.05 16.62 61.00
N ALA E 111 -4.81 17.07 60.79
CA ALA E 111 -3.84 17.23 61.87
C ALA E 111 -3.20 18.61 61.75
N ALA E 112 -3.32 19.40 62.81
CA ALA E 112 -2.78 20.75 62.79
C ALA E 112 -1.26 20.72 62.95
N PRO E 113 -0.54 21.62 62.27
CA PRO E 113 0.92 21.66 62.42
C PRO E 113 1.34 22.33 63.73
N SER E 114 2.61 22.11 64.07
CA SER E 114 3.25 22.77 65.20
C SER E 114 4.22 23.79 64.63
N VAL E 115 3.80 25.06 64.60
CA VAL E 115 4.61 26.09 63.98
C VAL E 115 5.78 26.44 64.87
N PHE E 116 6.96 26.61 64.27
CA PHE E 116 8.17 26.97 64.98
C PHE E 116 8.95 27.97 64.14
N ILE E 117 9.58 28.95 64.81
CA ILE E 117 10.39 29.97 64.15
C ILE E 117 11.78 29.92 64.75
N PHE E 118 12.79 30.18 63.92
CA PHE E 118 14.18 30.05 64.33
C PHE E 118 15.00 31.22 63.82
N PRO E 119 16.06 31.60 64.54
CA PRO E 119 16.89 32.72 64.11
C PRO E 119 18.01 32.27 63.19
N PRO E 120 18.62 33.18 62.45
CA PRO E 120 19.85 32.84 61.74
C PRO E 120 21.01 32.68 62.70
N SER E 121 21.88 31.70 62.41
CA SER E 121 23.04 31.47 63.24
C SER E 121 24.05 32.61 63.07
N ASP E 122 24.91 32.78 64.07
CA ASP E 122 25.93 33.82 64.02
C ASP E 122 26.97 33.53 62.95
N GLU E 123 27.31 32.26 62.74
CA GLU E 123 28.29 31.91 61.71
C GLU E 123 27.85 32.44 60.34
N GLN E 124 26.56 32.32 60.04
CA GLN E 124 26.03 32.79 58.76
C GLN E 124 25.77 34.30 58.78
N LEU E 125 25.47 34.86 59.96
CA LEU E 125 25.25 36.30 60.05
C LEU E 125 26.47 37.07 59.54
N LYS E 126 27.63 36.84 60.14
CA LYS E 126 28.85 37.51 59.72
C LYS E 126 29.40 36.98 58.40
N SER E 127 28.87 35.87 57.90
CA SER E 127 29.36 35.26 56.67
C SER E 127 28.31 35.37 55.57
N GLY E 128 28.04 36.60 55.17
CA GLY E 128 27.18 36.84 54.01
C GLY E 128 25.73 37.09 54.39
N THR E 129 24.85 36.17 53.98
CA THR E 129 23.41 36.37 54.07
C THR E 129 22.88 35.83 55.40
N ALA E 130 21.55 35.84 55.55
CA ALA E 130 20.88 35.35 56.75
C ALA E 130 19.65 34.56 56.33
N SER E 131 19.41 33.44 57.03
CA SER E 131 18.32 32.54 56.71
C SER E 131 17.37 32.42 57.90
N VAL E 132 16.08 32.59 57.63
CA VAL E 132 15.03 32.45 58.64
C VAL E 132 14.12 31.31 58.19
N VAL E 133 14.02 30.27 59.00
CA VAL E 133 13.32 29.04 58.64
C VAL E 133 12.08 28.91 59.52
N CYS E 134 10.95 28.60 58.89
CA CYS E 134 9.68 28.39 59.58
C CYS E 134 9.26 26.95 59.36
N LEU E 135 9.12 26.21 60.45
CA LEU E 135 8.82 24.78 60.40
C LEU E 135 7.35 24.52 60.66
N LEU E 136 6.72 23.75 59.78
CA LEU E 136 5.36 23.22 59.97
C LEU E 136 5.52 21.73 60.20
N ASN E 137 5.48 21.30 61.46
CA ASN E 137 5.80 19.93 61.82
C ASN E 137 4.55 19.06 61.86
N ASN E 138 4.61 17.95 61.15
CA ASN E 138 3.56 16.92 61.16
C ASN E 138 2.16 17.50 61.08
N PHE E 139 1.65 17.65 59.86
CA PHE E 139 0.29 18.11 59.63
C PHE E 139 -0.32 17.33 58.47
N TYR E 140 -1.66 17.35 58.41
CA TYR E 140 -2.41 16.77 57.30
C TYR E 140 -3.71 17.56 57.18
N PRO E 141 -4.19 17.85 55.97
CA PRO E 141 -3.65 17.50 54.64
C PRO E 141 -2.39 18.27 54.26
N ARG E 142 -1.93 18.08 53.02
CA ARG E 142 -0.65 18.64 52.59
C ARG E 142 -0.74 20.15 52.37
N GLU E 143 -1.90 20.64 51.94
CA GLU E 143 -2.02 22.04 51.57
C GLU E 143 -1.83 22.94 52.79
N ALA E 144 -0.98 23.94 52.65
CA ALA E 144 -0.75 24.92 53.71
C ALA E 144 -0.27 26.21 53.09
N LYS E 145 -0.48 27.31 53.80
CA LYS E 145 -0.04 28.63 53.38
C LYS E 145 0.93 29.19 54.41
N VAL E 146 2.07 29.69 53.94
CA VAL E 146 3.08 30.29 54.80
C VAL E 146 3.45 31.64 54.20
N GLN E 147 3.25 32.70 54.97
CA GLN E 147 3.53 34.06 54.53
C GLN E 147 4.54 34.70 55.47
N TRP E 148 5.58 35.30 54.89
CA TRP E 148 6.61 35.99 55.67
C TRP E 148 6.27 37.46 55.77
N LYS E 149 6.02 37.92 56.99
CA LYS E 149 5.74 39.33 57.26
C LYS E 149 6.95 39.95 57.96
N VAL E 150 7.36 41.12 57.49
CA VAL E 150 8.46 41.88 58.08
C VAL E 150 7.91 43.25 58.45
N ASP E 151 7.91 43.56 59.74
CA ASP E 151 7.35 44.81 60.23
C ASP E 151 5.92 44.98 59.73
N ASN E 152 5.16 43.89 59.78
CA ASN E 152 3.78 43.80 59.30
C ASN E 152 3.70 43.85 57.78
N ALA E 153 4.81 44.04 57.07
CA ALA E 153 4.83 44.06 55.62
C ALA E 153 5.19 42.67 55.11
N LEU E 154 4.30 42.09 54.30
CA LEU E 154 4.53 40.76 53.76
C LEU E 154 5.80 40.74 52.92
N GLN E 155 6.26 39.52 52.63
CA GLN E 155 7.42 39.30 51.78
C GLN E 155 7.09 38.24 50.74
N SER E 156 7.79 38.29 49.61
CA SER E 156 7.59 37.32 48.55
C SER E 156 8.76 37.41 47.58
N GLY E 157 9.03 36.30 46.89
CA GLY E 157 10.15 36.21 45.99
C GLY E 157 11.48 35.88 46.64
N ASN E 158 11.62 36.14 47.94
CA ASN E 158 12.84 35.85 48.68
C ASN E 158 12.66 34.67 49.64
N SER E 159 11.75 33.76 49.30
CA SER E 159 11.46 32.61 50.16
C SER E 159 11.12 31.42 49.28
N GLN E 160 11.48 30.23 49.77
CA GLN E 160 11.19 28.99 49.06
C GLN E 160 10.91 27.90 50.09
N GLU E 161 9.92 27.06 49.79
CA GLU E 161 9.46 26.04 50.72
C GLU E 161 9.98 24.66 50.32
N SER E 162 9.79 23.71 51.22
CA SER E 162 10.14 22.32 50.98
C SER E 162 9.24 21.44 51.84
N VAL E 163 8.71 20.38 51.23
CA VAL E 163 7.75 19.49 51.88
C VAL E 163 8.29 18.06 51.84
N THR E 164 8.04 17.33 52.92
CA THR E 164 8.47 15.93 53.02
C THR E 164 7.42 15.01 52.42
N GLU E 165 7.84 13.78 52.14
CA GLU E 165 6.90 12.75 51.74
C GLU E 165 6.09 12.29 52.95
N GLN E 166 4.89 11.77 52.66
CA GLN E 166 3.97 11.38 53.73
C GLN E 166 4.65 10.42 54.70
N ASP E 167 4.61 10.77 55.98
CA ASP E 167 5.29 9.96 56.99
C ASP E 167 4.66 8.58 57.06
N SER E 168 5.51 7.56 57.15
CA SER E 168 5.07 6.17 57.04
C SER E 168 4.37 5.67 58.31
N LYS E 169 4.47 6.39 59.42
CA LYS E 169 3.84 5.95 60.67
C LYS E 169 2.56 6.71 60.99
N ASP E 170 2.53 8.02 60.77
CA ASP E 170 1.35 8.82 61.04
C ASP E 170 0.70 9.39 59.79
N SER E 171 1.23 9.08 58.60
CA SER E 171 0.61 9.50 57.35
C SER E 171 0.54 11.02 57.27
N THR E 172 1.65 11.67 57.61
CA THR E 172 1.66 13.10 57.86
C THR E 172 2.73 13.78 57.02
N TYR E 173 2.55 15.08 56.81
CA TYR E 173 3.49 15.90 56.06
C TYR E 173 4.18 16.90 56.99
N SER E 174 5.23 17.52 56.45
CA SER E 174 5.95 18.56 57.16
C SER E 174 6.52 19.53 56.11
N LEU E 175 6.53 20.82 56.46
CA LEU E 175 6.94 21.87 55.52
C LEU E 175 7.91 22.81 56.22
N SER E 176 8.93 23.24 55.47
CA SER E 176 9.90 24.22 55.96
C SER E 176 10.03 25.31 54.92
N SER E 177 9.77 26.55 55.32
CA SER E 177 9.90 27.71 54.46
C SER E 177 11.09 28.54 54.93
N THR E 178 12.05 28.78 54.04
CA THR E 178 13.27 29.51 54.37
C THR E 178 13.21 30.89 53.72
N LEU E 179 13.46 31.93 54.52
CA LEU E 179 13.50 33.31 54.05
C LEU E 179 14.95 33.74 53.98
N THR E 180 15.46 33.87 52.75
CA THR E 180 16.85 34.25 52.52
C THR E 180 16.92 35.72 52.13
N LEU E 181 17.80 36.45 52.80
CA LEU E 181 18.00 37.87 52.50
C LEU E 181 19.35 38.32 53.06
N SER E 182 19.90 39.36 52.46
CA SER E 182 21.23 39.80 52.82
C SER E 182 21.28 40.35 54.24
N LYS E 183 22.49 40.36 54.81
CA LYS E 183 22.67 40.91 56.14
C LYS E 183 22.24 42.37 56.21
N ALA E 184 22.37 43.11 55.10
CA ALA E 184 21.96 44.51 55.09
C ALA E 184 20.45 44.64 55.22
N ASP E 185 19.69 43.92 54.39
CA ASP E 185 18.24 43.99 54.47
C ASP E 185 17.73 43.52 55.83
N TYR E 186 18.48 42.64 56.50
CA TYR E 186 18.05 42.13 57.79
C TYR E 186 18.29 43.11 58.92
N GLU E 187 19.35 43.91 58.84
CA GLU E 187 19.72 44.84 59.90
C GLU E 187 19.01 46.19 59.78
N LYS E 188 17.84 46.23 59.12
CA LYS E 188 17.08 47.46 59.03
C LYS E 188 15.59 47.27 59.29
N HIS E 189 15.16 46.06 59.65
CA HIS E 189 13.79 45.81 60.08
C HIS E 189 13.81 45.05 61.40
N LYS E 190 12.80 45.29 62.22
CA LYS E 190 12.78 44.77 63.59
C LYS E 190 11.91 43.53 63.74
N VAL E 191 10.71 43.53 63.17
CA VAL E 191 9.76 42.44 63.35
C VAL E 191 9.85 41.51 62.14
N TYR E 192 10.05 40.23 62.40
CA TYR E 192 10.04 39.19 61.37
C TYR E 192 9.07 38.10 61.80
N ALA E 193 8.05 37.85 60.97
CA ALA E 193 6.98 36.96 61.35
C ALA E 193 6.77 35.89 60.27
N CYS E 194 6.14 34.79 60.69
CA CYS E 194 5.76 33.69 59.81
C CYS E 194 4.32 33.33 60.13
N GLU E 195 3.40 33.67 59.23
CA GLU E 195 1.98 33.39 59.41
C GLU E 195 1.61 32.11 58.68
N VAL E 196 0.99 31.18 59.39
CA VAL E 196 0.61 29.89 58.85
C VAL E 196 -0.91 29.76 58.92
N THR E 197 -1.50 29.18 57.88
CA THR E 197 -2.92 28.87 57.84
C THR E 197 -3.10 27.42 57.44
N HIS E 198 -4.10 26.76 58.03
CA HIS E 198 -4.29 25.34 57.79
C HIS E 198 -5.70 24.95 58.21
N GLN E 199 -6.16 23.80 57.69
CA GLN E 199 -7.50 23.33 58.02
C GLN E 199 -7.63 23.04 59.51
N GLY E 200 -6.69 22.27 60.06
CA GLY E 200 -6.74 21.91 61.47
C GLY E 200 -6.57 23.09 62.42
N LEU E 201 -6.20 24.26 61.91
CA LEU E 201 -6.02 25.45 62.74
C LEU E 201 -7.29 26.29 62.70
N SER E 202 -7.80 26.63 63.88
CA SER E 202 -9.00 27.45 63.99
C SER E 202 -8.77 28.89 63.53
N SER E 203 -7.52 29.27 63.28
CA SER E 203 -7.21 30.62 62.84
C SER E 203 -5.74 30.66 62.41
N PRO E 204 -5.33 31.69 61.68
CA PRO E 204 -3.92 31.78 61.25
C PRO E 204 -2.99 31.88 62.45
N VAL E 205 -2.09 30.91 62.56
CA VAL E 205 -1.08 30.92 63.61
C VAL E 205 0.10 31.76 63.15
N THR E 206 0.61 32.60 64.05
CA THR E 206 1.66 33.55 63.74
C THR E 206 2.73 33.49 64.81
N LYS E 207 3.89 32.93 64.47
CA LYS E 207 5.08 32.99 65.31
C LYS E 207 6.03 34.02 64.74
N SER E 208 6.53 34.91 65.59
CA SER E 208 7.24 36.10 65.14
C SER E 208 8.54 36.27 65.89
N PHE E 209 9.30 37.28 65.49
CA PHE E 209 10.58 37.64 66.07
C PHE E 209 10.56 39.10 66.49
N ASN E 210 11.61 39.49 67.21
CA ASN E 210 11.83 40.88 67.59
C ASN E 210 13.29 41.24 67.38
N ARG E 211 13.80 40.94 66.18
CA ARG E 211 15.17 41.28 65.80
C ARG E 211 16.17 40.61 66.73
N GLY E 212 16.49 39.35 66.46
CA GLY E 212 17.42 38.60 67.27
C GLY E 212 17.03 38.57 68.74
N GLU E 213 17.63 39.45 69.54
CA GLU E 213 17.34 39.54 70.97
C GLU E 213 17.75 38.25 71.68
N CYS E 214 18.99 37.83 71.47
CA CYS E 214 19.50 36.61 72.08
C CYS E 214 19.98 36.88 73.51
N GLN F 1 17.24 -13.79 38.61
CA GLN F 1 18.65 -13.32 38.57
C GLN F 1 18.86 -12.30 37.46
N VAL F 2 17.76 -11.70 37.00
CA VAL F 2 17.81 -10.65 36.00
C VAL F 2 18.15 -9.34 36.69
N GLN F 3 18.94 -8.50 36.01
CA GLN F 3 19.34 -7.22 36.59
C GLN F 3 19.92 -6.35 35.50
N LEU F 4 19.78 -5.04 35.67
CA LEU F 4 20.38 -4.04 34.79
C LEU F 4 21.13 -3.04 35.66
N VAL F 5 22.45 -3.13 35.67
CA VAL F 5 23.30 -2.28 36.48
C VAL F 5 23.76 -1.10 35.63
N GLN F 6 23.33 0.09 35.99
CA GLN F 6 23.65 1.30 35.23
C GLN F 6 24.84 2.02 35.85
N SER F 7 25.39 2.95 35.08
CA SER F 7 26.54 3.73 35.54
C SER F 7 26.16 4.56 36.77
N GLY F 8 27.18 5.09 37.42
CA GLY F 8 26.98 5.89 38.61
C GLY F 8 26.53 7.31 38.30
N ALA F 9 26.18 8.04 39.36
CA ALA F 9 25.72 9.41 39.21
C ALA F 9 26.78 10.25 38.52
N GLU F 10 26.39 10.90 37.43
CA GLU F 10 27.27 11.77 36.66
C GLU F 10 26.92 13.22 36.90
N VAL F 11 27.92 14.08 36.85
CA VAL F 11 27.73 15.53 36.91
C VAL F 11 28.50 16.14 35.75
N LYS F 12 27.81 16.93 34.94
CA LYS F 12 28.41 17.54 33.76
C LYS F 12 27.99 19.00 33.67
N LYS F 13 28.70 19.75 32.83
CA LYS F 13 28.49 21.16 32.69
C LYS F 13 27.83 21.47 31.35
N PRO F 14 27.05 22.55 31.26
CA PRO F 14 26.33 22.85 30.00
C PRO F 14 27.25 22.82 28.79
N GLY F 15 26.90 21.98 27.80
CA GLY F 15 27.67 21.83 26.58
C GLY F 15 28.40 20.50 26.49
N ALA F 16 28.78 19.93 27.62
CA ALA F 16 29.52 18.67 27.61
C ALA F 16 28.60 17.51 27.24
N SER F 17 29.16 16.30 27.27
CA SER F 17 28.44 15.08 26.94
C SER F 17 28.58 14.10 28.09
N VAL F 18 27.95 12.93 27.94
CA VAL F 18 27.99 11.88 28.95
C VAL F 18 27.43 10.60 28.37
N LYS F 19 28.05 9.46 28.71
CA LYS F 19 27.62 8.16 28.23
C LYS F 19 27.34 7.27 29.44
N VAL F 20 26.06 7.03 29.70
CA VAL F 20 25.63 6.16 30.79
C VAL F 20 25.59 4.74 30.26
N SER F 21 26.06 3.79 31.07
CA SER F 21 26.07 2.38 30.72
C SER F 21 24.85 1.67 31.33
N CYS F 22 24.58 0.47 30.81
CA CYS F 22 23.45 -0.33 31.26
C CYS F 22 23.79 -1.79 30.96
N LYS F 23 24.37 -2.46 31.96
CA LYS F 23 24.83 -3.84 31.80
C LYS F 23 23.73 -4.80 32.23
N ALA F 24 23.31 -5.67 31.31
CA ALA F 24 22.26 -6.64 31.57
C ALA F 24 22.87 -8.03 31.71
N SER F 25 22.25 -8.84 32.57
CA SER F 25 22.69 -10.21 32.79
C SER F 25 21.53 -11.01 33.37
N GLY F 26 21.62 -12.33 33.20
CA GLY F 26 20.61 -13.23 33.73
C GLY F 26 19.56 -13.67 32.74
N TYR F 27 19.62 -13.21 31.49
CA TYR F 27 18.64 -13.60 30.49
C TYR F 27 19.30 -13.52 29.13
N PRO F 28 18.73 -14.19 28.11
CA PRO F 28 19.28 -14.06 26.75
C PRO F 28 19.26 -12.62 26.28
N PHE F 29 20.39 -11.92 26.42
CA PHE F 29 20.45 -10.50 26.14
C PHE F 29 19.94 -10.17 24.75
N THR F 30 20.11 -11.08 23.79
CA THR F 30 19.77 -10.79 22.40
C THR F 30 18.28 -10.88 22.12
N ASN F 31 17.47 -11.31 23.09
CA ASN F 31 16.04 -11.48 22.88
C ASN F 31 15.20 -10.28 23.29
N TYR F 32 15.77 -9.35 24.06
CA TYR F 32 15.03 -8.22 24.59
C TYR F 32 15.57 -6.92 24.02
N PHE F 33 14.67 -6.02 23.63
CA PHE F 33 15.04 -4.68 23.25
C PHE F 33 15.47 -3.89 24.49
N MET F 34 16.31 -2.88 24.28
CA MET F 34 16.78 -2.01 25.36
C MET F 34 16.22 -0.62 25.13
N HIS F 35 15.34 -0.19 26.03
CA HIS F 35 14.72 1.12 25.96
C HIS F 35 15.34 2.06 26.98
N TRP F 36 15.13 3.35 26.77
CA TRP F 36 15.64 4.39 27.67
C TRP F 36 14.52 5.38 27.96
N VAL F 37 14.43 5.79 29.22
CA VAL F 37 13.36 6.66 29.69
C VAL F 37 13.97 7.75 30.57
N ARG F 38 13.42 8.95 30.48
CA ARG F 38 13.84 10.07 31.31
C ARG F 38 12.76 10.42 32.31
N GLN F 39 13.17 10.95 33.46
CA GLN F 39 12.22 11.39 34.48
C GLN F 39 12.84 12.62 35.17
N ALA F 40 12.49 13.79 34.68
CA ALA F 40 12.92 15.02 35.33
C ALA F 40 12.30 15.12 36.71
N PRO F 41 12.98 15.76 37.68
CA PRO F 41 12.44 15.83 39.04
C PRO F 41 11.02 16.37 39.08
N GLY F 42 10.05 15.49 39.36
CA GLY F 42 8.66 15.91 39.49
C GLY F 42 7.92 16.07 38.19
N GLN F 43 8.31 15.33 37.14
CA GLN F 43 7.64 15.40 35.85
C GLN F 43 7.29 13.99 35.39
N ARG F 44 6.74 13.90 34.18
CA ARG F 44 6.32 12.62 33.64
C ARG F 44 7.53 11.77 33.25
N LEU F 45 7.27 10.49 33.04
CA LEU F 45 8.23 9.61 32.38
C LEU F 45 8.19 9.90 30.88
N GLU F 46 9.36 10.06 30.27
CA GLU F 46 9.47 10.40 28.86
C GLU F 46 10.31 9.36 28.16
N TRP F 47 9.74 8.73 27.13
CA TRP F 47 10.45 7.70 26.38
C TRP F 47 11.54 8.35 25.53
N ILE F 48 12.78 7.90 25.73
CA ILE F 48 13.90 8.37 24.91
C ILE F 48 13.87 7.62 23.59
N GLY F 49 14.35 6.39 23.60
CA GLY F 49 14.40 5.58 22.40
C GLY F 49 14.65 4.14 22.75
N ARG F 50 15.05 3.37 21.73
CA ARG F 50 15.27 1.94 21.90
C ARG F 50 16.41 1.51 20.99
N ILE F 51 17.07 0.42 21.39
CA ILE F 51 18.02 -0.28 20.52
C ILE F 51 17.82 -1.77 20.72
N ASN F 52 17.87 -2.52 19.64
CA ASN F 52 17.76 -3.96 19.75
C ASN F 52 19.14 -4.61 19.61
N PRO F 53 19.40 -5.72 20.28
CA PRO F 53 20.63 -6.46 20.01
C PRO F 53 20.60 -7.09 18.63
N TYR F 54 21.74 -7.63 18.22
CA TYR F 54 21.95 -8.29 16.94
C TYR F 54 22.11 -7.29 15.81
N ASN F 55 21.81 -6.01 16.02
CA ASN F 55 21.96 -4.98 15.00
C ASN F 55 21.76 -3.62 15.66
N GLY F 56 22.39 -2.61 15.08
CA GLY F 56 22.34 -1.28 15.67
C GLY F 56 21.07 -0.51 15.34
N ALA F 57 19.98 -1.21 15.07
CA ALA F 57 18.72 -0.57 14.74
C ALA F 57 18.21 0.21 15.95
N THR F 58 18.06 1.53 15.78
CA THR F 58 17.61 2.39 16.86
C THR F 58 16.43 3.22 16.42
N SER F 59 15.56 3.54 17.38
CA SER F 59 14.44 4.43 17.16
C SER F 59 14.32 5.33 18.38
N TYR F 60 14.33 6.64 18.16
CA TYR F 60 14.30 7.62 19.24
C TYR F 60 12.96 8.35 19.25
N SER F 61 12.76 9.14 20.30
CA SER F 61 11.60 10.02 20.38
C SER F 61 11.86 11.30 19.60
N LEU F 62 10.76 11.99 19.26
CA LEU F 62 10.88 13.23 18.49
C LEU F 62 11.66 14.28 19.27
N ASN F 63 11.45 14.35 20.60
CA ASN F 63 12.15 15.33 21.40
C ASN F 63 13.64 15.01 21.55
N PHE F 64 13.99 13.72 21.56
CA PHE F 64 15.37 13.29 21.76
C PHE F 64 16.01 12.77 20.48
N ARG F 65 15.37 13.00 19.32
CA ARG F 65 15.96 12.56 18.05
C ARG F 65 17.36 13.12 17.86
N ASP F 66 17.63 14.32 18.40
CA ASP F 66 18.91 14.98 18.23
C ASP F 66 19.79 14.94 19.47
N LYS F 67 19.19 14.96 20.67
CA LYS F 67 20.00 15.04 21.89
C LYS F 67 20.61 13.69 22.26
N ALA F 68 19.87 12.61 22.10
CA ALA F 68 20.30 11.30 22.57
C ALA F 68 20.83 10.44 21.42
N THR F 69 21.67 9.47 21.79
CA THR F 69 22.22 8.50 20.85
C THR F 69 22.46 7.20 21.61
N ILE F 70 21.83 6.12 21.17
CA ILE F 70 21.90 4.83 21.84
C ILE F 70 22.80 3.92 21.02
N THR F 71 23.76 3.28 21.70
CA THR F 71 24.63 2.28 21.10
C THR F 71 24.66 1.05 22.00
N LEU F 72 25.28 -0.01 21.49
CA LEU F 72 25.22 -1.30 22.18
C LEU F 72 26.54 -2.03 21.99
N ASP F 73 26.84 -2.90 22.97
CA ASP F 73 28.03 -3.76 22.95
C ASP F 73 27.56 -5.18 23.20
N LYS F 74 27.35 -5.92 22.10
CA LYS F 74 26.80 -7.27 22.22
C LYS F 74 27.69 -8.16 23.09
N SER F 75 29.02 -7.99 22.99
CA SER F 75 29.94 -8.86 23.71
C SER F 75 29.66 -8.83 25.21
N ALA F 76 29.56 -7.64 25.79
CA ALA F 76 29.35 -7.49 27.23
C ALA F 76 27.88 -7.34 27.60
N SER F 77 26.97 -7.35 26.63
CA SER F 77 25.54 -7.26 26.90
C SER F 77 25.20 -5.95 27.61
N THR F 78 25.74 -4.85 27.09
CA THR F 78 25.53 -3.53 27.65
C THR F 78 24.87 -2.62 26.62
N ALA F 79 24.34 -1.50 27.12
CA ALA F 79 23.70 -0.50 26.27
C ALA F 79 24.15 0.88 26.71
N TYR F 80 24.62 1.67 25.76
CA TYR F 80 25.15 3.01 26.04
C TYR F 80 24.19 4.07 25.53
N MET F 81 23.99 5.12 26.33
CA MET F 81 23.13 6.24 25.97
C MET F 81 23.96 7.52 26.07
N GLU F 82 24.13 8.19 24.93
CA GLU F 82 24.96 9.38 24.84
C GLU F 82 24.08 10.60 24.63
N LEU F 83 24.28 11.62 25.46
CA LEU F 83 23.58 12.89 25.33
C LEU F 83 24.57 13.97 24.92
N SER F 84 24.21 14.73 23.88
CA SER F 84 25.11 15.71 23.30
C SER F 84 25.09 17.02 24.09
N SER F 85 24.69 18.13 23.45
CA SER F 85 24.68 19.43 24.09
C SER F 85 23.79 19.40 25.33
N LEU F 86 24.39 19.14 26.50
CA LEU F 86 23.62 19.03 27.73
C LEU F 86 23.11 20.40 28.16
N ARG F 87 21.78 20.54 28.17
CA ARG F 87 21.14 21.74 28.69
C ARG F 87 20.82 21.54 30.17
N SER F 88 20.68 22.66 30.89
CA SER F 88 20.31 22.58 32.30
C SER F 88 19.04 21.77 32.49
N GLU F 89 18.08 21.90 31.58
CA GLU F 89 16.81 21.19 31.66
C GLU F 89 16.95 19.69 31.38
N ASP F 90 18.16 19.22 31.06
CA ASP F 90 18.39 17.79 30.91
C ASP F 90 18.68 17.09 32.24
N THR F 91 18.82 17.86 33.33
CA THR F 91 18.99 17.25 34.64
C THR F 91 17.80 16.36 34.95
N ALA F 92 18.07 15.07 35.15
CA ALA F 92 17.00 14.11 35.40
C ALA F 92 17.58 12.73 35.70
N VAL F 93 16.71 11.77 35.97
CA VAL F 93 17.10 10.36 36.08
C VAL F 93 16.89 9.71 34.72
N TYR F 94 17.78 8.79 34.37
CA TYR F 94 17.73 8.10 33.09
C TYR F 94 17.72 6.61 33.34
N TYR F 95 16.57 5.98 33.12
CA TYR F 95 16.41 4.54 33.30
C TYR F 95 16.64 3.81 31.99
N CYS F 96 17.13 2.57 32.09
CA CYS F 96 17.14 1.63 30.98
C CYS F 96 16.28 0.44 31.36
N ALA F 97 15.40 0.03 30.46
CA ALA F 97 14.49 -1.08 30.70
C ALA F 97 14.47 -1.97 29.48
N ARG F 98 14.25 -3.27 29.72
CA ARG F 98 14.19 -4.24 28.64
C ARG F 98 12.75 -4.37 28.13
N SER F 99 12.63 -4.88 26.91
CA SER F 99 11.32 -5.08 26.30
C SER F 99 11.44 -6.16 25.24
N THR F 100 10.44 -7.03 25.17
CA THR F 100 10.46 -8.12 24.20
C THR F 100 10.21 -7.65 22.78
N ILE F 101 9.66 -6.44 22.61
CA ILE F 101 9.24 -5.95 21.30
C ILE F 101 9.66 -4.49 21.15
N THR F 102 9.60 -4.00 19.91
CA THR F 102 9.98 -2.62 19.62
C THR F 102 9.19 -1.65 20.49
N SER F 103 7.89 -1.84 20.59
CA SER F 103 7.08 -0.95 21.41
C SER F 103 7.43 -1.16 22.88
N PRO F 104 7.44 -0.08 23.68
CA PRO F 104 7.95 -0.20 25.05
C PRO F 104 7.02 -0.92 26.00
N LEU F 105 7.24 -2.22 26.16
CA LEU F 105 6.63 -3.03 27.22
C LEU F 105 7.73 -3.30 28.23
N LEU F 106 7.94 -2.34 29.13
CA LEU F 106 9.10 -2.32 30.01
C LEU F 106 8.82 -3.18 31.24
N ASP F 107 9.22 -4.44 31.15
CA ASP F 107 8.90 -5.39 32.21
C ASP F 107 9.86 -5.28 33.39
N PHE F 108 11.13 -4.99 33.14
CA PHE F 108 12.12 -4.86 34.19
C PHE F 108 12.94 -3.60 33.96
N TRP F 109 13.25 -2.89 35.05
CA TRP F 109 13.94 -1.62 35.00
C TRP F 109 15.24 -1.69 35.78
N GLY F 110 16.13 -0.75 35.49
CA GLY F 110 17.38 -0.60 36.22
C GLY F 110 17.24 0.36 37.39
N GLN F 111 18.34 0.49 38.13
CA GLN F 111 18.35 1.37 39.29
C GLN F 111 18.12 2.82 38.90
N GLY F 112 18.48 3.19 37.69
CA GLY F 112 18.44 4.58 37.28
C GLY F 112 19.76 5.29 37.51
N THR F 113 20.05 6.25 36.64
CA THR F 113 21.29 7.02 36.70
C THR F 113 20.94 8.50 36.71
N LEU F 114 21.28 9.18 37.81
CA LEU F 114 21.03 10.60 37.94
C LEU F 114 22.19 11.38 37.31
N VAL F 115 21.87 12.23 36.34
CA VAL F 115 22.83 13.15 35.76
C VAL F 115 22.37 14.56 36.08
N THR F 116 23.31 15.41 36.50
CA THR F 116 23.01 16.78 36.92
C THR F 116 23.78 17.75 36.03
N VAL F 117 23.06 18.70 35.43
CA VAL F 117 23.64 19.67 34.52
C VAL F 117 23.52 21.05 35.17
N SER F 118 24.66 21.66 35.48
CA SER F 118 24.68 22.99 36.08
C SER F 118 26.10 23.53 36.00
N SER F 119 26.21 24.85 35.80
CA SER F 119 27.51 25.49 35.69
C SER F 119 28.26 25.51 37.02
N ALA F 120 27.56 25.41 38.14
CA ALA F 120 28.20 25.48 39.44
C ALA F 120 29.24 24.36 39.58
N SER F 121 30.19 24.59 40.47
CA SER F 121 31.26 23.64 40.76
C SER F 121 31.00 22.95 42.09
N THR F 122 31.85 21.96 42.40
CA THR F 122 31.71 21.22 43.64
C THR F 122 32.01 22.14 44.82
N LYS F 123 31.12 22.12 45.82
CA LYS F 123 31.32 22.89 47.04
C LYS F 123 30.74 22.10 48.21
N GLY F 124 31.42 22.18 49.36
CA GLY F 124 30.96 21.53 50.56
C GLY F 124 29.91 22.35 51.27
N PRO F 125 29.07 21.69 52.06
CA PRO F 125 27.98 22.41 52.74
C PRO F 125 28.45 23.09 54.02
N SER F 126 27.68 24.09 54.43
CA SER F 126 27.85 24.77 55.70
C SER F 126 26.66 24.46 56.60
N VAL F 127 26.93 24.23 57.88
CA VAL F 127 25.91 23.84 58.86
C VAL F 127 25.72 24.97 59.85
N PHE F 128 24.46 25.20 60.23
CA PHE F 128 24.11 26.31 61.12
C PHE F 128 23.01 25.87 62.08
N PRO F 129 23.14 26.14 63.39
CA PRO F 129 22.08 25.77 64.33
C PRO F 129 20.79 26.56 64.16
N LEU F 130 19.76 26.19 64.93
CA LEU F 130 18.50 26.94 65.01
C LEU F 130 18.06 26.84 66.47
N ALA F 131 18.47 27.81 67.28
CA ALA F 131 18.22 27.74 68.71
C ALA F 131 16.72 27.79 69.00
N PRO F 132 16.17 26.85 69.77
CA PRO F 132 14.76 26.96 70.16
C PRO F 132 14.56 27.81 71.40
N SER F 133 13.62 28.74 71.34
CA SER F 133 13.29 29.61 72.46
C SER F 133 11.80 29.48 72.77
N SER F 134 11.49 29.19 74.03
CA SER F 134 10.11 29.00 74.46
C SER F 134 9.44 27.90 73.65
N THR F 141 6.37 20.92 73.80
CA THR F 141 7.42 20.39 72.94
C THR F 141 8.21 21.51 72.27
N ALA F 142 9.48 21.25 71.99
CA ALA F 142 10.34 22.18 71.29
C ALA F 142 11.00 21.47 70.12
N ALA F 143 11.50 22.27 69.17
CA ALA F 143 12.08 21.76 67.93
C ALA F 143 13.46 22.35 67.71
N LEU F 144 14.42 21.49 67.43
CA LEU F 144 15.78 21.90 67.05
C LEU F 144 15.99 21.57 65.58
N GLY F 145 17.23 21.71 65.12
CA GLY F 145 17.55 21.34 63.75
C GLY F 145 18.88 21.90 63.31
N CYS F 146 19.32 21.41 62.16
CA CYS F 146 20.49 21.91 61.46
C CYS F 146 20.05 22.52 60.12
N LEU F 147 20.90 23.39 59.58
CA LEU F 147 20.64 24.04 58.30
C LEU F 147 21.84 23.79 57.39
N VAL F 148 21.73 22.77 56.54
CA VAL F 148 22.77 22.44 55.57
C VAL F 148 22.55 23.32 54.35
N LYS F 149 23.40 24.34 54.18
CA LYS F 149 23.19 25.37 53.18
C LYS F 149 24.37 25.44 52.22
N ASP F 150 24.06 25.81 50.97
CA ASP F 150 25.08 26.06 49.94
C ASP F 150 25.98 24.84 49.73
N TYR F 151 25.60 23.97 48.78
CA TYR F 151 26.46 22.86 48.42
C TYR F 151 26.05 22.38 47.03
N PHE F 152 26.97 21.67 46.36
CA PHE F 152 26.70 21.17 45.03
C PHE F 152 27.78 20.13 44.70
N PRO F 153 27.44 19.04 43.99
CA PRO F 153 26.08 18.61 43.59
C PRO F 153 25.43 17.70 44.61
N GLU F 154 24.22 17.24 44.33
CA GLU F 154 23.54 16.30 45.20
C GLU F 154 24.28 14.96 45.20
N PRO F 155 24.02 14.10 46.21
CA PRO F 155 23.17 14.32 47.38
C PRO F 155 23.95 14.54 48.67
N VAL F 156 23.22 14.72 49.77
CA VAL F 156 23.81 14.80 51.11
C VAL F 156 23.05 13.83 52.00
N THR F 157 23.77 13.23 52.94
CA THR F 157 23.20 12.25 53.88
C THR F 157 23.28 12.85 55.27
N VAL F 158 22.20 13.51 55.70
CA VAL F 158 22.14 14.13 57.01
C VAL F 158 21.49 13.12 57.96
N SER F 159 22.31 12.47 58.77
CA SER F 159 21.84 11.64 59.87
C SER F 159 22.24 12.30 61.18
N TRP F 160 21.38 12.19 62.18
CA TRP F 160 21.63 12.83 63.47
C TRP F 160 22.52 11.92 64.31
N ASN F 161 23.80 12.29 64.41
CA ASN F 161 24.74 11.68 65.35
C ASN F 161 24.70 10.15 65.29
N SER F 162 24.80 9.63 64.07
CA SER F 162 24.95 8.19 63.85
C SER F 162 23.67 7.41 64.13
N GLY F 163 22.65 8.06 64.66
CA GLY F 163 21.35 7.42 64.82
C GLY F 163 20.96 7.09 66.24
N ALA F 164 21.27 7.96 67.19
CA ALA F 164 20.79 7.79 68.56
C ALA F 164 19.42 8.43 68.76
N LEU F 165 19.11 9.49 68.02
CA LEU F 165 17.81 10.15 68.07
C LEU F 165 17.21 10.09 66.67
N THR F 166 16.21 9.22 66.49
CA THR F 166 15.57 9.04 65.20
C THR F 166 14.07 9.27 65.22
N SER F 167 13.44 9.34 66.39
CA SER F 167 12.01 9.57 66.49
C SER F 167 11.73 11.06 66.33
N GLY F 168 10.97 11.42 65.30
CA GLY F 168 10.64 12.80 65.04
C GLY F 168 11.59 13.52 64.11
N VAL F 169 12.48 12.79 63.43
CA VAL F 169 13.42 13.41 62.49
C VAL F 169 12.69 13.75 61.20
N HIS F 170 13.01 14.90 60.64
CA HIS F 170 12.45 15.33 59.35
C HIS F 170 13.56 16.03 58.58
N THR F 171 14.20 15.32 57.67
CA THR F 171 15.20 15.88 56.77
C THR F 171 14.51 16.23 55.45
N PHE F 172 14.31 17.52 55.22
CA PHE F 172 13.56 17.95 54.04
C PHE F 172 14.40 17.75 52.78
N PRO F 173 13.75 17.59 51.62
CA PRO F 173 14.51 17.50 50.38
C PRO F 173 15.24 18.79 50.04
N ALA F 174 16.35 18.66 49.33
CA ALA F 174 17.16 19.81 48.97
C ALA F 174 16.42 20.70 47.99
N VAL F 175 16.59 22.01 48.16
CA VAL F 175 16.00 23.01 47.28
C VAL F 175 17.10 23.68 46.48
N LEU F 176 16.81 24.02 45.24
CA LEU F 176 17.77 24.65 44.35
C LEU F 176 17.66 26.17 44.48
N GLN F 177 18.78 26.83 44.74
CA GLN F 177 18.81 28.27 44.93
C GLN F 177 19.14 28.99 43.63
N SER F 178 18.93 30.31 43.64
CA SER F 178 19.26 31.13 42.47
C SER F 178 20.75 31.05 42.14
N SER F 179 21.60 30.90 43.16
CA SER F 179 23.03 30.80 42.94
C SER F 179 23.46 29.49 42.30
N GLY F 180 22.53 28.53 42.15
CA GLY F 180 22.84 27.26 41.55
C GLY F 180 23.23 26.16 42.52
N LEU F 181 23.30 26.47 43.81
CA LEU F 181 23.67 25.49 44.83
C LEU F 181 22.44 25.07 45.61
N TYR F 182 22.48 23.84 46.13
CA TYR F 182 21.36 23.30 46.87
C TYR F 182 21.42 23.74 48.33
N SER F 183 20.38 23.39 49.08
CA SER F 183 20.29 23.72 50.50
C SER F 183 19.06 23.05 51.08
N LEU F 184 19.19 22.53 52.29
CA LEU F 184 18.09 21.83 52.96
C LEU F 184 18.14 22.18 54.44
N SER F 185 17.30 21.51 55.22
CA SER F 185 17.29 21.64 56.66
C SER F 185 16.81 20.33 57.28
N SER F 186 17.35 20.02 58.46
CA SER F 186 16.96 18.84 59.20
C SER F 186 16.49 19.29 60.59
N VAL F 187 15.33 18.78 61.01
CA VAL F 187 14.73 19.17 62.28
C VAL F 187 14.34 17.93 63.06
N VAL F 188 14.10 18.13 64.36
CA VAL F 188 13.70 17.06 65.26
C VAL F 188 12.77 17.65 66.31
N THR F 189 12.02 16.78 66.98
CA THR F 189 11.08 17.19 68.01
C THR F 189 11.46 16.52 69.32
N VAL F 190 11.53 17.31 70.38
CA VAL F 190 11.87 16.80 71.71
C VAL F 190 11.03 17.53 72.76
N PRO F 191 10.89 16.94 73.94
CA PRO F 191 10.11 17.60 74.99
C PRO F 191 10.77 18.90 75.43
N SER F 192 9.91 19.86 75.83
CA SER F 192 10.42 21.14 76.33
C SER F 192 11.37 20.91 77.50
N SER F 193 10.94 20.11 78.48
CA SER F 193 11.78 19.77 79.63
C SER F 193 12.64 18.56 79.27
N SER F 194 13.76 18.84 78.62
CA SER F 194 14.66 17.78 78.15
C SER F 194 16.09 18.06 78.60
N LEU F 195 16.66 19.18 78.16
CA LEU F 195 18.07 19.48 78.40
C LEU F 195 18.95 18.34 77.91
N GLY F 196 18.50 17.68 76.83
CA GLY F 196 19.23 16.57 76.27
C GLY F 196 20.70 16.91 76.07
N THR F 197 21.04 17.43 74.90
CA THR F 197 22.41 17.81 74.55
C THR F 197 23.33 16.59 74.50
N GLN F 198 22.80 15.38 74.71
CA GLN F 198 23.59 14.17 74.62
C GLN F 198 23.99 13.83 73.20
N THR F 199 23.22 14.32 72.22
CA THR F 199 23.42 13.91 70.83
C THR F 199 23.02 14.99 69.83
N TYR F 200 22.69 16.20 70.27
CA TYR F 200 22.24 17.25 69.36
C TYR F 200 23.33 17.64 68.38
N ILE F 201 23.69 16.71 67.49
CA ILE F 201 24.66 16.96 66.43
C ILE F 201 24.20 16.21 65.19
N CYS F 202 24.23 16.89 64.05
CA CYS F 202 23.83 16.30 62.78
C CYS F 202 25.06 15.75 62.07
N ASN F 203 25.11 14.43 61.90
CA ASN F 203 26.20 13.76 61.20
C ASN F 203 26.01 13.99 59.71
N VAL F 204 26.55 15.11 59.22
CA VAL F 204 26.41 15.50 57.82
C VAL F 204 27.56 14.87 57.03
N ASN F 205 27.26 14.46 55.80
CA ASN F 205 28.26 13.86 54.91
C ASN F 205 28.00 14.35 53.50
N HIS F 206 29.03 14.92 52.88
CA HIS F 206 28.97 15.35 51.48
C HIS F 206 30.08 14.63 50.73
N LYS F 207 29.71 13.80 49.77
CA LYS F 207 30.66 12.93 49.09
C LYS F 207 31.44 13.69 48.01
N PRO F 208 30.76 14.36 47.08
CA PRO F 208 31.49 15.02 45.98
C PRO F 208 32.64 15.90 46.44
N SER F 209 32.52 16.53 47.61
CA SER F 209 33.56 17.42 48.12
C SER F 209 34.34 16.83 49.29
N ASN F 210 34.03 15.59 49.69
CA ASN F 210 34.71 14.93 50.80
C ASN F 210 34.64 15.79 52.07
N THR F 211 33.40 15.91 52.58
CA THR F 211 33.12 16.71 53.75
C THR F 211 32.38 15.85 54.77
N LYS F 212 32.83 15.89 56.03
CA LYS F 212 32.20 15.15 57.13
C LYS F 212 32.26 16.07 58.34
N VAL F 213 31.21 16.86 58.54
CA VAL F 213 31.18 17.91 59.55
C VAL F 213 30.15 17.54 60.62
N ASP F 214 30.43 17.98 61.85
CA ASP F 214 29.54 17.79 62.98
C ASP F 214 29.34 19.12 63.69
N LYS F 215 28.09 19.55 63.81
CA LYS F 215 27.74 20.84 64.39
C LYS F 215 26.90 20.63 65.65
N ARG F 216 27.22 21.40 66.69
CA ARG F 216 26.48 21.36 67.95
C ARG F 216 25.35 22.39 67.92
N VAL F 217 24.25 22.04 68.59
CA VAL F 217 23.07 22.90 68.66
C VAL F 217 22.67 23.05 70.12
N GLU F 218 22.60 24.29 70.58
CA GLU F 218 22.20 24.61 71.95
C GLU F 218 21.24 25.78 71.90
N PRO F 219 20.40 25.93 72.93
CA PRO F 219 19.51 27.09 72.98
C PRO F 219 20.29 28.38 73.18
N LYS F 220 19.65 29.49 72.77
CA LYS F 220 20.30 30.79 72.87
C LYS F 220 20.58 31.14 74.33
N SER F 221 21.42 32.16 74.50
CA SER F 221 21.82 32.63 75.83
C SER F 221 21.08 33.91 76.22
N CYS F 222 19.78 33.97 75.95
CA CYS F 222 18.99 35.15 76.28
C CYS F 222 18.64 35.15 77.77
#